data_1P01
# 
_entry.id   1P01 
# 
_audit_conform.dict_name       mmcif_pdbx.dic 
_audit_conform.dict_version    5.399 
_audit_conform.dict_location   http://mmcif.pdb.org/dictionaries/ascii/mmcif_pdbx.dic 
# 
loop_
_database_2.database_id 
_database_2.database_code 
_database_2.pdbx_database_accession 
_database_2.pdbx_DOI 
PDB   1P01         pdb_00001p01 10.2210/pdb1p01/pdb 
WWPDB D_1000175540 ?            ?                   
# 
loop_
_pdbx_audit_revision_history.ordinal 
_pdbx_audit_revision_history.data_content_type 
_pdbx_audit_revision_history.major_revision 
_pdbx_audit_revision_history.minor_revision 
_pdbx_audit_revision_history.revision_date 
1 'Structure model' 1 0 1990-04-15 
2 'Structure model' 1 1 2008-03-24 
3 'Structure model' 1 2 2011-07-13 
4 'Structure model' 1 3 2012-12-12 
5 'Structure model' 1 4 2024-06-05 
6 'Structure model' 1 5 2024-11-20 
# 
_pdbx_audit_revision_details.ordinal             1 
_pdbx_audit_revision_details.revision_ordinal    1 
_pdbx_audit_revision_details.data_content_type   'Structure model' 
_pdbx_audit_revision_details.provider            repository 
_pdbx_audit_revision_details.type                'Initial release' 
_pdbx_audit_revision_details.description         ? 
_pdbx_audit_revision_details.details             ? 
# 
loop_
_pdbx_audit_revision_group.ordinal 
_pdbx_audit_revision_group.revision_ordinal 
_pdbx_audit_revision_group.data_content_type 
_pdbx_audit_revision_group.group 
1  2 'Structure model' 'Version format compliance' 
2  3 'Structure model' 'Atomic model'              
3  3 'Structure model' 'Database references'       
4  3 'Structure model' 'Derived calculations'      
5  3 'Structure model' 'Non-polymer description'   
6  3 'Structure model' 'Structure summary'         
7  3 'Structure model' 'Version format compliance' 
8  4 'Structure model' Other                       
9  5 'Structure model' 'Data collection'           
10 5 'Structure model' 'Database references'       
11 5 'Structure model' 'Derived calculations'      
12 5 'Structure model' Other                       
13 6 'Structure model' 'Structure summary'         
# 
loop_
_pdbx_audit_revision_category.ordinal 
_pdbx_audit_revision_category.revision_ordinal 
_pdbx_audit_revision_category.data_content_type 
_pdbx_audit_revision_category.category 
1 5 'Structure model' chem_comp_atom            
2 5 'Structure model' chem_comp_bond            
3 5 'Structure model' database_2                
4 5 'Structure model' pdbx_database_status      
5 5 'Structure model' struct_conn               
6 5 'Structure model' struct_sheet              
7 5 'Structure model' struct_site               
8 6 'Structure model' pdbx_entry_details        
9 6 'Structure model' pdbx_modification_feature 
# 
loop_
_pdbx_audit_revision_item.ordinal 
_pdbx_audit_revision_item.revision_ordinal 
_pdbx_audit_revision_item.data_content_type 
_pdbx_audit_revision_item.item 
1  5 'Structure model' '_database_2.pdbx_DOI'                         
2  5 'Structure model' '_database_2.pdbx_database_accession'          
3  5 'Structure model' '_pdbx_database_status.process_site'           
4  5 'Structure model' '_struct_conn.pdbx_leaving_atom_flag'          
5  5 'Structure model' '_struct_conn.ptnr1_auth_comp_id'              
6  5 'Structure model' '_struct_conn.ptnr1_auth_seq_id'               
7  5 'Structure model' '_struct_conn.ptnr1_label_asym_id'             
8  5 'Structure model' '_struct_conn.ptnr1_label_atom_id'             
9  5 'Structure model' '_struct_conn.ptnr1_label_comp_id'             
10 5 'Structure model' '_struct_conn.ptnr1_label_seq_id'              
11 5 'Structure model' '_struct_conn.ptnr2_auth_comp_id'              
12 5 'Structure model' '_struct_conn.ptnr2_auth_seq_id'               
13 5 'Structure model' '_struct_conn.ptnr2_label_asym_id'             
14 5 'Structure model' '_struct_conn.ptnr2_label_atom_id'             
15 5 'Structure model' '_struct_conn.ptnr2_label_comp_id'             
16 5 'Structure model' '_struct_conn.ptnr2_label_seq_id'              
17 5 'Structure model' '_struct_sheet.number_strands'                 
18 5 'Structure model' '_struct_site.pdbx_auth_asym_id'               
19 5 'Structure model' '_struct_site.pdbx_auth_comp_id'               
20 5 'Structure model' '_struct_site.pdbx_auth_seq_id'                
21 6 'Structure model' '_pdbx_entry_details.has_protein_modification' 
# 
_pdbx_database_status.status_code                     REL 
_pdbx_database_status.entry_id                        1P01 
_pdbx_database_status.recvd_initial_deposition_date   1989-04-24 
_pdbx_database_status.deposit_site                    ? 
_pdbx_database_status.process_site                    BNL 
_pdbx_database_status.SG_entry                        . 
_pdbx_database_status.status_code_sf                  ? 
_pdbx_database_status.status_code_mr                  ? 
_pdbx_database_status.pdb_format_compatible           Y 
_pdbx_database_status.status_code_cs                  ? 
_pdbx_database_status.status_code_nmr_data            ? 
_pdbx_database_status.methods_development_category    ? 
# 
loop_
_audit_author.name 
_audit_author.pdbx_ordinal 
'Bone, R.'    1 
'Agard, D.A.' 2 
# 
loop_
_citation.id 
_citation.title 
_citation.journal_abbrev 
_citation.journal_volume 
_citation.page_first 
_citation.page_last 
_citation.year 
_citation.journal_id_ASTM 
_citation.country 
_citation.journal_id_ISSN 
_citation.journal_id_CSD 
_citation.book_publisher 
_citation.pdbx_database_id_PubMed 
_citation.pdbx_database_id_DOI 
primary 
'Serine protease mechanism: structure of an inhibitory complex of alpha-lytic protease and a tightly bound peptide boronic acid.' 
Biochemistry      26  7609 7614 1987 BICHAW US 0006-2960 0033 ? 3122831 10.1021/bi00398a012 
1       'Structure Analysis of Specificity. Alpha-Lytic Protease Complexes with Analogs of Reaction Intermediates' 
'To be Published' ?   ?    ?    ?    ?      ?  ?         0353 ? ?       ?                   
2       'Structural Plasticity as a Determinant of Enzyme Specificity. Creating Broadly Specific Proteases' 'To be Published' ?   
?    ?    ?    ?      ?  ?         0353 ? ?       ?                   
3       'Kinetic Properties of the Binding of Alpha-Lytic Protease to Peptide Boronic Acids' Biochemistry      27  7682 ?    1988 
BICHAW US 0006-2960 0033 ? ?       ?                   
4       
'Refined Structure of Alpha-Lytic Protease at 1.7 Angstroms Resolution. Analysis of Hydrogen Bonding and Solvent Structure'       
J.Mol.Biol.       184 479  ?    1985 JMOBAK UK 0022-2836 0070 ? ?       ?                   
5       'Molecular Structure of the Alpha-Lytic Protease from Myxobacter 495 at 2.8 Angstroms Resolution' J.Mol.Biol.       131 
743  ?    1979 JMOBAK UK 0022-2836 0070 ? ?       ?                   
# 
loop_
_citation_author.citation_id 
_citation_author.name 
_citation_author.ordinal 
_citation_author.identifier_ORCID 
primary 'Bone, R.'         1  ? 
primary 'Shenvi, A.B.'     2  ? 
primary 'Kettner, C.A.'    3  ? 
primary 'Agard, D.A.'      4  ? 
1       'Bone, R.'         5  ? 
1       'Frank, D.'        6  ? 
1       'Kettner, C.'      7  ? 
1       'Agard, D.A.'      8  ? 
2       'Bone, R.'         9  ? 
2       'Silen, J.L.'      10 ? 
2       'Agard, D.A.'      11 ? 
3       'Kettner, C.A.'    12 ? 
3       'Bone, R.'         13 ? 
3       'Agard, D.A.'      14 ? 
3       'Bachovchin, W.W.' 15 ? 
4       'Fujinaga, M.'     16 ? 
4       'Delbaere, L.T.J.' 17 ? 
4       'Brayer, G.D.'     18 ? 
4       'James, M.N.G.'    19 ? 
5       'Brayer, G.D.'     20 ? 
5       'Delbaere, L.T.J.' 21 ? 
5       'James, M.N.G.'    22 ? 
# 
loop_
_entity.id 
_entity.type 
_entity.src_method 
_entity.pdbx_description 
_entity.formula_weight 
_entity.pdbx_number_of_molecules 
_entity.pdbx_ec 
_entity.pdbx_mutation 
_entity.pdbx_fragment 
_entity.details 
1 polymer     man 'ALPHA-LYTIC PROTEASE'                                                                        19875.131 1   
3.4.21.12 ? ? ? 
2 non-polymer syn 'N-(tert-butoxycarbonyl)-L-alanyl-N-[(1R)-1-(dihydroxyboranyl)-2-methylpropyl]-L-prolinamide' 385.263   1   ? ? 
? ? 
3 non-polymer syn 'SULFATE ION'                                                                                 96.063    1   ? ? 
? ? 
4 water       nat water                                                                                         18.015    141 ? ? 
? ? 
# 
_entity_poly.entity_id                      1 
_entity_poly.type                           'polypeptide(L)' 
_entity_poly.nstd_linkage                   no 
_entity_poly.nstd_monomer                   no 
_entity_poly.pdbx_seq_one_letter_code       
;ANIVGGIEYSINNASLCSVGFSVTRGATKGFVTAGHCGTVNATARIGGAVVGTFAARVFPGNDRAWVSLTSAQTLLPRVA
NGSSFVTVRGSTEAAVGAAVCRSGRTTGYQCGTITAKNVTANYAEGAVRGLTQGNACMGRGDSGGSWITSAGQAQGVMSG
GNVQSNGNNCGIPASQRSSLFERLQPILSQYGLSLVTG
;
_entity_poly.pdbx_seq_one_letter_code_can   
;ANIVGGIEYSINNASLCSVGFSVTRGATKGFVTAGHCGTVNATARIGGAVVGTFAARVFPGNDRAWVSLTSAQTLLPRVA
NGSSFVTVRGSTEAAVGAAVCRSGRTTGYQCGTITAKNVTANYAEGAVRGLTQGNACMGRGDSGGSWITSAGQAQGVMSG
GNVQSNGNNCGIPASQRSSLFERLQPILSQYGLSLVTG
;
_entity_poly.pdbx_strand_id                 A 
_entity_poly.pdbx_target_identifier         ? 
# 
loop_
_pdbx_entity_nonpoly.entity_id 
_pdbx_entity_nonpoly.name 
_pdbx_entity_nonpoly.comp_id 
2 'N-(tert-butoxycarbonyl)-L-alanyl-N-[(1R)-1-(dihydroxyboranyl)-2-methylpropyl]-L-prolinamide' 0EG 
3 'SULFATE ION'                                                                                 SO4 
4 water                                                                                         HOH 
# 
loop_
_entity_poly_seq.entity_id 
_entity_poly_seq.num 
_entity_poly_seq.mon_id 
_entity_poly_seq.hetero 
1 1   ALA n 
1 2   ASN n 
1 3   ILE n 
1 4   VAL n 
1 5   GLY n 
1 6   GLY n 
1 7   ILE n 
1 8   GLU n 
1 9   TYR n 
1 10  SER n 
1 11  ILE n 
1 12  ASN n 
1 13  ASN n 
1 14  ALA n 
1 15  SER n 
1 16  LEU n 
1 17  CYS n 
1 18  SER n 
1 19  VAL n 
1 20  GLY n 
1 21  PHE n 
1 22  SER n 
1 23  VAL n 
1 24  THR n 
1 25  ARG n 
1 26  GLY n 
1 27  ALA n 
1 28  THR n 
1 29  LYS n 
1 30  GLY n 
1 31  PHE n 
1 32  VAL n 
1 33  THR n 
1 34  ALA n 
1 35  GLY n 
1 36  HIS n 
1 37  CYS n 
1 38  GLY n 
1 39  THR n 
1 40  VAL n 
1 41  ASN n 
1 42  ALA n 
1 43  THR n 
1 44  ALA n 
1 45  ARG n 
1 46  ILE n 
1 47  GLY n 
1 48  GLY n 
1 49  ALA n 
1 50  VAL n 
1 51  VAL n 
1 52  GLY n 
1 53  THR n 
1 54  PHE n 
1 55  ALA n 
1 56  ALA n 
1 57  ARG n 
1 58  VAL n 
1 59  PHE n 
1 60  PRO n 
1 61  GLY n 
1 62  ASN n 
1 63  ASP n 
1 64  ARG n 
1 65  ALA n 
1 66  TRP n 
1 67  VAL n 
1 68  SER n 
1 69  LEU n 
1 70  THR n 
1 71  SER n 
1 72  ALA n 
1 73  GLN n 
1 74  THR n 
1 75  LEU n 
1 76  LEU n 
1 77  PRO n 
1 78  ARG n 
1 79  VAL n 
1 80  ALA n 
1 81  ASN n 
1 82  GLY n 
1 83  SER n 
1 84  SER n 
1 85  PHE n 
1 86  VAL n 
1 87  THR n 
1 88  VAL n 
1 89  ARG n 
1 90  GLY n 
1 91  SER n 
1 92  THR n 
1 93  GLU n 
1 94  ALA n 
1 95  ALA n 
1 96  VAL n 
1 97  GLY n 
1 98  ALA n 
1 99  ALA n 
1 100 VAL n 
1 101 CYS n 
1 102 ARG n 
1 103 SER n 
1 104 GLY n 
1 105 ARG n 
1 106 THR n 
1 107 THR n 
1 108 GLY n 
1 109 TYR n 
1 110 GLN n 
1 111 CYS n 
1 112 GLY n 
1 113 THR n 
1 114 ILE n 
1 115 THR n 
1 116 ALA n 
1 117 LYS n 
1 118 ASN n 
1 119 VAL n 
1 120 THR n 
1 121 ALA n 
1 122 ASN n 
1 123 TYR n 
1 124 ALA n 
1 125 GLU n 
1 126 GLY n 
1 127 ALA n 
1 128 VAL n 
1 129 ARG n 
1 130 GLY n 
1 131 LEU n 
1 132 THR n 
1 133 GLN n 
1 134 GLY n 
1 135 ASN n 
1 136 ALA n 
1 137 CYS n 
1 138 MET n 
1 139 GLY n 
1 140 ARG n 
1 141 GLY n 
1 142 ASP n 
1 143 SER n 
1 144 GLY n 
1 145 GLY n 
1 146 SER n 
1 147 TRP n 
1 148 ILE n 
1 149 THR n 
1 150 SER n 
1 151 ALA n 
1 152 GLY n 
1 153 GLN n 
1 154 ALA n 
1 155 GLN n 
1 156 GLY n 
1 157 VAL n 
1 158 MET n 
1 159 SER n 
1 160 GLY n 
1 161 GLY n 
1 162 ASN n 
1 163 VAL n 
1 164 GLN n 
1 165 SER n 
1 166 ASN n 
1 167 GLY n 
1 168 ASN n 
1 169 ASN n 
1 170 CYS n 
1 171 GLY n 
1 172 ILE n 
1 173 PRO n 
1 174 ALA n 
1 175 SER n 
1 176 GLN n 
1 177 ARG n 
1 178 SER n 
1 179 SER n 
1 180 LEU n 
1 181 PHE n 
1 182 GLU n 
1 183 ARG n 
1 184 LEU n 
1 185 GLN n 
1 186 PRO n 
1 187 ILE n 
1 188 LEU n 
1 189 SER n 
1 190 GLN n 
1 191 TYR n 
1 192 GLY n 
1 193 LEU n 
1 194 SER n 
1 195 LEU n 
1 196 VAL n 
1 197 THR n 
1 198 GLY n 
# 
_entity_src_gen.entity_id                          1 
_entity_src_gen.pdbx_src_id                        1 
_entity_src_gen.pdbx_alt_source_flag               sample 
_entity_src_gen.pdbx_seq_type                      ? 
_entity_src_gen.pdbx_beg_seq_num                   ? 
_entity_src_gen.pdbx_end_seq_num                   ? 
_entity_src_gen.gene_src_common_name               ? 
_entity_src_gen.gene_src_genus                     ? 
_entity_src_gen.pdbx_gene_src_gene                 alpha-LP 
_entity_src_gen.gene_src_species                   ? 
_entity_src_gen.gene_src_strain                    ? 
_entity_src_gen.gene_src_tissue                    ? 
_entity_src_gen.gene_src_tissue_fraction           ? 
_entity_src_gen.gene_src_details                   ? 
_entity_src_gen.pdbx_gene_src_fragment             ? 
_entity_src_gen.pdbx_gene_src_scientific_name      'Lysobacter enzymogenes' 
_entity_src_gen.pdbx_gene_src_ncbi_taxonomy_id     69 
_entity_src_gen.pdbx_gene_src_variant              ? 
_entity_src_gen.pdbx_gene_src_cell_line            ? 
_entity_src_gen.pdbx_gene_src_atcc                 ? 
_entity_src_gen.pdbx_gene_src_organ                ? 
_entity_src_gen.pdbx_gene_src_organelle            ? 
_entity_src_gen.pdbx_gene_src_cell                 ? 
_entity_src_gen.pdbx_gene_src_cellular_location    ? 
_entity_src_gen.host_org_common_name               ? 
_entity_src_gen.pdbx_host_org_scientific_name      ? 
_entity_src_gen.pdbx_host_org_ncbi_taxonomy_id     ? 
_entity_src_gen.host_org_genus                     ? 
_entity_src_gen.pdbx_host_org_gene                 ? 
_entity_src_gen.pdbx_host_org_organ                ? 
_entity_src_gen.host_org_species                   ? 
_entity_src_gen.pdbx_host_org_tissue               ? 
_entity_src_gen.pdbx_host_org_tissue_fraction      ? 
_entity_src_gen.pdbx_host_org_strain               ? 
_entity_src_gen.pdbx_host_org_variant              ? 
_entity_src_gen.pdbx_host_org_cell_line            ? 
_entity_src_gen.pdbx_host_org_atcc                 ? 
_entity_src_gen.pdbx_host_org_culture_collection   ? 
_entity_src_gen.pdbx_host_org_cell                 ? 
_entity_src_gen.pdbx_host_org_organelle            ? 
_entity_src_gen.pdbx_host_org_cellular_location    ? 
_entity_src_gen.pdbx_host_org_vector_type          ? 
_entity_src_gen.pdbx_host_org_vector               ? 
_entity_src_gen.host_org_details                   ? 
_entity_src_gen.expression_system_id               ? 
_entity_src_gen.plasmid_name                       ? 
_entity_src_gen.plasmid_details                    ? 
_entity_src_gen.pdbx_description                   ? 
# 
loop_
_chem_comp.id 
_chem_comp.type 
_chem_comp.mon_nstd_flag 
_chem_comp.name 
_chem_comp.pdbx_synonyms 
_chem_comp.formula 
_chem_comp.formula_weight 
0EG peptide-like        . 'N-(tert-butoxycarbonyl)-L-alanyl-N-[(1R)-1-(dihydroxyboranyl)-2-methylpropyl]-L-prolinamide' 
'N-tert-butyloxycarbonylalanylprolylvaline boronic acid' 'C17 H32 B N3 O6' 385.263 
ALA 'L-peptide linking' y ALANINE                                                                                       ? 
'C3 H7 N O2'      89.093  
ARG 'L-peptide linking' y ARGININE                                                                                      ? 
'C6 H15 N4 O2 1'  175.209 
ASN 'L-peptide linking' y ASPARAGINE                                                                                    ? 
'C4 H8 N2 O3'     132.118 
ASP 'L-peptide linking' y 'ASPARTIC ACID'                                                                               ? 
'C4 H7 N O4'      133.103 
CYS 'L-peptide linking' y CYSTEINE                                                                                      ? 
'C3 H7 N O2 S'    121.158 
GLN 'L-peptide linking' y GLUTAMINE                                                                                     ? 
'C5 H10 N2 O3'    146.144 
GLU 'L-peptide linking' y 'GLUTAMIC ACID'                                                                               ? 
'C5 H9 N O4'      147.129 
GLY 'peptide linking'   y GLYCINE                                                                                       ? 
'C2 H5 N O2'      75.067  
HIS 'L-peptide linking' y HISTIDINE                                                                                     ? 
'C6 H10 N3 O2 1'  156.162 
HOH non-polymer         . WATER                                                                                         ? 'H2 O' 
18.015  
ILE 'L-peptide linking' y ISOLEUCINE                                                                                    ? 
'C6 H13 N O2'     131.173 
LEU 'L-peptide linking' y LEUCINE                                                                                       ? 
'C6 H13 N O2'     131.173 
LYS 'L-peptide linking' y LYSINE                                                                                        ? 
'C6 H15 N2 O2 1'  147.195 
MET 'L-peptide linking' y METHIONINE                                                                                    ? 
'C5 H11 N O2 S'   149.211 
PHE 'L-peptide linking' y PHENYLALANINE                                                                                 ? 
'C9 H11 N O2'     165.189 
PRO 'L-peptide linking' y PROLINE                                                                                       ? 
'C5 H9 N O2'      115.130 
SER 'L-peptide linking' y SERINE                                                                                        ? 
'C3 H7 N O3'      105.093 
SO4 non-polymer         . 'SULFATE ION'                                                                                 ? 
'O4 S -2'         96.063  
THR 'L-peptide linking' y THREONINE                                                                                     ? 
'C4 H9 N O3'      119.119 
TRP 'L-peptide linking' y TRYPTOPHAN                                                                                    ? 
'C11 H12 N2 O2'   204.225 
TYR 'L-peptide linking' y TYROSINE                                                                                      ? 
'C9 H11 N O3'     181.189 
VAL 'L-peptide linking' y VALINE                                                                                        ? 
'C5 H11 N O2'     117.146 
# 
loop_
_pdbx_poly_seq_scheme.asym_id 
_pdbx_poly_seq_scheme.entity_id 
_pdbx_poly_seq_scheme.seq_id 
_pdbx_poly_seq_scheme.mon_id 
_pdbx_poly_seq_scheme.ndb_seq_num 
_pdbx_poly_seq_scheme.pdb_seq_num 
_pdbx_poly_seq_scheme.auth_seq_num 
_pdbx_poly_seq_scheme.pdb_mon_id 
_pdbx_poly_seq_scheme.auth_mon_id 
_pdbx_poly_seq_scheme.pdb_strand_id 
_pdbx_poly_seq_scheme.pdb_ins_code 
_pdbx_poly_seq_scheme.hetero 
A 1 1   ALA 1   15  15  ALA ALA A A n 
A 1 2   ASN 2   15  15  ASN ASN A B n 
A 1 3   ILE 3   16  16  ILE ILE A . n 
A 1 4   VAL 4   17  17  VAL VAL A . n 
A 1 5   GLY 5   18  18  GLY GLY A . n 
A 1 6   GLY 6   19  19  GLY GLY A . n 
A 1 7   ILE 7   29  29  ILE ILE A . n 
A 1 8   GLU 8   30  30  GLU GLU A . n 
A 1 9   TYR 9   31  31  TYR TYR A . n 
A 1 10  SER 10  32  32  SER SER A . n 
A 1 11  ILE 11  33  33  ILE ILE A . n 
A 1 12  ASN 12  34  34  ASN ASN A . n 
A 1 13  ASN 13  35  35  ASN ASN A . n 
A 1 14  ALA 14  39  39  ALA ALA A . n 
A 1 15  SER 15  40  40  SER SER A . n 
A 1 16  LEU 16  41  41  LEU LEU A . n 
A 1 17  CYS 17  42  42  CYS CYS A . n 
A 1 18  SER 18  43  43  SER SER A . n 
A 1 19  VAL 19  44  44  VAL VAL A . n 
A 1 20  GLY 20  45  45  GLY GLY A . n 
A 1 21  PHE 21  46  46  PHE PHE A . n 
A 1 22  SER 22  47  47  SER SER A . n 
A 1 23  VAL 23  48  48  VAL VAL A . n 
A 1 24  THR 24  48  48  THR THR A A n 
A 1 25  ARG 25  48  48  ARG ARG A B n 
A 1 26  GLY 26  48  48  GLY GLY A C n 
A 1 27  ALA 27  48  48  ALA ALA A D n 
A 1 28  THR 28  49  49  THR THR A . n 
A 1 29  LYS 29  50  50  LYS LYS A . n 
A 1 30  GLY 30  51  51  GLY GLY A . n 
A 1 31  PHE 31  52  52  PHE PHE A . n 
A 1 32  VAL 32  53  53  VAL VAL A . n 
A 1 33  THR 33  54  54  THR THR A . n 
A 1 34  ALA 34  55  55  ALA ALA A . n 
A 1 35  GLY 35  56  56  GLY GLY A . n 
A 1 36  HIS 36  57  57  HIS HIS A . n 
A 1 37  CYS 37  58  58  CYS CYS A . n 
A 1 38  GLY 38  59  59  GLY GLY A . n 
A 1 39  THR 39  62  62  THR THR A . n 
A 1 40  VAL 40  63  63  VAL VAL A . n 
A 1 41  ASN 41  64  64  ASN ASN A . n 
A 1 42  ALA 42  65  65  ALA ALA A . n 
A 1 43  THR 43  65  65  THR THR A A n 
A 1 44  ALA 44  66  66  ALA ALA A . n 
A 1 45  ARG 45  67  67  ARG ARG A . n 
A 1 46  ILE 46  80  80  ILE ILE A . n 
A 1 47  GLY 47  81  81  GLY GLY A . n 
A 1 48  GLY 48  82  82  GLY GLY A . n 
A 1 49  ALA 49  83  83  ALA ALA A . n 
A 1 50  VAL 50  84  84  VAL VAL A . n 
A 1 51  VAL 51  85  85  VAL VAL A . n 
A 1 52  GLY 52  86  86  GLY GLY A . n 
A 1 53  THR 53  87  87  THR THR A . n 
A 1 54  PHE 54  88  88  PHE PHE A . n 
A 1 55  ALA 55  89  89  ALA ALA A . n 
A 1 56  ALA 56  90  90  ALA ALA A . n 
A 1 57  ARG 57  91  91  ARG ARG A . n 
A 1 58  VAL 58  93  93  VAL VAL A . n 
A 1 59  PHE 59  94  94  PHE PHE A . n 
A 1 60  PRO 60  99  99  PRO PRO A A n 
A 1 61  GLY 61  100 100 GLY GLY A . n 
A 1 62  ASN 62  101 101 ASN ASN A . n 
A 1 63  ASP 63  102 102 ASP ASP A . n 
A 1 64  ARG 64  103 103 ARG ARG A . n 
A 1 65  ALA 65  104 104 ALA ALA A . n 
A 1 66  TRP 66  105 105 TRP TRP A . n 
A 1 67  VAL 67  106 106 VAL VAL A . n 
A 1 68  SER 68  107 107 SER SER A . n 
A 1 69  LEU 69  108 108 LEU LEU A . n 
A 1 70  THR 70  109 109 THR THR A . n 
A 1 71  SER 71  110 110 SER SER A . n 
A 1 72  ALA 72  111 111 ALA ALA A . n 
A 1 73  GLN 73  112 112 GLN GLN A . n 
A 1 74  THR 74  113 113 THR THR A . n 
A 1 75  LEU 75  114 114 LEU LEU A . n 
A 1 76  LEU 76  115 115 LEU LEU A . n 
A 1 77  PRO 77  116 116 PRO PRO A . n 
A 1 78  ARG 78  117 117 ARG ARG A . n 
A 1 79  VAL 79  118 118 VAL VAL A . n 
A 1 80  ALA 80  119 119 ALA ALA A . n 
A 1 81  ASN 81  120 120 ASN ASN A . n 
A 1 82  GLY 82  120 120 GLY GLY A B n 
A 1 83  SER 83  120 120 SER SER A C n 
A 1 84  SER 84  120 120 SER SER A D n 
A 1 85  PHE 85  121 121 PHE PHE A . n 
A 1 86  VAL 86  122 122 VAL VAL A . n 
A 1 87  THR 87  123 123 THR THR A . n 
A 1 88  VAL 88  124 124 VAL VAL A . n 
A 1 89  ARG 89  125 125 ARG ARG A . n 
A 1 90  GLY 90  126 126 GLY GLY A . n 
A 1 91  SER 91  127 127 SER SER A . n 
A 1 92  THR 92  128 128 THR THR A . n 
A 1 93  GLU 93  129 129 GLU GLU A . n 
A 1 94  ALA 94  130 130 ALA ALA A . n 
A 1 95  ALA 95  131 131 ALA ALA A . n 
A 1 96  VAL 96  132 132 VAL VAL A . n 
A 1 97  GLY 97  133 133 GLY GLY A . n 
A 1 98  ALA 98  134 134 ALA ALA A . n 
A 1 99  ALA 99  135 135 ALA ALA A . n 
A 1 100 VAL 100 136 136 VAL VAL A . n 
A 1 101 CYS 101 137 137 CYS CYS A . n 
A 1 102 ARG 102 138 138 ARG ARG A . n 
A 1 103 SER 103 139 139 SER SER A . n 
A 1 104 GLY 104 140 140 GLY GLY A . n 
A 1 105 ARG 105 141 141 ARG ARG A . n 
A 1 106 THR 106 142 142 THR THR A . n 
A 1 107 THR 107 143 143 THR THR A . n 
A 1 108 GLY 108 156 156 GLY GLY A . n 
A 1 109 TYR 109 157 157 TYR TYR A . n 
A 1 110 GLN 110 158 158 GLN GLN A . n 
A 1 111 CYS 111 159 159 CYS CYS A . n 
A 1 112 GLY 112 160 160 GLY GLY A . n 
A 1 113 THR 113 161 161 THR THR A . n 
A 1 114 ILE 114 162 162 ILE ILE A . n 
A 1 115 THR 115 163 163 THR THR A . n 
A 1 116 ALA 116 164 164 ALA ALA A . n 
A 1 117 LYS 117 165 165 LYS LYS A . n 
A 1 118 ASN 118 166 166 ASN ASN A . n 
A 1 119 VAL 119 167 167 VAL VAL A . n 
A 1 120 THR 120 168 168 THR THR A . n 
A 1 121 ALA 121 169 169 ALA ALA A . n 
A 1 122 ASN 122 170 170 ASN ASN A . n 
A 1 123 TYR 123 171 171 TYR TYR A . n 
A 1 124 ALA 124 172 172 ALA ALA A . n 
A 1 125 GLU 125 174 174 GLU GLU A . n 
A 1 126 GLY 126 175 175 GLY GLY A . n 
A 1 127 ALA 127 176 176 ALA ALA A . n 
A 1 128 VAL 128 177 177 VAL VAL A . n 
A 1 129 ARG 129 178 178 ARG ARG A . n 
A 1 130 GLY 130 179 179 GLY GLY A . n 
A 1 131 LEU 131 180 180 LEU LEU A . n 
A 1 132 THR 132 181 181 THR THR A . n 
A 1 133 GLN 133 182 182 GLN GLN A . n 
A 1 134 GLY 134 183 183 GLY GLY A . n 
A 1 135 ASN 135 184 184 ASN ASN A . n 
A 1 136 ALA 136 190 190 ALA ALA A . n 
A 1 137 CYS 137 191 191 CYS CYS A . n 
A 1 138 MET 138 192 192 MET MET A . n 
A 1 139 GLY 139 192 192 GLY GLY A A n 
A 1 140 ARG 140 192 192 ARG ARG A B n 
A 1 141 GLY 141 193 193 GLY GLY A . n 
A 1 142 ASP 142 194 194 ASP ASP A . n 
A 1 143 SER 143 195 195 SER SER A . n 
A 1 144 GLY 144 196 196 GLY GLY A . n 
A 1 145 GLY 145 197 197 GLY GLY A . n 
A 1 146 SER 146 198 198 SER SER A . n 
A 1 147 TRP 147 199 199 TRP TRP A . n 
A 1 148 ILE 148 200 200 ILE ILE A . n 
A 1 149 THR 149 201 201 THR THR A . n 
A 1 150 SER 150 202 202 SER SER A . n 
A 1 151 ALA 151 203 203 ALA ALA A . n 
A 1 152 GLY 152 207 207 GLY GLY A . n 
A 1 153 GLN 153 208 208 GLN GLN A . n 
A 1 154 ALA 154 209 209 ALA ALA A . n 
A 1 155 GLN 155 210 210 GLN GLN A . n 
A 1 156 GLY 156 211 211 GLY GLY A . n 
A 1 157 VAL 157 212 212 VAL VAL A . n 
A 1 158 MET 158 213 213 MET MET A . n 
A 1 159 SER 159 214 214 SER SER A . n 
A 1 160 GLY 160 215 215 GLY GLY A . n 
A 1 161 GLY 161 216 216 GLY GLY A . n 
A 1 162 ASN 162 217 217 ASN ASN A . n 
A 1 163 VAL 163 217 217 VAL VAL A A n 
A 1 164 GLN 164 217 217 GLN GLN A B n 
A 1 165 SER 165 217 217 SER SER A C n 
A 1 166 ASN 166 217 217 ASN ASN A D n 
A 1 167 GLY 167 217 217 GLY GLY A E n 
A 1 168 ASN 168 218 218 ASN ASN A . n 
A 1 169 ASN 169 219 219 ASN ASN A . n 
A 1 170 CYS 170 220 220 CYS CYS A . n 
A 1 171 GLY 171 221 221 GLY GLY A . n 
A 1 172 ILE 172 221 221 ILE ILE A A n 
A 1 173 PRO 173 221 221 PRO PRO A B n 
A 1 174 ALA 174 221 221 ALA ALA A C n 
A 1 175 SER 175 222 222 SER SER A . n 
A 1 176 GLN 176 223 223 GLN GLN A . n 
A 1 177 ARG 177 224 224 ARG ARG A . n 
A 1 178 SER 178 225 225 SER SER A . n 
A 1 179 SER 179 226 226 SER SER A . n 
A 1 180 LEU 180 227 227 LEU LEU A . n 
A 1 181 PHE 181 228 228 PHE PHE A . n 
A 1 182 GLU 182 229 229 GLU GLU A . n 
A 1 183 ARG 183 230 230 ARG ARG A . n 
A 1 184 LEU 184 231 231 LEU LEU A . n 
A 1 185 GLN 185 232 232 GLN GLN A . n 
A 1 186 PRO 186 233 233 PRO PRO A . n 
A 1 187 ILE 187 234 234 ILE ILE A . n 
A 1 188 LEU 188 235 235 LEU LEU A . n 
A 1 189 SER 189 235 235 SER SER A A n 
A 1 190 GLN 190 236 236 GLN GLN A . n 
A 1 191 TYR 191 237 237 TYR TYR A . n 
A 1 192 GLY 192 238 238 GLY GLY A . n 
A 1 193 LEU 193 239 239 LEU LEU A . n 
A 1 194 SER 194 240 240 SER SER A . n 
A 1 195 LEU 195 241 241 LEU LEU A . n 
A 1 196 VAL 196 242 242 VAL VAL A . n 
A 1 197 THR 197 243 243 THR THR A . n 
A 1 198 GLY 198 244 244 GLY GLY A . n 
# 
loop_
_pdbx_nonpoly_scheme.asym_id 
_pdbx_nonpoly_scheme.entity_id 
_pdbx_nonpoly_scheme.mon_id 
_pdbx_nonpoly_scheme.ndb_seq_num 
_pdbx_nonpoly_scheme.pdb_seq_num 
_pdbx_nonpoly_scheme.auth_seq_num 
_pdbx_nonpoly_scheme.pdb_mon_id 
_pdbx_nonpoly_scheme.auth_mon_id 
_pdbx_nonpoly_scheme.pdb_strand_id 
_pdbx_nonpoly_scheme.pdb_ins_code 
B 2 0EG 1   4   4   0EG BOC A . 
C 3 SO4 1   1   1   SO4 SO4 A . 
D 4 HOH 1   245 2   HOH HOH A . 
D 4 HOH 2   246 3   HOH HOH A . 
D 4 HOH 3   247 4   HOH HOH A . 
D 4 HOH 4   248 5   HOH HOH A . 
D 4 HOH 5   249 6   HOH HOH A . 
D 4 HOH 6   250 7   HOH HOH A . 
D 4 HOH 7   251 8   HOH HOH A . 
D 4 HOH 8   252 9   HOH HOH A . 
D 4 HOH 9   253 10  HOH HOH A . 
D 4 HOH 10  254 11  HOH HOH A . 
D 4 HOH 11  255 12  HOH HOH A . 
D 4 HOH 12  256 13  HOH HOH A . 
D 4 HOH 13  257 14  HOH HOH A . 
D 4 HOH 14  258 15  HOH HOH A . 
D 4 HOH 15  259 16  HOH HOH A . 
D 4 HOH 16  260 17  HOH HOH A . 
D 4 HOH 17  261 18  HOH HOH A . 
D 4 HOH 18  262 19  HOH HOH A . 
D 4 HOH 19  263 20  HOH HOH A . 
D 4 HOH 20  264 21  HOH HOH A . 
D 4 HOH 21  265 22  HOH HOH A . 
D 4 HOH 22  266 23  HOH HOH A . 
D 4 HOH 23  267 24  HOH HOH A . 
D 4 HOH 24  268 25  HOH HOH A . 
D 4 HOH 25  269 26  HOH HOH A . 
D 4 HOH 26  270 27  HOH HOH A . 
D 4 HOH 27  271 28  HOH HOH A . 
D 4 HOH 28  272 29  HOH HOH A . 
D 4 HOH 29  273 30  HOH HOH A . 
D 4 HOH 30  274 31  HOH HOH A . 
D 4 HOH 31  275 32  HOH HOH A . 
D 4 HOH 32  276 33  HOH HOH A . 
D 4 HOH 33  277 34  HOH HOH A . 
D 4 HOH 34  278 35  HOH HOH A . 
D 4 HOH 35  279 36  HOH HOH A . 
D 4 HOH 36  280 37  HOH HOH A . 
D 4 HOH 37  281 38  HOH HOH A . 
D 4 HOH 38  282 39  HOH HOH A . 
D 4 HOH 39  283 40  HOH HOH A . 
D 4 HOH 40  284 41  HOH HOH A . 
D 4 HOH 41  285 42  HOH HOH A . 
D 4 HOH 42  286 43  HOH HOH A . 
D 4 HOH 43  287 44  HOH HOH A . 
D 4 HOH 44  288 45  HOH HOH A . 
D 4 HOH 45  289 46  HOH HOH A . 
D 4 HOH 46  290 47  HOH HOH A . 
D 4 HOH 47  291 48  HOH HOH A . 
D 4 HOH 48  292 49  HOH HOH A . 
D 4 HOH 49  293 50  HOH HOH A . 
D 4 HOH 50  294 51  HOH HOH A . 
D 4 HOH 51  295 52  HOH HOH A . 
D 4 HOH 52  296 53  HOH HOH A . 
D 4 HOH 53  297 54  HOH HOH A . 
D 4 HOH 54  298 55  HOH HOH A . 
D 4 HOH 55  299 56  HOH HOH A . 
D 4 HOH 56  300 57  HOH HOH A . 
D 4 HOH 57  301 58  HOH HOH A . 
D 4 HOH 58  302 59  HOH HOH A . 
D 4 HOH 59  303 60  HOH HOH A . 
D 4 HOH 60  304 61  HOH HOH A . 
D 4 HOH 61  305 62  HOH HOH A . 
D 4 HOH 62  306 63  HOH HOH A . 
D 4 HOH 63  307 64  HOH HOH A . 
D 4 HOH 64  308 65  HOH HOH A . 
D 4 HOH 65  309 66  HOH HOH A . 
D 4 HOH 66  310 67  HOH HOH A . 
D 4 HOH 67  311 68  HOH HOH A . 
D 4 HOH 68  312 69  HOH HOH A . 
D 4 HOH 69  313 70  HOH HOH A . 
D 4 HOH 70  314 71  HOH HOH A . 
D 4 HOH 71  315 72  HOH HOH A . 
D 4 HOH 72  316 73  HOH HOH A . 
D 4 HOH 73  317 74  HOH HOH A . 
D 4 HOH 74  318 75  HOH HOH A . 
D 4 HOH 75  319 76  HOH HOH A . 
D 4 HOH 76  320 77  HOH HOH A . 
D 4 HOH 77  321 78  HOH HOH A . 
D 4 HOH 78  322 79  HOH HOH A . 
D 4 HOH 79  323 80  HOH HOH A . 
D 4 HOH 80  324 81  HOH HOH A . 
D 4 HOH 81  325 82  HOH HOH A . 
D 4 HOH 82  326 83  HOH HOH A . 
D 4 HOH 83  327 84  HOH HOH A . 
D 4 HOH 84  328 85  HOH HOH A . 
D 4 HOH 85  329 86  HOH HOH A . 
D 4 HOH 86  330 88  HOH HOH A . 
D 4 HOH 87  331 89  HOH HOH A . 
D 4 HOH 88  332 91  HOH HOH A . 
D 4 HOH 89  333 92  HOH HOH A . 
D 4 HOH 90  334 93  HOH HOH A . 
D 4 HOH 91  335 94  HOH HOH A . 
D 4 HOH 92  336 95  HOH HOH A . 
D 4 HOH 93  337 96  HOH HOH A . 
D 4 HOH 94  338 97  HOH HOH A . 
D 4 HOH 95  339 98  HOH HOH A . 
D 4 HOH 96  340 99  HOH HOH A . 
D 4 HOH 97  341 100 HOH HOH A . 
D 4 HOH 98  342 101 HOH HOH A . 
D 4 HOH 99  343 102 HOH HOH A . 
D 4 HOH 100 344 104 HOH HOH A . 
D 4 HOH 101 345 105 HOH HOH A . 
D 4 HOH 102 346 106 HOH HOH A . 
D 4 HOH 103 347 107 HOH HOH A . 
D 4 HOH 104 348 108 HOH HOH A . 
D 4 HOH 105 349 109 HOH HOH A . 
D 4 HOH 106 350 110 HOH HOH A . 
D 4 HOH 107 351 111 HOH HOH A . 
D 4 HOH 108 352 112 HOH HOH A . 
D 4 HOH 109 353 113 HOH HOH A . 
D 4 HOH 110 354 114 HOH HOH A . 
D 4 HOH 111 355 115 HOH HOH A . 
D 4 HOH 112 356 116 HOH HOH A . 
D 4 HOH 113 357 117 HOH HOH A . 
D 4 HOH 114 358 118 HOH HOH A . 
D 4 HOH 115 359 119 HOH HOH A . 
D 4 HOH 116 360 120 HOH HOH A . 
D 4 HOH 117 361 121 HOH HOH A . 
D 4 HOH 118 362 122 HOH HOH A . 
D 4 HOH 119 363 123 HOH HOH A . 
D 4 HOH 120 364 124 HOH HOH A . 
D 4 HOH 121 365 125 HOH HOH A . 
D 4 HOH 122 366 126 HOH HOH A . 
D 4 HOH 123 367 127 HOH HOH A . 
D 4 HOH 124 368 128 HOH HOH A . 
D 4 HOH 125 369 129 HOH HOH A . 
D 4 HOH 126 370 130 HOH HOH A . 
D 4 HOH 127 371 131 HOH HOH A . 
D 4 HOH 128 372 132 HOH HOH A . 
D 4 HOH 129 373 133 HOH HOH A . 
D 4 HOH 130 374 134 HOH HOH A . 
D 4 HOH 131 375 135 HOH HOH A . 
D 4 HOH 132 376 136 HOH HOH A . 
D 4 HOH 133 377 137 HOH HOH A . 
D 4 HOH 134 378 138 HOH HOH A . 
D 4 HOH 135 379 139 HOH HOH A . 
D 4 HOH 136 380 140 HOH HOH A . 
D 4 HOH 137 381 141 HOH HOH A . 
D 4 HOH 138 382 142 HOH HOH A . 
D 4 HOH 139 383 87  HOH HOH A . 
D 4 HOH 140 384 90  HOH HOH A . 
D 4 HOH 141 385 103 HOH HOH A . 
# 
_software.name             PROLSQ 
_software.classification   refinement 
_software.version          . 
_software.citation_id      ? 
_software.pdbx_ordinal     1 
# 
_cell.entry_id           1P01 
_cell.length_a           66.340 
_cell.length_b           66.340 
_cell.length_c           80.310 
_cell.angle_alpha        90.00 
_cell.angle_beta         90.00 
_cell.angle_gamma        120.00 
_cell.Z_PDB              6 
_cell.pdbx_unique_axis   ? 
_cell.length_a_esd       ? 
_cell.length_b_esd       ? 
_cell.length_c_esd       ? 
_cell.angle_alpha_esd    ? 
_cell.angle_beta_esd     ? 
_cell.angle_gamma_esd    ? 
# 
_symmetry.entry_id                         1P01 
_symmetry.space_group_name_H-M             'P 32 2 1' 
_symmetry.pdbx_full_space_group_name_H-M   ? 
_symmetry.cell_setting                     ? 
_symmetry.Int_Tables_number                154 
_symmetry.space_group_name_Hall            ? 
# 
_exptl.entry_id          1P01 
_exptl.method            'X-RAY DIFFRACTION' 
_exptl.crystals_number   ? 
# 
_exptl_crystal.id                    1 
_exptl_crystal.density_meas          ? 
_exptl_crystal.density_Matthews      2.52 
_exptl_crystal.density_percent_sol   51.18 
_exptl_crystal.description           ? 
_exptl_crystal.F_000                 ? 
_exptl_crystal.preparation           ? 
# 
_diffrn.id                     1 
_diffrn.ambient_temp           ? 
_diffrn.ambient_temp_details   ? 
_diffrn.crystal_id             1 
# 
_diffrn_radiation.diffrn_id                        1 
_diffrn_radiation.wavelength_id                    1 
_diffrn_radiation.monochromator                    ? 
_diffrn_radiation.pdbx_monochromatic_or_laue_m_l   ? 
_diffrn_radiation.pdbx_diffrn_protocol             ? 
_diffrn_radiation.pdbx_scattering_type             x-ray 
# 
_diffrn_radiation_wavelength.id           1 
_diffrn_radiation_wavelength.wavelength   . 
_diffrn_radiation_wavelength.wt           1.0 
# 
_refine.entry_id                                 1P01 
_refine.ls_number_reflns_obs                     ? 
_refine.ls_number_reflns_all                     ? 
_refine.pdbx_ls_sigma_I                          ? 
_refine.pdbx_ls_sigma_F                          ? 
_refine.pdbx_data_cutoff_high_absF               ? 
_refine.pdbx_data_cutoff_low_absF                ? 
_refine.pdbx_data_cutoff_high_rms_absF           ? 
_refine.ls_d_res_low                             ? 
_refine.ls_d_res_high                            2.0 
_refine.ls_percent_reflns_obs                    ? 
_refine.ls_R_factor_obs                          0.138 
_refine.ls_R_factor_all                          ? 
_refine.ls_R_factor_R_work                       ? 
_refine.ls_R_factor_R_free                       ? 
_refine.ls_R_factor_R_free_error                 ? 
_refine.ls_R_factor_R_free_error_details         ? 
_refine.ls_percent_reflns_R_free                 ? 
_refine.ls_number_reflns_R_free                  ? 
_refine.ls_number_parameters                     ? 
_refine.ls_number_restraints                     ? 
_refine.occupancy_min                            ? 
_refine.occupancy_max                            ? 
_refine.B_iso_mean                               ? 
_refine.aniso_B[1][1]                            ? 
_refine.aniso_B[2][2]                            ? 
_refine.aniso_B[3][3]                            ? 
_refine.aniso_B[1][2]                            ? 
_refine.aniso_B[1][3]                            ? 
_refine.aniso_B[2][3]                            ? 
_refine.solvent_model_details                    ? 
_refine.solvent_model_param_ksol                 ? 
_refine.solvent_model_param_bsol                 ? 
_refine.pdbx_ls_cross_valid_method               ? 
_refine.details                                  ? 
_refine.pdbx_starting_model                      ? 
_refine.pdbx_method_to_determine_struct          ? 
_refine.pdbx_isotropic_thermal_model             ? 
_refine.pdbx_stereochemistry_target_values       ? 
_refine.pdbx_stereochem_target_val_spec_case     ? 
_refine.pdbx_R_Free_selection_details            ? 
_refine.pdbx_overall_ESU_R_Free                  ? 
_refine.overall_SU_ML                            ? 
_refine.overall_SU_B                             ? 
_refine.pdbx_refine_id                           'X-RAY DIFFRACTION' 
_refine.ls_redundancy_reflns_obs                 ? 
_refine.pdbx_overall_ESU_R                       ? 
_refine.pdbx_overall_phase_error                 ? 
_refine.B_iso_min                                ? 
_refine.B_iso_max                                ? 
_refine.correlation_coeff_Fo_to_Fc               ? 
_refine.correlation_coeff_Fo_to_Fc_free          ? 
_refine.pdbx_solvent_vdw_probe_radii             ? 
_refine.pdbx_solvent_ion_probe_radii             ? 
_refine.pdbx_solvent_shrinkage_radii             ? 
_refine.overall_SU_R_Cruickshank_DPI             ? 
_refine.overall_SU_R_free                        ? 
_refine.ls_wR_factor_R_free                      ? 
_refine.ls_wR_factor_R_work                      ? 
_refine.overall_FOM_free_R_set                   ? 
_refine.overall_FOM_work_R_set                   ? 
_refine.pdbx_diffrn_id                           1 
_refine.pdbx_TLS_residual_ADP_flag               ? 
_refine.pdbx_overall_SU_R_free_Cruickshank_DPI   ? 
_refine.pdbx_overall_SU_R_Blow_DPI               ? 
_refine.pdbx_overall_SU_R_free_Blow_DPI          ? 
# 
_refine_hist.pdbx_refine_id                   'X-RAY DIFFRACTION' 
_refine_hist.cycle_id                         LAST 
_refine_hist.pdbx_number_atoms_protein        1391 
_refine_hist.pdbx_number_atoms_nucleic_acid   0 
_refine_hist.pdbx_number_atoms_ligand         32 
_refine_hist.number_atoms_solvent             141 
_refine_hist.number_atoms_total               1564 
_refine_hist.d_res_high                       2.0 
_refine_hist.d_res_low                        . 
# 
_struct.entry_id                  1P01 
_struct.title                     
'Serine protease mechanism. structure of an inhibitory complex oF ALPHA-LYTIC Protease and a tightly bound peptide boronic acid' 
_struct.pdbx_model_details        ? 
_struct.pdbx_CASP_flag            ? 
_struct.pdbx_model_type_details   ? 
# 
_struct_keywords.entry_id        1P01 
_struct_keywords.pdbx_keywords   'HYDROLASE/HYDROLASE INHIBITOR' 
_struct_keywords.text            'HYDROLASE-HYDROLASE INHIBITOR complex' 
# 
loop_
_struct_asym.id 
_struct_asym.pdbx_blank_PDB_chainid_flag 
_struct_asym.pdbx_modified 
_struct_asym.entity_id 
_struct_asym.details 
A N N 1 ? 
B N N 2 ? 
C N N 3 ? 
D N N 4 ? 
# 
_struct_ref.id                         1 
_struct_ref.db_name                    UNP 
_struct_ref.db_code                    PRLA_LYSEN 
_struct_ref.entity_id                  1 
_struct_ref.pdbx_db_accession          P00778 
_struct_ref.pdbx_align_begin           1 
_struct_ref.pdbx_seq_one_letter_code   
;MYVSNHRSRRVARVSVSCLVAALAAMSCGAALAADQVDPQLKFAMQRDLGIFPTQLPQYLQTEKLARTQAAAIEREFGAQ
FAGSWIERNEDGSFKLVAATSGARKSSTLGGVEVRNVRYSLKQLQSAMEQLDAGANARVKGVSKPLDGVQSWYVDPRSNA
VVVKVDDGATEAGVDFVALSGADSAQVRIESSPGKLQTTANIVGGIEYSINNASLCSVGFSVTRGATKGFVTAGHCGTVN
ATARIGGAVVGTFAARVFPGNDRAWVSLTSAQTLLPRVANGSSFVTVRGSTEAAVGAAVCRSGRTTGYQCGTITAKNVTA
NYAEGAVRGLTQGNACMGRGDSGGSWITSAGQAQGVMSGGNVQSNGNNCGIPASQRSSLFERLQPILSQYGLSLVTG
;
_struct_ref.pdbx_db_isoform            ? 
# 
_struct_ref_seq.align_id                      1 
_struct_ref_seq.ref_id                        1 
_struct_ref_seq.pdbx_PDB_id_code              1P01 
_struct_ref_seq.pdbx_strand_id                A 
_struct_ref_seq.seq_align_beg                 1 
_struct_ref_seq.pdbx_seq_align_beg_ins_code   A 
_struct_ref_seq.seq_align_end                 198 
_struct_ref_seq.pdbx_seq_align_end_ins_code   ? 
_struct_ref_seq.pdbx_db_accession             P00778 
_struct_ref_seq.db_align_beg                  200 
_struct_ref_seq.pdbx_db_align_beg_ins_code    ? 
_struct_ref_seq.db_align_end                  397 
_struct_ref_seq.pdbx_db_align_end_ins_code    ? 
_struct_ref_seq.pdbx_auth_seq_align_beg       15 
_struct_ref_seq.pdbx_auth_seq_align_end       244 
# 
_pdbx_struct_assembly.id                   1 
_pdbx_struct_assembly.details              author_defined_assembly 
_pdbx_struct_assembly.method_details       ? 
_pdbx_struct_assembly.oligomeric_details   monomeric 
_pdbx_struct_assembly.oligomeric_count     1 
# 
_pdbx_struct_assembly_gen.assembly_id       1 
_pdbx_struct_assembly_gen.oper_expression   1 
_pdbx_struct_assembly_gen.asym_id_list      A,B,C,D 
# 
_pdbx_struct_oper_list.id                   1 
_pdbx_struct_oper_list.type                 'identity operation' 
_pdbx_struct_oper_list.name                 1_555 
_pdbx_struct_oper_list.symmetry_operation   x,y,z 
_pdbx_struct_oper_list.matrix[1][1]         1.0000000000 
_pdbx_struct_oper_list.matrix[1][2]         0.0000000000 
_pdbx_struct_oper_list.matrix[1][3]         0.0000000000 
_pdbx_struct_oper_list.vector[1]            0.0000000000 
_pdbx_struct_oper_list.matrix[2][1]         0.0000000000 
_pdbx_struct_oper_list.matrix[2][2]         1.0000000000 
_pdbx_struct_oper_list.matrix[2][3]         0.0000000000 
_pdbx_struct_oper_list.vector[2]            0.0000000000 
_pdbx_struct_oper_list.matrix[3][1]         0.0000000000 
_pdbx_struct_oper_list.matrix[3][2]         0.0000000000 
_pdbx_struct_oper_list.matrix[3][3]         1.0000000000 
_pdbx_struct_oper_list.vector[3]            0.0000000000 
# 
_struct_biol.id        1 
_struct_biol.details   ? 
# 
loop_
_struct_conf.conf_type_id 
_struct_conf.id 
_struct_conf.pdbx_PDB_helix_id 
_struct_conf.beg_label_comp_id 
_struct_conf.beg_label_asym_id 
_struct_conf.beg_label_seq_id 
_struct_conf.pdbx_beg_PDB_ins_code 
_struct_conf.end_label_comp_id 
_struct_conf.end_label_asym_id 
_struct_conf.end_label_seq_id 
_struct_conf.pdbx_end_PDB_ins_code 
_struct_conf.beg_auth_comp_id 
_struct_conf.beg_auth_asym_id 
_struct_conf.beg_auth_seq_id 
_struct_conf.end_auth_comp_id 
_struct_conf.end_auth_asym_id 
_struct_conf.end_auth_seq_id 
_struct_conf.pdbx_PDB_helix_class 
_struct_conf.details 
_struct_conf.pdbx_PDB_helix_length 
HELX_P HELX_P1 1 ALA A 34  ? GLY A 38  ? ALA A 55  GLY A 59  5 ? 5 
HELX_P HELX_P2 2 PRO A 173 B ARG A 177 ? PRO A 221 ARG A 224 5 ? 5 
HELX_P HELX_P3 3 LEU A 184 ? GLY A 192 ? LEU A 231 GLY A 238 1 ? 9 
# 
_struct_conf_type.id          HELX_P 
_struct_conf_type.criteria    ? 
_struct_conf_type.reference   ? 
# 
loop_
_struct_conn.id 
_struct_conn.conn_type_id 
_struct_conn.pdbx_leaving_atom_flag 
_struct_conn.pdbx_PDB_id 
_struct_conn.ptnr1_label_asym_id 
_struct_conn.ptnr1_label_comp_id 
_struct_conn.ptnr1_label_seq_id 
_struct_conn.ptnr1_label_atom_id 
_struct_conn.pdbx_ptnr1_label_alt_id 
_struct_conn.pdbx_ptnr1_PDB_ins_code 
_struct_conn.pdbx_ptnr1_standard_comp_id 
_struct_conn.ptnr1_symmetry 
_struct_conn.ptnr2_label_asym_id 
_struct_conn.ptnr2_label_comp_id 
_struct_conn.ptnr2_label_seq_id 
_struct_conn.ptnr2_label_atom_id 
_struct_conn.pdbx_ptnr2_label_alt_id 
_struct_conn.pdbx_ptnr2_PDB_ins_code 
_struct_conn.ptnr1_auth_asym_id 
_struct_conn.ptnr1_auth_comp_id 
_struct_conn.ptnr1_auth_seq_id 
_struct_conn.ptnr2_auth_asym_id 
_struct_conn.ptnr2_auth_comp_id 
_struct_conn.ptnr2_auth_seq_id 
_struct_conn.ptnr2_symmetry 
_struct_conn.pdbx_ptnr3_label_atom_id 
_struct_conn.pdbx_ptnr3_label_seq_id 
_struct_conn.pdbx_ptnr3_label_comp_id 
_struct_conn.pdbx_ptnr3_label_asym_id 
_struct_conn.pdbx_ptnr3_label_alt_id 
_struct_conn.pdbx_ptnr3_PDB_ins_code 
_struct_conn.details 
_struct_conn.pdbx_dist_value 
_struct_conn.pdbx_value_order 
_struct_conn.pdbx_role 
disulf1 disulf ?    ? A CYS 17  SG ? ? ? 1_555 A CYS 37  SG ? ? A CYS 42  A CYS 58  1_555 ? ? ? ? ? ? ? 2.062 ? ? 
disulf2 disulf ?    ? A CYS 101 SG ? ? ? 1_555 A CYS 111 SG ? ? A CYS 137 A CYS 159 1_555 ? ? ? ? ? ? ? 2.030 ? ? 
disulf3 disulf ?    ? A CYS 137 SG ? ? ? 1_555 A CYS 170 SG ? ? A CYS 191 A CYS 220 1_555 ? ? ? ? ? ? ? 1.998 ? ? 
covale1 covale none ? B 0EG .   B  ? ? ? 1_555 A SER 143 OG ? ? A 0EG 4   A SER 195 1_555 ? ? ? ? ? ? ? 1.543 ? ? 
# 
loop_
_struct_conn_type.id 
_struct_conn_type.criteria 
_struct_conn_type.reference 
disulf ? ? 
covale ? ? 
# 
loop_
_pdbx_modification_feature.ordinal 
_pdbx_modification_feature.label_comp_id 
_pdbx_modification_feature.label_asym_id 
_pdbx_modification_feature.label_seq_id 
_pdbx_modification_feature.label_alt_id 
_pdbx_modification_feature.modified_residue_label_comp_id 
_pdbx_modification_feature.modified_residue_label_asym_id 
_pdbx_modification_feature.modified_residue_label_seq_id 
_pdbx_modification_feature.modified_residue_label_alt_id 
_pdbx_modification_feature.auth_comp_id 
_pdbx_modification_feature.auth_asym_id 
_pdbx_modification_feature.auth_seq_id 
_pdbx_modification_feature.PDB_ins_code 
_pdbx_modification_feature.symmetry 
_pdbx_modification_feature.modified_residue_auth_comp_id 
_pdbx_modification_feature.modified_residue_auth_asym_id 
_pdbx_modification_feature.modified_residue_auth_seq_id 
_pdbx_modification_feature.modified_residue_PDB_ins_code 
_pdbx_modification_feature.modified_residue_symmetry 
_pdbx_modification_feature.comp_id_linking_atom 
_pdbx_modification_feature.modified_residue_id_linking_atom 
_pdbx_modification_feature.modified_residue_id 
_pdbx_modification_feature.ref_pcm_id 
_pdbx_modification_feature.ref_comp_id 
_pdbx_modification_feature.type 
_pdbx_modification_feature.category 
1 0EG B .   ? SER A 143 ? 0EG A 4   ? 1_555 SER A 195 ? 1_555 B  OG SER 1 0EG None 'Covalent chemical modification' 
2 CYS A 17  ? CYS A 37  ? CYS A 42  ? 1_555 CYS A 58  ? 1_555 SG SG .   . .   None 'Disulfide bridge'               
3 CYS A 101 ? CYS A 111 ? CYS A 137 ? 1_555 CYS A 159 ? 1_555 SG SG .   . .   None 'Disulfide bridge'               
4 CYS A 137 ? CYS A 170 ? CYS A 191 ? 1_555 CYS A 220 ? 1_555 SG SG .   . .   None 'Disulfide bridge'               
# 
_struct_mon_prot_cis.pdbx_id                1 
_struct_mon_prot_cis.label_comp_id          PHE 
_struct_mon_prot_cis.label_seq_id           59 
_struct_mon_prot_cis.label_asym_id          A 
_struct_mon_prot_cis.label_alt_id           . 
_struct_mon_prot_cis.pdbx_PDB_ins_code      ? 
_struct_mon_prot_cis.auth_comp_id           PHE 
_struct_mon_prot_cis.auth_seq_id            94 
_struct_mon_prot_cis.auth_asym_id           A 
_struct_mon_prot_cis.pdbx_label_comp_id_2   PRO 
_struct_mon_prot_cis.pdbx_label_seq_id_2    60 
_struct_mon_prot_cis.pdbx_label_asym_id_2   A 
_struct_mon_prot_cis.pdbx_PDB_ins_code_2    A 
_struct_mon_prot_cis.pdbx_auth_comp_id_2    PRO 
_struct_mon_prot_cis.pdbx_auth_seq_id_2     99 
_struct_mon_prot_cis.pdbx_auth_asym_id_2    A 
_struct_mon_prot_cis.pdbx_PDB_model_num     1 
_struct_mon_prot_cis.pdbx_omega_angle       -2.17 
# 
loop_
_struct_sheet.id 
_struct_sheet.type 
_struct_sheet.number_strands 
_struct_sheet.details 
A ? 1 ? 
B ? 6 ? 
C ? 7 ? 
# 
loop_
_struct_sheet_order.sheet_id 
_struct_sheet_order.range_id_1 
_struct_sheet_order.range_id_2 
_struct_sheet_order.offset 
_struct_sheet_order.sense 
B 1 2 ? anti-parallel 
B 2 3 ? anti-parallel 
B 3 4 ? anti-parallel 
B 4 5 ? anti-parallel 
B 5 6 ? anti-parallel 
C 1 2 ? anti-parallel 
C 2 3 ? anti-parallel 
C 3 4 ? anti-parallel 
C 4 5 ? anti-parallel 
C 5 6 ? anti-parallel 
C 6 7 ? anti-parallel 
# 
loop_
_struct_sheet_range.sheet_id 
_struct_sheet_range.id 
_struct_sheet_range.beg_label_comp_id 
_struct_sheet_range.beg_label_asym_id 
_struct_sheet_range.beg_label_seq_id 
_struct_sheet_range.pdbx_beg_PDB_ins_code 
_struct_sheet_range.end_label_comp_id 
_struct_sheet_range.end_label_asym_id 
_struct_sheet_range.end_label_seq_id 
_struct_sheet_range.pdbx_end_PDB_ins_code 
_struct_sheet_range.beg_auth_comp_id 
_struct_sheet_range.beg_auth_asym_id 
_struct_sheet_range.beg_auth_seq_id 
_struct_sheet_range.end_auth_comp_id 
_struct_sheet_range.end_auth_asym_id 
_struct_sheet_range.end_auth_seq_id 
A 1 THR A 74  ? SER A 83  C THR A 113 SER A 120 
B 1 SER A 15  ? SER A 18  ? SER A 40  SER A 43  
B 2 GLU A 8   ? ILE A 11  ? GLU A 30  ILE A 33  
B 3 ALA A 49  ? VAL A 58  ? ALA A 83  VAL A 93  
B 4 ARG A 64  ? LEU A 69  ? ARG A 103 LEU A 108 
B 5 THR A 28  ? THR A 33  ? THR A 49  THR A 54  
B 6 SER A 194 ? LEU A 195 ? SER A 240 LEU A 241 
C 1 ALA A 99  ? GLY A 104 ? ALA A 135 GLY A 140 
C 2 GLY A 108 ? TYR A 123 ? GLY A 156 TYR A 171 
C 3 GLY A 126 ? GLY A 134 ? GLY A 175 GLY A 183 
C 4 SER A 179 ? ARG A 183 ? SER A 226 ARG A 230 
C 5 ALA A 154 ? GLY A 161 ? ALA A 209 GLY A 216 
C 6 SER A 146 ? ILE A 148 ? SER A 198 ILE A 200 
C 7 ALA A 99  ? GLY A 104 ? ALA A 135 GLY A 140 
# 
loop_
_pdbx_struct_sheet_hbond.sheet_id 
_pdbx_struct_sheet_hbond.range_id_1 
_pdbx_struct_sheet_hbond.range_id_2 
_pdbx_struct_sheet_hbond.range_1_label_atom_id 
_pdbx_struct_sheet_hbond.range_1_label_comp_id 
_pdbx_struct_sheet_hbond.range_1_label_asym_id 
_pdbx_struct_sheet_hbond.range_1_label_seq_id 
_pdbx_struct_sheet_hbond.range_1_PDB_ins_code 
_pdbx_struct_sheet_hbond.range_1_auth_atom_id 
_pdbx_struct_sheet_hbond.range_1_auth_comp_id 
_pdbx_struct_sheet_hbond.range_1_auth_asym_id 
_pdbx_struct_sheet_hbond.range_1_auth_seq_id 
_pdbx_struct_sheet_hbond.range_2_label_atom_id 
_pdbx_struct_sheet_hbond.range_2_label_comp_id 
_pdbx_struct_sheet_hbond.range_2_label_asym_id 
_pdbx_struct_sheet_hbond.range_2_label_seq_id 
_pdbx_struct_sheet_hbond.range_2_PDB_ins_code 
_pdbx_struct_sheet_hbond.range_2_auth_atom_id 
_pdbx_struct_sheet_hbond.range_2_auth_comp_id 
_pdbx_struct_sheet_hbond.range_2_auth_asym_id 
_pdbx_struct_sheet_hbond.range_2_auth_seq_id 
B 1 2 N CYS A 17  ? N CYS A 42  O TYR A 9   ? O TYR A 31  
B 2 3 N ILE A 46  ? N ILE A 80  O ALA A 49  ? O ALA A 83  
B 3 4 N VAL A 58  ? N VAL A 93  O ARG A 64  ? O ARG A 103 
B 4 5 N LEU A 69  ? N LEU A 108 O LYS A 29  ? O LYS A 50  
C 1 2 O GLY A 104 ? O GLY A 140 N GLY A 108 ? N GLY A 156 
C 2 3 O TYR A 123 ? O TYR A 171 N GLY A 126 ? N GLY A 175 
C 3 4 N GLY A 134 ? N GLY A 183 O SER A 179 ? O SER A 226 
C 4 5 N GLU A 182 ? N GLU A 229 O VAL A 157 ? O VAL A 212 
C 5 6 N GLN A 155 ? N GLN A 210 O TRP A 147 ? O TRP A 199 
C 6 7 O ILE A 148 ? O ILE A 200 N CYS A 101 ? N CYS A 137 
# 
loop_
_struct_site.id 
_struct_site.pdbx_evidence_code 
_struct_site.pdbx_auth_asym_id 
_struct_site.pdbx_auth_comp_id 
_struct_site.pdbx_auth_seq_id 
_struct_site.pdbx_auth_ins_code 
_struct_site.pdbx_num_residues 
_struct_site.details 
AC1 Software A 0EG 4 ? 16 'BINDING SITE FOR RESIDUE 0EG A 4' 
AC2 Software A SO4 1 ? 7  'BINDING SITE FOR RESIDUE SO4 A 1' 
# 
loop_
_struct_site_gen.id 
_struct_site_gen.site_id 
_struct_site_gen.pdbx_num_res 
_struct_site_gen.label_comp_id 
_struct_site_gen.label_asym_id 
_struct_site_gen.label_seq_id 
_struct_site_gen.pdbx_auth_ins_code 
_struct_site_gen.auth_comp_id 
_struct_site_gen.auth_asym_id 
_struct_site_gen.auth_seq_id 
_struct_site_gen.label_atom_id 
_struct_site_gen.label_alt_id 
_struct_site_gen.symmetry 
_struct_site_gen.details 
1  AC1 16 HIS A 36  ? HIS A 57  . ? 1_555 ? 
2  AC1 16 ARG A 89  ? ARG A 125 . ? 5_565 ? 
3  AC1 16 TYR A 123 ? TYR A 171 . ? 1_555 ? 
4  AC1 16 GLY A 139 A GLY A 192 . ? 1_555 ? 
5  AC1 16 ARG A 140 B ARG A 192 . ? 1_555 ? 
6  AC1 16 GLY A 141 ? GLY A 193 . ? 1_555 ? 
7  AC1 16 ASP A 142 ? ASP A 194 . ? 1_555 ? 
8  AC1 16 SER A 143 ? SER A 195 . ? 1_555 ? 
9  AC1 16 MET A 158 ? MET A 213 . ? 1_555 ? 
10 AC1 16 SER A 159 ? SER A 214 . ? 1_555 ? 
11 AC1 16 GLY A 160 ? GLY A 215 . ? 1_555 ? 
12 AC1 16 GLY A 161 ? GLY A 216 . ? 1_555 ? 
13 AC1 16 VAL A 163 A VAL A 217 . ? 1_555 ? 
14 AC1 16 HOH D .   ? HOH A 344 . ? 1_555 ? 
15 AC1 16 HOH D .   ? HOH A 384 . ? 1_555 ? 
16 AC1 16 HOH D .   ? HOH A 385 . ? 1_555 ? 
17 AC2 7  ALA A 1   A ALA A 15  . ? 3_665 ? 
18 AC2 7  ASN A 2   B ASN A 15  . ? 3_665 ? 
19 AC2 7  ARG A 183 ? ARG A 230 . ? 1_555 ? 
20 AC2 7  PRO A 186 ? PRO A 233 . ? 1_555 ? 
21 AC2 7  HOH D .   ? HOH A 271 . ? 3_665 ? 
22 AC2 7  HOH D .   ? HOH A 282 . ? 1_555 ? 
23 AC2 7  HOH D .   ? HOH A 371 . ? 3_665 ? 
# 
_pdbx_entry_details.entry_id                   1P01 
_pdbx_entry_details.compound_details           ? 
_pdbx_entry_details.source_details             ? 
_pdbx_entry_details.nonpolymer_details         
;INHIBITORY PEPTIDE BORONIC ACIDS ARE PEPTIDE ANALOGUES IN
WHICH THE C-TERMINAL CARBOXY GROUP (COOH) HAS BEEN REPLACED
WITH THE BORONIC ACID GROUP (B(OH)2).
;
_pdbx_entry_details.sequence_details           ? 
_pdbx_entry_details.has_ligand_of_interest     ? 
_pdbx_entry_details.has_protein_modification   Y 
# 
loop_
_pdbx_validate_rmsd_angle.id 
_pdbx_validate_rmsd_angle.PDB_model_num 
_pdbx_validate_rmsd_angle.auth_atom_id_1 
_pdbx_validate_rmsd_angle.auth_asym_id_1 
_pdbx_validate_rmsd_angle.auth_comp_id_1 
_pdbx_validate_rmsd_angle.auth_seq_id_1 
_pdbx_validate_rmsd_angle.PDB_ins_code_1 
_pdbx_validate_rmsd_angle.label_alt_id_1 
_pdbx_validate_rmsd_angle.auth_atom_id_2 
_pdbx_validate_rmsd_angle.auth_asym_id_2 
_pdbx_validate_rmsd_angle.auth_comp_id_2 
_pdbx_validate_rmsd_angle.auth_seq_id_2 
_pdbx_validate_rmsd_angle.PDB_ins_code_2 
_pdbx_validate_rmsd_angle.label_alt_id_2 
_pdbx_validate_rmsd_angle.auth_atom_id_3 
_pdbx_validate_rmsd_angle.auth_asym_id_3 
_pdbx_validate_rmsd_angle.auth_comp_id_3 
_pdbx_validate_rmsd_angle.auth_seq_id_3 
_pdbx_validate_rmsd_angle.PDB_ins_code_3 
_pdbx_validate_rmsd_angle.label_alt_id_3 
_pdbx_validate_rmsd_angle.angle_value 
_pdbx_validate_rmsd_angle.angle_target_value 
_pdbx_validate_rmsd_angle.angle_deviation 
_pdbx_validate_rmsd_angle.angle_standard_deviation 
_pdbx_validate_rmsd_angle.linker_flag 
1  1 OE1 A GLU 30  ? ? CD A GLU 30  ? ? OE2 A GLU 30  ? ? 114.86 123.30 -8.44  1.20 N 
2  1 NH1 A ARG 48  B ? CZ A ARG 48  B ? NH2 A ARG 48  B ? 126.86 119.40 7.46   1.10 N 
3  1 NE  A ARG 48  B ? CZ A ARG 48  B ? NH1 A ARG 48  B ? 104.62 120.30 -15.68 0.50 N 
4  1 NE  A ARG 48  B ? CZ A ARG 48  B ? NH2 A ARG 48  B ? 128.35 120.30 8.05   0.50 N 
5  1 CA  A THR 62  ? ? CB A THR 62  ? ? CG2 A THR 62  ? ? 102.34 112.40 -10.06 1.40 N 
6  1 NE  A ARG 67  ? ? CZ A ARG 67  ? ? NH1 A ARG 67  ? ? 127.66 120.30 7.36   0.50 N 
7  1 NE  A ARG 67  ? ? CZ A ARG 67  ? ? NH2 A ARG 67  ? ? 114.65 120.30 -5.65  0.50 N 
8  1 NH1 A ARG 91  ? ? CZ A ARG 91  ? ? NH2 A ARG 91  ? ? 110.24 119.40 -9.16  1.10 N 
9  1 NE  A ARG 91  ? ? CZ A ARG 91  ? ? NH2 A ARG 91  ? ? 131.17 120.30 10.87  0.50 N 
10 1 CA  A SER 107 ? ? CB A SER 107 ? ? OG  A SER 107 ? ? 94.51  111.20 -16.69 2.70 N 
11 1 CB  A SER 110 ? ? CA A SER 110 ? ? C   A SER 110 ? ? 91.30  110.10 -18.80 1.90 N 
12 1 O   A SER 110 ? ? C  A SER 110 ? ? N   A ALA 111 ? ? 133.80 122.70 11.10  1.60 Y 
13 1 CG  A GLN 112 ? ? CD A GLN 112 ? ? OE1 A GLN 112 ? ? 133.68 121.60 12.08  2.00 N 
14 1 NE  A ARG 117 ? ? CZ A ARG 117 ? ? NH1 A ARG 117 ? ? 124.64 120.30 4.34   0.50 N 
15 1 N   A SER 120 D ? CA A SER 120 D ? CB  A SER 120 D ? 99.42  110.50 -11.08 1.50 N 
16 1 NE  A ARG 125 ? ? CZ A ARG 125 ? ? NH1 A ARG 125 ? ? 113.93 120.30 -6.37  0.50 N 
17 1 OE1 A GLU 129 ? ? CD A GLU 129 ? ? OE2 A GLU 129 ? ? 134.52 123.30 11.22  1.20 N 
18 1 N   A SER 139 ? ? CA A SER 139 ? ? CB  A SER 139 ? ? 98.65  110.50 -11.85 1.50 N 
19 1 NE  A ARG 141 ? ? CZ A ARG 141 ? ? NH2 A ARG 141 ? ? 116.55 120.30 -3.75  0.50 N 
20 1 CA  A THR 161 ? ? CB A THR 161 ? ? CG2 A THR 161 ? ? 122.17 112.40 9.77   1.40 N 
21 1 NH1 A ARG 192 B ? CZ A ARG 192 B ? NH2 A ARG 192 B ? 126.34 119.40 6.94   1.10 N 
22 1 NE  A ARG 192 B ? CZ A ARG 192 B ? NH1 A ARG 192 B ? 107.79 120.30 -12.51 0.50 N 
23 1 NE  A ARG 192 B ? CZ A ARG 192 B ? NH2 A ARG 192 B ? 125.86 120.30 5.56   0.50 N 
24 1 NE  A ARG 224 ? ? CZ A ARG 224 ? ? NH1 A ARG 224 ? ? 124.97 120.30 4.67   0.50 N 
25 1 NE  A ARG 230 ? ? CZ A ARG 230 ? ? NH1 A ARG 230 ? ? 125.73 120.30 5.43   0.50 N 
# 
loop_
_pdbx_validate_torsion.id 
_pdbx_validate_torsion.PDB_model_num 
_pdbx_validate_torsion.auth_comp_id 
_pdbx_validate_torsion.auth_asym_id 
_pdbx_validate_torsion.auth_seq_id 
_pdbx_validate_torsion.PDB_ins_code 
_pdbx_validate_torsion.label_alt_id 
_pdbx_validate_torsion.phi 
_pdbx_validate_torsion.psi 
1 1 ALA A 39  ? ? -127.82 -80.11  
2 1 PHE A 94  ? ? -170.36 131.80  
3 1 PRO A 99  A ? -81.43  -154.50 
4 1 SER A 214 ? ? -109.74 -61.70  
# 
_pdbx_validate_planes.id              1 
_pdbx_validate_planes.PDB_model_num   1 
_pdbx_validate_planes.auth_comp_id    ARG 
_pdbx_validate_planes.auth_asym_id    A 
_pdbx_validate_planes.auth_seq_id     192 
_pdbx_validate_planes.PDB_ins_code    B 
_pdbx_validate_planes.label_alt_id    ? 
_pdbx_validate_planes.rmsd            0.081 
_pdbx_validate_planes.type            'SIDE CHAIN' 
# 
_pdbx_molecule_features.prd_id    PRD_000261 
_pdbx_molecule_features.name      'N-(tert-butoxycarbonyl)-L-alanyl-N-[(1R)-1-(dihydroxyboranyl)-2-methylpropyl]-L-prolinamide' 
_pdbx_molecule_features.type      Peptide-like 
_pdbx_molecule_features.class     Inhibitor 
_pdbx_molecule_features.details   ? 
# 
_pdbx_molecule.instance_id   1 
_pdbx_molecule.prd_id        PRD_000261 
_pdbx_molecule.asym_id       B 
# 
loop_
_chem_comp_atom.comp_id 
_chem_comp_atom.atom_id 
_chem_comp_atom.type_symbol 
_chem_comp_atom.pdbx_aromatic_flag 
_chem_comp_atom.pdbx_stereo_config 
_chem_comp_atom.pdbx_ordinal 
0EG O1   O N N 1   
0EG C    C N N 2   
0EG O2   O N N 3   
0EG CT   C N N 4   
0EG C1   C N N 5   
0EG C2   C N N 6   
0EG C3   C N N 7   
0EG N    N N N 8   
0EG CA   C N S 9   
0EG C4   C N N 10  
0EG O    O N N 11  
0EG CB   C N N 12  
0EG N1   N N N 13  
0EG CA1  C N S 14  
0EG C5   C N N 15  
0EG O3   O N N 16  
0EG CB1  C N N 17  
0EG CG   C N N 18  
0EG CD   C N N 19  
0EG N2   N N N 20  
0EG CA2  C N R 21  
0EG CB2  C N N 22  
0EG CG1  C N N 23  
0EG CG2  C N N 24  
0EG B    B N N 25  
0EG O11  O N N 26  
0EG O21  O N N 27  
0EG H11  H N N 28  
0EG H12  H N N 29  
0EG H13  H N N 30  
0EG H21  H N N 31  
0EG H22  H N N 32  
0EG H23  H N N 33  
0EG H31  H N N 34  
0EG H32  H N N 35  
0EG H33  H N N 36  
0EG H    H N N 37  
0EG HA   H N N 38  
0EG HB1  H N N 39  
0EG HB2  H N N 40  
0EG HB3  H N N 41  
0EG HA1  H N N 42  
0EG HB21 H N N 43  
0EG HB31 H N N 44  
0EG HG2  H N N 45  
0EG HG3  H N N 46  
0EG HD2  H N N 47  
0EG HD3  H N N 48  
0EG HN2  H N N 49  
0EG HA2  H N N 50  
0EG HB   H N N 51  
0EG HG11 H N N 52  
0EG HG12 H N N 53  
0EG HG13 H N N 54  
0EG HG21 H N N 55  
0EG HG22 H N N 56  
0EG HG23 H N N 57  
0EG HO1  H N N 58  
0EG HO2  H N N 59  
ALA N    N N N 60  
ALA CA   C N S 61  
ALA C    C N N 62  
ALA O    O N N 63  
ALA CB   C N N 64  
ALA OXT  O N N 65  
ALA H    H N N 66  
ALA H2   H N N 67  
ALA HA   H N N 68  
ALA HB1  H N N 69  
ALA HB2  H N N 70  
ALA HB3  H N N 71  
ALA HXT  H N N 72  
ARG N    N N N 73  
ARG CA   C N S 74  
ARG C    C N N 75  
ARG O    O N N 76  
ARG CB   C N N 77  
ARG CG   C N N 78  
ARG CD   C N N 79  
ARG NE   N N N 80  
ARG CZ   C N N 81  
ARG NH1  N N N 82  
ARG NH2  N N N 83  
ARG OXT  O N N 84  
ARG H    H N N 85  
ARG H2   H N N 86  
ARG HA   H N N 87  
ARG HB2  H N N 88  
ARG HB3  H N N 89  
ARG HG2  H N N 90  
ARG HG3  H N N 91  
ARG HD2  H N N 92  
ARG HD3  H N N 93  
ARG HE   H N N 94  
ARG HH11 H N N 95  
ARG HH12 H N N 96  
ARG HH21 H N N 97  
ARG HH22 H N N 98  
ARG HXT  H N N 99  
ASN N    N N N 100 
ASN CA   C N S 101 
ASN C    C N N 102 
ASN O    O N N 103 
ASN CB   C N N 104 
ASN CG   C N N 105 
ASN OD1  O N N 106 
ASN ND2  N N N 107 
ASN OXT  O N N 108 
ASN H    H N N 109 
ASN H2   H N N 110 
ASN HA   H N N 111 
ASN HB2  H N N 112 
ASN HB3  H N N 113 
ASN HD21 H N N 114 
ASN HD22 H N N 115 
ASN HXT  H N N 116 
ASP N    N N N 117 
ASP CA   C N S 118 
ASP C    C N N 119 
ASP O    O N N 120 
ASP CB   C N N 121 
ASP CG   C N N 122 
ASP OD1  O N N 123 
ASP OD2  O N N 124 
ASP OXT  O N N 125 
ASP H    H N N 126 
ASP H2   H N N 127 
ASP HA   H N N 128 
ASP HB2  H N N 129 
ASP HB3  H N N 130 
ASP HD2  H N N 131 
ASP HXT  H N N 132 
CYS N    N N N 133 
CYS CA   C N R 134 
CYS C    C N N 135 
CYS O    O N N 136 
CYS CB   C N N 137 
CYS SG   S N N 138 
CYS OXT  O N N 139 
CYS H    H N N 140 
CYS H2   H N N 141 
CYS HA   H N N 142 
CYS HB2  H N N 143 
CYS HB3  H N N 144 
CYS HG   H N N 145 
CYS HXT  H N N 146 
GLN N    N N N 147 
GLN CA   C N S 148 
GLN C    C N N 149 
GLN O    O N N 150 
GLN CB   C N N 151 
GLN CG   C N N 152 
GLN CD   C N N 153 
GLN OE1  O N N 154 
GLN NE2  N N N 155 
GLN OXT  O N N 156 
GLN H    H N N 157 
GLN H2   H N N 158 
GLN HA   H N N 159 
GLN HB2  H N N 160 
GLN HB3  H N N 161 
GLN HG2  H N N 162 
GLN HG3  H N N 163 
GLN HE21 H N N 164 
GLN HE22 H N N 165 
GLN HXT  H N N 166 
GLU N    N N N 167 
GLU CA   C N S 168 
GLU C    C N N 169 
GLU O    O N N 170 
GLU CB   C N N 171 
GLU CG   C N N 172 
GLU CD   C N N 173 
GLU OE1  O N N 174 
GLU OE2  O N N 175 
GLU OXT  O N N 176 
GLU H    H N N 177 
GLU H2   H N N 178 
GLU HA   H N N 179 
GLU HB2  H N N 180 
GLU HB3  H N N 181 
GLU HG2  H N N 182 
GLU HG3  H N N 183 
GLU HE2  H N N 184 
GLU HXT  H N N 185 
GLY N    N N N 186 
GLY CA   C N N 187 
GLY C    C N N 188 
GLY O    O N N 189 
GLY OXT  O N N 190 
GLY H    H N N 191 
GLY H2   H N N 192 
GLY HA2  H N N 193 
GLY HA3  H N N 194 
GLY HXT  H N N 195 
HIS N    N N N 196 
HIS CA   C N S 197 
HIS C    C N N 198 
HIS O    O N N 199 
HIS CB   C N N 200 
HIS CG   C Y N 201 
HIS ND1  N Y N 202 
HIS CD2  C Y N 203 
HIS CE1  C Y N 204 
HIS NE2  N Y N 205 
HIS OXT  O N N 206 
HIS H    H N N 207 
HIS H2   H N N 208 
HIS HA   H N N 209 
HIS HB2  H N N 210 
HIS HB3  H N N 211 
HIS HD1  H N N 212 
HIS HD2  H N N 213 
HIS HE1  H N N 214 
HIS HE2  H N N 215 
HIS HXT  H N N 216 
HOH O    O N N 217 
HOH H1   H N N 218 
HOH H2   H N N 219 
ILE N    N N N 220 
ILE CA   C N S 221 
ILE C    C N N 222 
ILE O    O N N 223 
ILE CB   C N S 224 
ILE CG1  C N N 225 
ILE CG2  C N N 226 
ILE CD1  C N N 227 
ILE OXT  O N N 228 
ILE H    H N N 229 
ILE H2   H N N 230 
ILE HA   H N N 231 
ILE HB   H N N 232 
ILE HG12 H N N 233 
ILE HG13 H N N 234 
ILE HG21 H N N 235 
ILE HG22 H N N 236 
ILE HG23 H N N 237 
ILE HD11 H N N 238 
ILE HD12 H N N 239 
ILE HD13 H N N 240 
ILE HXT  H N N 241 
LEU N    N N N 242 
LEU CA   C N S 243 
LEU C    C N N 244 
LEU O    O N N 245 
LEU CB   C N N 246 
LEU CG   C N N 247 
LEU CD1  C N N 248 
LEU CD2  C N N 249 
LEU OXT  O N N 250 
LEU H    H N N 251 
LEU H2   H N N 252 
LEU HA   H N N 253 
LEU HB2  H N N 254 
LEU HB3  H N N 255 
LEU HG   H N N 256 
LEU HD11 H N N 257 
LEU HD12 H N N 258 
LEU HD13 H N N 259 
LEU HD21 H N N 260 
LEU HD22 H N N 261 
LEU HD23 H N N 262 
LEU HXT  H N N 263 
LYS N    N N N 264 
LYS CA   C N S 265 
LYS C    C N N 266 
LYS O    O N N 267 
LYS CB   C N N 268 
LYS CG   C N N 269 
LYS CD   C N N 270 
LYS CE   C N N 271 
LYS NZ   N N N 272 
LYS OXT  O N N 273 
LYS H    H N N 274 
LYS H2   H N N 275 
LYS HA   H N N 276 
LYS HB2  H N N 277 
LYS HB3  H N N 278 
LYS HG2  H N N 279 
LYS HG3  H N N 280 
LYS HD2  H N N 281 
LYS HD3  H N N 282 
LYS HE2  H N N 283 
LYS HE3  H N N 284 
LYS HZ1  H N N 285 
LYS HZ2  H N N 286 
LYS HZ3  H N N 287 
LYS HXT  H N N 288 
MET N    N N N 289 
MET CA   C N S 290 
MET C    C N N 291 
MET O    O N N 292 
MET CB   C N N 293 
MET CG   C N N 294 
MET SD   S N N 295 
MET CE   C N N 296 
MET OXT  O N N 297 
MET H    H N N 298 
MET H2   H N N 299 
MET HA   H N N 300 
MET HB2  H N N 301 
MET HB3  H N N 302 
MET HG2  H N N 303 
MET HG3  H N N 304 
MET HE1  H N N 305 
MET HE2  H N N 306 
MET HE3  H N N 307 
MET HXT  H N N 308 
PHE N    N N N 309 
PHE CA   C N S 310 
PHE C    C N N 311 
PHE O    O N N 312 
PHE CB   C N N 313 
PHE CG   C Y N 314 
PHE CD1  C Y N 315 
PHE CD2  C Y N 316 
PHE CE1  C Y N 317 
PHE CE2  C Y N 318 
PHE CZ   C Y N 319 
PHE OXT  O N N 320 
PHE H    H N N 321 
PHE H2   H N N 322 
PHE HA   H N N 323 
PHE HB2  H N N 324 
PHE HB3  H N N 325 
PHE HD1  H N N 326 
PHE HD2  H N N 327 
PHE HE1  H N N 328 
PHE HE2  H N N 329 
PHE HZ   H N N 330 
PHE HXT  H N N 331 
PRO N    N N N 332 
PRO CA   C N S 333 
PRO C    C N N 334 
PRO O    O N N 335 
PRO CB   C N N 336 
PRO CG   C N N 337 
PRO CD   C N N 338 
PRO OXT  O N N 339 
PRO H    H N N 340 
PRO HA   H N N 341 
PRO HB2  H N N 342 
PRO HB3  H N N 343 
PRO HG2  H N N 344 
PRO HG3  H N N 345 
PRO HD2  H N N 346 
PRO HD3  H N N 347 
PRO HXT  H N N 348 
SER N    N N N 349 
SER CA   C N S 350 
SER C    C N N 351 
SER O    O N N 352 
SER CB   C N N 353 
SER OG   O N N 354 
SER OXT  O N N 355 
SER H    H N N 356 
SER H2   H N N 357 
SER HA   H N N 358 
SER HB2  H N N 359 
SER HB3  H N N 360 
SER HG   H N N 361 
SER HXT  H N N 362 
SO4 S    S N N 363 
SO4 O1   O N N 364 
SO4 O2   O N N 365 
SO4 O3   O N N 366 
SO4 O4   O N N 367 
THR N    N N N 368 
THR CA   C N S 369 
THR C    C N N 370 
THR O    O N N 371 
THR CB   C N R 372 
THR OG1  O N N 373 
THR CG2  C N N 374 
THR OXT  O N N 375 
THR H    H N N 376 
THR H2   H N N 377 
THR HA   H N N 378 
THR HB   H N N 379 
THR HG1  H N N 380 
THR HG21 H N N 381 
THR HG22 H N N 382 
THR HG23 H N N 383 
THR HXT  H N N 384 
TRP N    N N N 385 
TRP CA   C N S 386 
TRP C    C N N 387 
TRP O    O N N 388 
TRP CB   C N N 389 
TRP CG   C Y N 390 
TRP CD1  C Y N 391 
TRP CD2  C Y N 392 
TRP NE1  N Y N 393 
TRP CE2  C Y N 394 
TRP CE3  C Y N 395 
TRP CZ2  C Y N 396 
TRP CZ3  C Y N 397 
TRP CH2  C Y N 398 
TRP OXT  O N N 399 
TRP H    H N N 400 
TRP H2   H N N 401 
TRP HA   H N N 402 
TRP HB2  H N N 403 
TRP HB3  H N N 404 
TRP HD1  H N N 405 
TRP HE1  H N N 406 
TRP HE3  H N N 407 
TRP HZ2  H N N 408 
TRP HZ3  H N N 409 
TRP HH2  H N N 410 
TRP HXT  H N N 411 
TYR N    N N N 412 
TYR CA   C N S 413 
TYR C    C N N 414 
TYR O    O N N 415 
TYR CB   C N N 416 
TYR CG   C Y N 417 
TYR CD1  C Y N 418 
TYR CD2  C Y N 419 
TYR CE1  C Y N 420 
TYR CE2  C Y N 421 
TYR CZ   C Y N 422 
TYR OH   O N N 423 
TYR OXT  O N N 424 
TYR H    H N N 425 
TYR H2   H N N 426 
TYR HA   H N N 427 
TYR HB2  H N N 428 
TYR HB3  H N N 429 
TYR HD1  H N N 430 
TYR HD2  H N N 431 
TYR HE1  H N N 432 
TYR HE2  H N N 433 
TYR HH   H N N 434 
TYR HXT  H N N 435 
VAL N    N N N 436 
VAL CA   C N S 437 
VAL C    C N N 438 
VAL O    O N N 439 
VAL CB   C N N 440 
VAL CG1  C N N 441 
VAL CG2  C N N 442 
VAL OXT  O N N 443 
VAL H    H N N 444 
VAL H2   H N N 445 
VAL HA   H N N 446 
VAL HB   H N N 447 
VAL HG11 H N N 448 
VAL HG12 H N N 449 
VAL HG13 H N N 450 
VAL HG21 H N N 451 
VAL HG22 H N N 452 
VAL HG23 H N N 453 
VAL HXT  H N N 454 
# 
loop_
_chem_comp_bond.comp_id 
_chem_comp_bond.atom_id_1 
_chem_comp_bond.atom_id_2 
_chem_comp_bond.value_order 
_chem_comp_bond.pdbx_aromatic_flag 
_chem_comp_bond.pdbx_stereo_config 
_chem_comp_bond.pdbx_ordinal 
0EG O1  C    doub N N 1   
0EG C   O2   sing N N 2   
0EG O2  CT   sing N N 3   
0EG CT  C1   sing N N 4   
0EG CT  C2   sing N N 5   
0EG CT  C3   sing N N 6   
0EG C1  H11  sing N N 7   
0EG C1  H12  sing N N 8   
0EG C1  H13  sing N N 9   
0EG C2  H21  sing N N 10  
0EG C2  H22  sing N N 11  
0EG C2  H23  sing N N 12  
0EG C3  H31  sing N N 13  
0EG C3  H32  sing N N 14  
0EG C3  H33  sing N N 15  
0EG N   CA   sing N N 16  
0EG N   H    sing N N 17  
0EG CA  C4   sing N N 18  
0EG CA  CB   sing N N 19  
0EG CA  HA   sing N N 20  
0EG C4  O    doub N N 21  
0EG CB  HB1  sing N N 22  
0EG CB  HB2  sing N N 23  
0EG CB  HB3  sing N N 24  
0EG N1  CA1  sing N N 25  
0EG N1  CD   sing N N 26  
0EG CA1 C5   sing N N 27  
0EG CA1 CB1  sing N N 28  
0EG CA1 HA1  sing N N 29  
0EG C5  O3   doub N N 30  
0EG CB1 CG   sing N N 31  
0EG CB1 HB21 sing N N 32  
0EG CB1 HB31 sing N N 33  
0EG CG  CD   sing N N 34  
0EG CG  HG2  sing N N 35  
0EG CG  HG3  sing N N 36  
0EG CD  HD2  sing N N 37  
0EG CD  HD3  sing N N 38  
0EG N2  CA2  sing N N 39  
0EG N2  HN2  sing N N 40  
0EG CA2 CB2  sing N N 41  
0EG CA2 B    sing N N 42  
0EG CA2 HA2  sing N N 43  
0EG CB2 CG1  sing N N 44  
0EG CB2 CG2  sing N N 45  
0EG CB2 HB   sing N N 46  
0EG CG1 HG11 sing N N 47  
0EG CG1 HG12 sing N N 48  
0EG CG1 HG13 sing N N 49  
0EG CG2 HG21 sing N N 50  
0EG CG2 HG22 sing N N 51  
0EG CG2 HG23 sing N N 52  
0EG B   O11  sing N N 53  
0EG B   O21  sing N N 54  
0EG O11 HO1  sing N N 55  
0EG O21 HO2  sing N N 56  
0EG C   N    sing N N 57  
0EG C4  N1   sing N N 58  
0EG C5  N2   sing N N 59  
ALA N   CA   sing N N 60  
ALA N   H    sing N N 61  
ALA N   H2   sing N N 62  
ALA CA  C    sing N N 63  
ALA CA  CB   sing N N 64  
ALA CA  HA   sing N N 65  
ALA C   O    doub N N 66  
ALA C   OXT  sing N N 67  
ALA CB  HB1  sing N N 68  
ALA CB  HB2  sing N N 69  
ALA CB  HB3  sing N N 70  
ALA OXT HXT  sing N N 71  
ARG N   CA   sing N N 72  
ARG N   H    sing N N 73  
ARG N   H2   sing N N 74  
ARG CA  C    sing N N 75  
ARG CA  CB   sing N N 76  
ARG CA  HA   sing N N 77  
ARG C   O    doub N N 78  
ARG C   OXT  sing N N 79  
ARG CB  CG   sing N N 80  
ARG CB  HB2  sing N N 81  
ARG CB  HB3  sing N N 82  
ARG CG  CD   sing N N 83  
ARG CG  HG2  sing N N 84  
ARG CG  HG3  sing N N 85  
ARG CD  NE   sing N N 86  
ARG CD  HD2  sing N N 87  
ARG CD  HD3  sing N N 88  
ARG NE  CZ   sing N N 89  
ARG NE  HE   sing N N 90  
ARG CZ  NH1  sing N N 91  
ARG CZ  NH2  doub N N 92  
ARG NH1 HH11 sing N N 93  
ARG NH1 HH12 sing N N 94  
ARG NH2 HH21 sing N N 95  
ARG NH2 HH22 sing N N 96  
ARG OXT HXT  sing N N 97  
ASN N   CA   sing N N 98  
ASN N   H    sing N N 99  
ASN N   H2   sing N N 100 
ASN CA  C    sing N N 101 
ASN CA  CB   sing N N 102 
ASN CA  HA   sing N N 103 
ASN C   O    doub N N 104 
ASN C   OXT  sing N N 105 
ASN CB  CG   sing N N 106 
ASN CB  HB2  sing N N 107 
ASN CB  HB3  sing N N 108 
ASN CG  OD1  doub N N 109 
ASN CG  ND2  sing N N 110 
ASN ND2 HD21 sing N N 111 
ASN ND2 HD22 sing N N 112 
ASN OXT HXT  sing N N 113 
ASP N   CA   sing N N 114 
ASP N   H    sing N N 115 
ASP N   H2   sing N N 116 
ASP CA  C    sing N N 117 
ASP CA  CB   sing N N 118 
ASP CA  HA   sing N N 119 
ASP C   O    doub N N 120 
ASP C   OXT  sing N N 121 
ASP CB  CG   sing N N 122 
ASP CB  HB2  sing N N 123 
ASP CB  HB3  sing N N 124 
ASP CG  OD1  doub N N 125 
ASP CG  OD2  sing N N 126 
ASP OD2 HD2  sing N N 127 
ASP OXT HXT  sing N N 128 
CYS N   CA   sing N N 129 
CYS N   H    sing N N 130 
CYS N   H2   sing N N 131 
CYS CA  C    sing N N 132 
CYS CA  CB   sing N N 133 
CYS CA  HA   sing N N 134 
CYS C   O    doub N N 135 
CYS C   OXT  sing N N 136 
CYS CB  SG   sing N N 137 
CYS CB  HB2  sing N N 138 
CYS CB  HB3  sing N N 139 
CYS SG  HG   sing N N 140 
CYS OXT HXT  sing N N 141 
GLN N   CA   sing N N 142 
GLN N   H    sing N N 143 
GLN N   H2   sing N N 144 
GLN CA  C    sing N N 145 
GLN CA  CB   sing N N 146 
GLN CA  HA   sing N N 147 
GLN C   O    doub N N 148 
GLN C   OXT  sing N N 149 
GLN CB  CG   sing N N 150 
GLN CB  HB2  sing N N 151 
GLN CB  HB3  sing N N 152 
GLN CG  CD   sing N N 153 
GLN CG  HG2  sing N N 154 
GLN CG  HG3  sing N N 155 
GLN CD  OE1  doub N N 156 
GLN CD  NE2  sing N N 157 
GLN NE2 HE21 sing N N 158 
GLN NE2 HE22 sing N N 159 
GLN OXT HXT  sing N N 160 
GLU N   CA   sing N N 161 
GLU N   H    sing N N 162 
GLU N   H2   sing N N 163 
GLU CA  C    sing N N 164 
GLU CA  CB   sing N N 165 
GLU CA  HA   sing N N 166 
GLU C   O    doub N N 167 
GLU C   OXT  sing N N 168 
GLU CB  CG   sing N N 169 
GLU CB  HB2  sing N N 170 
GLU CB  HB3  sing N N 171 
GLU CG  CD   sing N N 172 
GLU CG  HG2  sing N N 173 
GLU CG  HG3  sing N N 174 
GLU CD  OE1  doub N N 175 
GLU CD  OE2  sing N N 176 
GLU OE2 HE2  sing N N 177 
GLU OXT HXT  sing N N 178 
GLY N   CA   sing N N 179 
GLY N   H    sing N N 180 
GLY N   H2   sing N N 181 
GLY CA  C    sing N N 182 
GLY CA  HA2  sing N N 183 
GLY CA  HA3  sing N N 184 
GLY C   O    doub N N 185 
GLY C   OXT  sing N N 186 
GLY OXT HXT  sing N N 187 
HIS N   CA   sing N N 188 
HIS N   H    sing N N 189 
HIS N   H2   sing N N 190 
HIS CA  C    sing N N 191 
HIS CA  CB   sing N N 192 
HIS CA  HA   sing N N 193 
HIS C   O    doub N N 194 
HIS C   OXT  sing N N 195 
HIS CB  CG   sing N N 196 
HIS CB  HB2  sing N N 197 
HIS CB  HB3  sing N N 198 
HIS CG  ND1  sing Y N 199 
HIS CG  CD2  doub Y N 200 
HIS ND1 CE1  doub Y N 201 
HIS ND1 HD1  sing N N 202 
HIS CD2 NE2  sing Y N 203 
HIS CD2 HD2  sing N N 204 
HIS CE1 NE2  sing Y N 205 
HIS CE1 HE1  sing N N 206 
HIS NE2 HE2  sing N N 207 
HIS OXT HXT  sing N N 208 
HOH O   H1   sing N N 209 
HOH O   H2   sing N N 210 
ILE N   CA   sing N N 211 
ILE N   H    sing N N 212 
ILE N   H2   sing N N 213 
ILE CA  C    sing N N 214 
ILE CA  CB   sing N N 215 
ILE CA  HA   sing N N 216 
ILE C   O    doub N N 217 
ILE C   OXT  sing N N 218 
ILE CB  CG1  sing N N 219 
ILE CB  CG2  sing N N 220 
ILE CB  HB   sing N N 221 
ILE CG1 CD1  sing N N 222 
ILE CG1 HG12 sing N N 223 
ILE CG1 HG13 sing N N 224 
ILE CG2 HG21 sing N N 225 
ILE CG2 HG22 sing N N 226 
ILE CG2 HG23 sing N N 227 
ILE CD1 HD11 sing N N 228 
ILE CD1 HD12 sing N N 229 
ILE CD1 HD13 sing N N 230 
ILE OXT HXT  sing N N 231 
LEU N   CA   sing N N 232 
LEU N   H    sing N N 233 
LEU N   H2   sing N N 234 
LEU CA  C    sing N N 235 
LEU CA  CB   sing N N 236 
LEU CA  HA   sing N N 237 
LEU C   O    doub N N 238 
LEU C   OXT  sing N N 239 
LEU CB  CG   sing N N 240 
LEU CB  HB2  sing N N 241 
LEU CB  HB3  sing N N 242 
LEU CG  CD1  sing N N 243 
LEU CG  CD2  sing N N 244 
LEU CG  HG   sing N N 245 
LEU CD1 HD11 sing N N 246 
LEU CD1 HD12 sing N N 247 
LEU CD1 HD13 sing N N 248 
LEU CD2 HD21 sing N N 249 
LEU CD2 HD22 sing N N 250 
LEU CD2 HD23 sing N N 251 
LEU OXT HXT  sing N N 252 
LYS N   CA   sing N N 253 
LYS N   H    sing N N 254 
LYS N   H2   sing N N 255 
LYS CA  C    sing N N 256 
LYS CA  CB   sing N N 257 
LYS CA  HA   sing N N 258 
LYS C   O    doub N N 259 
LYS C   OXT  sing N N 260 
LYS CB  CG   sing N N 261 
LYS CB  HB2  sing N N 262 
LYS CB  HB3  sing N N 263 
LYS CG  CD   sing N N 264 
LYS CG  HG2  sing N N 265 
LYS CG  HG3  sing N N 266 
LYS CD  CE   sing N N 267 
LYS CD  HD2  sing N N 268 
LYS CD  HD3  sing N N 269 
LYS CE  NZ   sing N N 270 
LYS CE  HE2  sing N N 271 
LYS CE  HE3  sing N N 272 
LYS NZ  HZ1  sing N N 273 
LYS NZ  HZ2  sing N N 274 
LYS NZ  HZ3  sing N N 275 
LYS OXT HXT  sing N N 276 
MET N   CA   sing N N 277 
MET N   H    sing N N 278 
MET N   H2   sing N N 279 
MET CA  C    sing N N 280 
MET CA  CB   sing N N 281 
MET CA  HA   sing N N 282 
MET C   O    doub N N 283 
MET C   OXT  sing N N 284 
MET CB  CG   sing N N 285 
MET CB  HB2  sing N N 286 
MET CB  HB3  sing N N 287 
MET CG  SD   sing N N 288 
MET CG  HG2  sing N N 289 
MET CG  HG3  sing N N 290 
MET SD  CE   sing N N 291 
MET CE  HE1  sing N N 292 
MET CE  HE2  sing N N 293 
MET CE  HE3  sing N N 294 
MET OXT HXT  sing N N 295 
PHE N   CA   sing N N 296 
PHE N   H    sing N N 297 
PHE N   H2   sing N N 298 
PHE CA  C    sing N N 299 
PHE CA  CB   sing N N 300 
PHE CA  HA   sing N N 301 
PHE C   O    doub N N 302 
PHE C   OXT  sing N N 303 
PHE CB  CG   sing N N 304 
PHE CB  HB2  sing N N 305 
PHE CB  HB3  sing N N 306 
PHE CG  CD1  doub Y N 307 
PHE CG  CD2  sing Y N 308 
PHE CD1 CE1  sing Y N 309 
PHE CD1 HD1  sing N N 310 
PHE CD2 CE2  doub Y N 311 
PHE CD2 HD2  sing N N 312 
PHE CE1 CZ   doub Y N 313 
PHE CE1 HE1  sing N N 314 
PHE CE2 CZ   sing Y N 315 
PHE CE2 HE2  sing N N 316 
PHE CZ  HZ   sing N N 317 
PHE OXT HXT  sing N N 318 
PRO N   CA   sing N N 319 
PRO N   CD   sing N N 320 
PRO N   H    sing N N 321 
PRO CA  C    sing N N 322 
PRO CA  CB   sing N N 323 
PRO CA  HA   sing N N 324 
PRO C   O    doub N N 325 
PRO C   OXT  sing N N 326 
PRO CB  CG   sing N N 327 
PRO CB  HB2  sing N N 328 
PRO CB  HB3  sing N N 329 
PRO CG  CD   sing N N 330 
PRO CG  HG2  sing N N 331 
PRO CG  HG3  sing N N 332 
PRO CD  HD2  sing N N 333 
PRO CD  HD3  sing N N 334 
PRO OXT HXT  sing N N 335 
SER N   CA   sing N N 336 
SER N   H    sing N N 337 
SER N   H2   sing N N 338 
SER CA  C    sing N N 339 
SER CA  CB   sing N N 340 
SER CA  HA   sing N N 341 
SER C   O    doub N N 342 
SER C   OXT  sing N N 343 
SER CB  OG   sing N N 344 
SER CB  HB2  sing N N 345 
SER CB  HB3  sing N N 346 
SER OG  HG   sing N N 347 
SER OXT HXT  sing N N 348 
SO4 S   O1   doub N N 349 
SO4 S   O2   doub N N 350 
SO4 S   O3   sing N N 351 
SO4 S   O4   sing N N 352 
THR N   CA   sing N N 353 
THR N   H    sing N N 354 
THR N   H2   sing N N 355 
THR CA  C    sing N N 356 
THR CA  CB   sing N N 357 
THR CA  HA   sing N N 358 
THR C   O    doub N N 359 
THR C   OXT  sing N N 360 
THR CB  OG1  sing N N 361 
THR CB  CG2  sing N N 362 
THR CB  HB   sing N N 363 
THR OG1 HG1  sing N N 364 
THR CG2 HG21 sing N N 365 
THR CG2 HG22 sing N N 366 
THR CG2 HG23 sing N N 367 
THR OXT HXT  sing N N 368 
TRP N   CA   sing N N 369 
TRP N   H    sing N N 370 
TRP N   H2   sing N N 371 
TRP CA  C    sing N N 372 
TRP CA  CB   sing N N 373 
TRP CA  HA   sing N N 374 
TRP C   O    doub N N 375 
TRP C   OXT  sing N N 376 
TRP CB  CG   sing N N 377 
TRP CB  HB2  sing N N 378 
TRP CB  HB3  sing N N 379 
TRP CG  CD1  doub Y N 380 
TRP CG  CD2  sing Y N 381 
TRP CD1 NE1  sing Y N 382 
TRP CD1 HD1  sing N N 383 
TRP CD2 CE2  doub Y N 384 
TRP CD2 CE3  sing Y N 385 
TRP NE1 CE2  sing Y N 386 
TRP NE1 HE1  sing N N 387 
TRP CE2 CZ2  sing Y N 388 
TRP CE3 CZ3  doub Y N 389 
TRP CE3 HE3  sing N N 390 
TRP CZ2 CH2  doub Y N 391 
TRP CZ2 HZ2  sing N N 392 
TRP CZ3 CH2  sing Y N 393 
TRP CZ3 HZ3  sing N N 394 
TRP CH2 HH2  sing N N 395 
TRP OXT HXT  sing N N 396 
TYR N   CA   sing N N 397 
TYR N   H    sing N N 398 
TYR N   H2   sing N N 399 
TYR CA  C    sing N N 400 
TYR CA  CB   sing N N 401 
TYR CA  HA   sing N N 402 
TYR C   O    doub N N 403 
TYR C   OXT  sing N N 404 
TYR CB  CG   sing N N 405 
TYR CB  HB2  sing N N 406 
TYR CB  HB3  sing N N 407 
TYR CG  CD1  doub Y N 408 
TYR CG  CD2  sing Y N 409 
TYR CD1 CE1  sing Y N 410 
TYR CD1 HD1  sing N N 411 
TYR CD2 CE2  doub Y N 412 
TYR CD2 HD2  sing N N 413 
TYR CE1 CZ   doub Y N 414 
TYR CE1 HE1  sing N N 415 
TYR CE2 CZ   sing Y N 416 
TYR CE2 HE2  sing N N 417 
TYR CZ  OH   sing N N 418 
TYR OH  HH   sing N N 419 
TYR OXT HXT  sing N N 420 
VAL N   CA   sing N N 421 
VAL N   H    sing N N 422 
VAL N   H2   sing N N 423 
VAL CA  C    sing N N 424 
VAL CA  CB   sing N N 425 
VAL CA  HA   sing N N 426 
VAL C   O    doub N N 427 
VAL C   OXT  sing N N 428 
VAL CB  CG1  sing N N 429 
VAL CB  CG2  sing N N 430 
VAL CB  HB   sing N N 431 
VAL CG1 HG11 sing N N 432 
VAL CG1 HG12 sing N N 433 
VAL CG1 HG13 sing N N 434 
VAL CG2 HG21 sing N N 435 
VAL CG2 HG22 sing N N 436 
VAL CG2 HG23 sing N N 437 
VAL OXT HXT  sing N N 438 
# 
_atom_sites.entry_id                    1P01 
_atom_sites.fract_transf_matrix[1][1]   -0.01601926 
_atom_sites.fract_transf_matrix[1][2]   0.00121044 
_atom_sites.fract_transf_matrix[1][3]   0.00669968 
_atom_sites.fract_transf_matrix[2][1]   -0.01342402 
_atom_sites.fract_transf_matrix[2][2]   -0.00753214 
_atom_sites.fract_transf_matrix[2][3]   -0.00812597 
_atom_sites.fract_transf_matrix[3][1]   0.00192808 
_atom_sites.fract_transf_matrix[3][2]   -0.01044597 
_atom_sites.fract_transf_matrix[3][3]   0.00649743 
_atom_sites.fract_transf_vector[1]      0.597486 
_atom_sites.fract_transf_vector[2]      0.480235 
_atom_sites.fract_transf_vector[3]      0.183493 
# 
_atom_sites_footnote.id     1 
_atom_sites_footnote.text   'RESIDUE 99A IS A CIS PROLINE.' 
# 
loop_
_atom_type.symbol 
B 
C 
N 
O 
S 
# 
loop_
_atom_site.group_PDB 
_atom_site.id 
_atom_site.type_symbol 
_atom_site.label_atom_id 
_atom_site.label_alt_id 
_atom_site.label_comp_id 
_atom_site.label_asym_id 
_atom_site.label_entity_id 
_atom_site.label_seq_id 
_atom_site.pdbx_PDB_ins_code 
_atom_site.Cartn_x 
_atom_site.Cartn_y 
_atom_site.Cartn_z 
_atom_site.occupancy 
_atom_site.B_iso_or_equiv 
_atom_site.pdbx_formal_charge 
_atom_site.auth_seq_id 
_atom_site.auth_comp_id 
_atom_site.auth_asym_id 
_atom_site.auth_atom_id 
_atom_site.pdbx_PDB_model_num 
ATOM   1    N N   . ALA A 1 1   A 12.781  13.525  3.312   1.00 9.22  ? 15  ALA A N   1 
ATOM   2    C CA  . ALA A 1 1   A 11.611  13.533  2.387   1.00 9.67  ? 15  ALA A CA  1 
ATOM   3    C C   . ALA A 1 1   A 10.369  13.573  3.282   1.00 10.49 ? 15  ALA A C   1 
ATOM   4    O O   . ALA A 1 1   A 10.616  13.080  4.415   1.00 9.21  ? 15  ALA A O   1 
ATOM   5    C CB  . ALA A 1 1   A 11.564  12.240  1.551   1.00 7.51  ? 15  ALA A CB  1 
ATOM   6    N N   . ASN A 1 2   B 9.248   14.098  2.786   1.00 9.36  ? 15  ASN A N   1 
ATOM   7    C CA  . ASN A 1 2   B 8.008   14.088  3.550   1.00 8.94  ? 15  ASN A CA  1 
ATOM   8    C C   . ASN A 1 2   B 7.360   12.727  3.199   1.00 9.71  ? 15  ASN A C   1 
ATOM   9    O O   . ASN A 1 2   B 7.259   12.504  1.970   1.00 8.34  ? 15  ASN A O   1 
ATOM   10   C CB  . ASN A 1 2   B 7.082   15.249  3.120   1.00 7.34  ? 15  ASN A CB  1 
ATOM   11   C CG  . ASN A 1 2   B 7.557   16.506  3.827   1.00 9.80  ? 15  ASN A CG  1 
ATOM   12   O OD1 . ASN A 1 2   B 8.663   16.526  4.421   1.00 10.63 ? 15  ASN A OD1 1 
ATOM   13   N ND2 . ASN A 1 2   B 6.872   17.629  3.856   1.00 10.48 ? 15  ASN A ND2 1 
ATOM   14   N N   . ILE A 1 3   ? 6.996   11.921  4.203   1.00 8.29  ? 16  ILE A N   1 
ATOM   15   C CA  . ILE A 1 3   ? 6.436   10.603  3.805   1.00 5.71  ? 16  ILE A CA  1 
ATOM   16   C C   . ILE A 1 3   ? 4.920   10.705  3.769   1.00 7.82  ? 16  ILE A C   1 
ATOM   17   O O   . ILE A 1 3   ? 4.338   10.945  4.862   1.00 8.38  ? 16  ILE A O   1 
ATOM   18   C CB  . ILE A 1 3   ? 6.853   9.607   4.908   1.00 5.42  ? 16  ILE A CB  1 
ATOM   19   C CG1 . ILE A 1 3   ? 8.385   9.636   4.970   1.00 5.45  ? 16  ILE A CG1 1 
ATOM   20   C CG2 . ILE A 1 3   ? 6.236   8.223   4.706   1.00 4.64  ? 16  ILE A CG2 1 
ATOM   21   C CD1 . ILE A 1 3   ? 9.118   9.230   3.685   1.00 7.24  ? 16  ILE A CD1 1 
ATOM   22   N N   . VAL A 1 4   ? 4.331   10.512  2.601   1.00 6.72  ? 17  VAL A N   1 
ATOM   23   C CA  . VAL A 1 4   ? 2.890   10.566  2.390   1.00 8.93  ? 17  VAL A CA  1 
ATOM   24   C C   . VAL A 1 4   ? 2.388   9.292   1.691   1.00 7.39  ? 17  VAL A C   1 
ATOM   25   O O   . VAL A 1 4   ? 3.142   8.802   0.819   1.00 6.46  ? 17  VAL A O   1 
ATOM   26   C CB  . VAL A 1 4   ? 2.648   11.784  1.412   1.00 10.65 ? 17  VAL A CB  1 
ATOM   27   C CG1 . VAL A 1 4   ? 1.217   11.836  0.939   1.00 10.94 ? 17  VAL A CG1 1 
ATOM   28   C CG2 . VAL A 1 4   ? 3.032   13.082  2.079   1.00 11.52 ? 17  VAL A CG2 1 
ATOM   29   N N   . GLY A 1 5   ? 1.208   8.845   2.066   1.00 5.57  ? 18  GLY A N   1 
ATOM   30   C CA  . GLY A 1 5   ? 0.713   7.585   1.408   1.00 7.24  ? 18  GLY A CA  1 
ATOM   31   C C   . GLY A 1 5   ? 0.583   7.818   -0.092  1.00 7.48  ? 18  GLY A C   1 
ATOM   32   O O   . GLY A 1 5   ? 0.110   8.915   -0.479  1.00 9.32  ? 18  GLY A O   1 
ATOM   33   N N   . GLY A 1 6   ? 0.946   6.854   -0.909  1.00 8.08  ? 19  GLY A N   1 
ATOM   34   C CA  . GLY A 1 6   ? 0.770   6.993   -2.373  1.00 7.18  ? 19  GLY A CA  1 
ATOM   35   C C   . GLY A 1 6   ? 1.973   7.391   -3.204  1.00 7.58  ? 19  GLY A C   1 
ATOM   36   O O   . GLY A 1 6   ? 1.841   7.191   -4.457  1.00 8.99  ? 19  GLY A O   1 
ATOM   37   N N   . ILE A 1 7   ? 3.006   7.950   -2.575  1.00 4.97  ? 29  ILE A N   1 
ATOM   38   C CA  . ILE A 1 7   ? 4.129   8.443   -3.375  1.00 5.67  ? 29  ILE A CA  1 
ATOM   39   C C   . ILE A 1 7   ? 5.078   7.360   -3.818  1.00 7.73  ? 29  ILE A C   1 
ATOM   40   O O   . ILE A 1 7   ? 5.148   6.304   -3.150  1.00 5.96  ? 29  ILE A O   1 
ATOM   41   C CB  . ILE A 1 7   ? 4.899   9.601   -2.655  1.00 7.79  ? 29  ILE A CB  1 
ATOM   42   C CG1 . ILE A 1 7   ? 5.562   9.055   -1.374  1.00 7.76  ? 29  ILE A CG1 1 
ATOM   43   C CG2 . ILE A 1 7   ? 3.875   10.709  -2.231  1.00 6.68  ? 29  ILE A CG2 1 
ATOM   44   C CD1 . ILE A 1 7   ? 6.499   10.169  -0.773  1.00 8.82  ? 29  ILE A CD1 1 
ATOM   45   N N   . GLU A 1 8   ? 5.864   7.647   -4.879  1.00 7.04  ? 30  GLU A N   1 
ATOM   46   C CA  . GLU A 1 8   ? 6.779   6.618   -5.383  1.00 6.34  ? 30  GLU A CA  1 
ATOM   47   C C   . GLU A 1 8   ? 8.031   6.477   -4.555  1.00 9.22  ? 30  GLU A C   1 
ATOM   48   O O   . GLU A 1 8   ? 8.514   7.483   -4.014  1.00 7.61  ? 30  GLU A O   1 
ATOM   49   C CB  . GLU A 1 8   ? 7.284   7.248   -6.687  1.00 6.18  ? 30  GLU A CB  1 
ATOM   50   C CG  . GLU A 1 8   ? 8.283   6.274   -7.330  1.00 7.75  ? 30  GLU A CG  1 
ATOM   51   C CD  . GLU A 1 8   ? 8.578   6.906   -8.682  1.00 12.92 ? 30  GLU A CD  1 
ATOM   52   O OE1 . GLU A 1 8   ? 9.656   7.374   -8.965  1.00 15.67 ? 30  GLU A OE1 1 
ATOM   53   O OE2 . GLU A 1 8   ? 7.719   7.011   -9.562  1.00 12.90 ? 30  GLU A OE2 1 
ATOM   54   N N   . TYR A 1 9   ? 8.598   5.255   -4.526  1.00 9.19  ? 31  TYR A N   1 
ATOM   55   C CA  . TYR A 1 9   ? 9.910   5.079   -3.846  1.00 6.73  ? 31  TYR A CA  1 
ATOM   56   C C   . TYR A 1 9   ? 10.517  3.991   -4.726  1.00 8.50  ? 31  TYR A C   1 
ATOM   57   O O   . TYR A 1 9   ? 9.686   3.240   -5.326  1.00 7.33  ? 31  TYR A O   1 
ATOM   58   C CB  . TYR A 1 9   ? 9.833   4.776   -2.350  1.00 6.90  ? 31  TYR A CB  1 
ATOM   59   C CG  . TYR A 1 9   ? 9.379   3.382   -2.019  1.00 6.05  ? 31  TYR A CG  1 
ATOM   60   C CD1 . TYR A 1 9   ? 10.251  2.327   -1.777  1.00 6.09  ? 31  TYR A CD1 1 
ATOM   61   C CD2 . TYR A 1 9   ? 8.006   3.143   -1.933  1.00 6.97  ? 31  TYR A CD2 1 
ATOM   62   C CE1 . TYR A 1 9   ? 9.725   1.060   -1.460  1.00 4.65  ? 31  TYR A CE1 1 
ATOM   63   C CE2 . TYR A 1 9   ? 7.448   1.905   -1.614  1.00 5.81  ? 31  TYR A CE2 1 
ATOM   64   C CZ  . TYR A 1 9   ? 8.356   0.871   -1.397  1.00 7.08  ? 31  TYR A CZ  1 
ATOM   65   O OH  . TYR A 1 9   ? 7.839   -0.377  -1.133  1.00 6.96  ? 31  TYR A OH  1 
ATOM   66   N N   . SER A 1 10  ? 11.828  3.885   -4.788  1.00 7.91  ? 32  SER A N   1 
ATOM   67   C CA  . SER A 1 10  ? 12.491  2.827   -5.569  1.00 8.85  ? 32  SER A CA  1 
ATOM   68   C C   . SER A 1 10  ? 13.187  1.867   -4.574  1.00 10.87 ? 32  SER A C   1 
ATOM   69   O O   . SER A 1 10  ? 13.519  2.284   -3.433  1.00 10.91 ? 32  SER A O   1 
ATOM   70   C CB  . SER A 1 10  ? 13.508  3.437   -6.546  1.00 9.89  ? 32  SER A CB  1 
ATOM   71   O OG  . SER A 1 10  ? 14.628  4.038   -5.839  1.00 11.75 ? 32  SER A OG  1 
ATOM   72   N N   . ILE A 1 11  ? 13.437  0.638   -5.023  1.00 10.13 ? 33  ILE A N   1 
ATOM   73   C CA  . ILE A 1 11  ? 14.109  -0.383  -4.175  1.00 9.81  ? 33  ILE A CA  1 
ATOM   74   C C   . ILE A 1 11  ? 15.429  -0.792  -4.851  1.00 11.54 ? 33  ILE A C   1 
ATOM   75   O O   . ILE A 1 11  ? 15.309  -1.250  -6.037  1.00 10.71 ? 33  ILE A O   1 
ATOM   76   C CB  . ILE A 1 11  ? 13.089  -1.592  -4.027  1.00 8.57  ? 33  ILE A CB  1 
ATOM   77   C CG1 . ILE A 1 11  ? 11.766  -1.068  -3.464  1.00 5.88  ? 33  ILE A CG1 1 
ATOM   78   C CG2 . ILE A 1 11  ? 13.660  -2.664  -3.044  1.00 9.35  ? 33  ILE A CG2 1 
ATOM   79   C CD1 . ILE A 1 11  ? 10.642  -0.732  -4.463  1.00 6.38  ? 33  ILE A CD1 1 
ATOM   80   N N   . ASN A 1 12  ? 16.559  -0.644  -4.182  1.00 9.33  ? 34  ASN A N   1 
ATOM   81   C CA  . ASN A 1 12  ? 17.831  -0.988  -4.768  1.00 10.90 ? 34  ASN A CA  1 
ATOM   82   C C   . ASN A 1 12  ? 18.024  -0.387  -6.165  1.00 11.89 ? 34  ASN A C   1 
ATOM   83   O O   . ASN A 1 12  ? 18.550  -1.107  -7.079  1.00 10.33 ? 34  ASN A O   1 
ATOM   84   C CB  . ASN A 1 12  ? 17.898  -2.513  -4.810  1.00 12.49 ? 34  ASN A CB  1 
ATOM   85   C CG  . ASN A 1 12  ? 18.080  -3.027  -3.390  1.00 15.72 ? 34  ASN A CG  1 
ATOM   86   O OD1 . ASN A 1 12  ? 18.498  -2.282  -2.464  1.00 14.61 ? 34  ASN A OD1 1 
ATOM   87   N ND2 . ASN A 1 12  ? 17.810  -4.319  -3.226  1.00 15.75 ? 34  ASN A ND2 1 
ATOM   88   N N   . ASN A 1 13  ? 17.623  0.862   -6.332  1.00 11.31 ? 35  ASN A N   1 
ATOM   89   C CA  . ASN A 1 13  ? 17.741  1.516   -7.638  1.00 12.22 ? 35  ASN A CA  1 
ATOM   90   C C   . ASN A 1 13  ? 17.155  0.771   -8.822  1.00 13.59 ? 35  ASN A C   1 
ATOM   91   O O   . ASN A 1 13  ? 17.611  1.014   -9.993  1.00 12.94 ? 35  ASN A O   1 
ATOM   92   C CB  . ASN A 1 13  ? 19.252  1.636   -7.895  1.00 13.97 ? 35  ASN A CB  1 
ATOM   93   C CG  . ASN A 1 13  ? 19.709  2.972   -7.340  1.00 17.81 ? 35  ASN A CG  1 
ATOM   94   O OD1 . ASN A 1 13  ? 18.903  3.939   -7.404  1.00 18.48 ? 35  ASN A OD1 1 
ATOM   95   N ND2 . ASN A 1 13  ? 20.977  2.894   -6.941  1.00 18.41 ? 35  ASN A ND2 1 
ATOM   96   N N   . ALA A 1 14  ? 16.164  -0.096  -8.542  1.00 12.92 ? 39  ALA A N   1 
ATOM   97   C CA  . ALA A 1 14  ? 15.528  -0.845  -9.670  1.00 12.42 ? 39  ALA A CA  1 
ATOM   98   C C   . ALA A 1 14  ? 13.996  -0.742  -9.703  1.00 12.45 ? 39  ALA A C   1 
ATOM   99   O O   . ALA A 1 14  ? 13.451  0.075   -10.466 1.00 15.09 ? 39  ALA A O   1 
ATOM   100  C CB  . ALA A 1 14  ? 15.953  -2.318  -9.705  1.00 9.78  ? 39  ALA A CB  1 
ATOM   101  N N   . SER A 1 15  ? 13.307  -1.504  -8.904  1.00 9.91  ? 40  SER A N   1 
ATOM   102  C CA  . SER A 1 15  ? 11.856  -1.506  -8.887  1.00 11.32 ? 40  SER A CA  1 
ATOM   103  C C   . SER A 1 15  ? 11.255  -0.238  -8.268  1.00 8.15  ? 40  SER A C   1 
ATOM   104  O O   . SER A 1 15  ? 11.937  0.374   -7.494  1.00 7.56  ? 40  SER A O   1 
ATOM   105  C CB  . SER A 1 15  ? 11.456  -2.690  -7.982  1.00 12.98 ? 40  SER A CB  1 
ATOM   106  O OG  . SER A 1 15  ? 11.706  -3.896  -8.718  1.00 18.56 ? 40  SER A OG  1 
ATOM   107  N N   . LEU A 1 16  ? 10.013  0.023   -8.602  1.00 6.79  ? 41  LEU A N   1 
ATOM   108  C CA  . LEU A 1 16  ? 9.284   1.163   -8.026  1.00 8.92  ? 41  LEU A CA  1 
ATOM   109  C C   . LEU A 1 16  ? 8.075   0.548   -7.290  1.00 7.77  ? 41  LEU A C   1 
ATOM   110  O O   . LEU A 1 16  ? 7.555   -0.472  -7.786  1.00 6.89  ? 41  LEU A O   1 
ATOM   111  C CB  . LEU A 1 16  ? 8.723   2.110   -9.125  1.00 8.42  ? 41  LEU A CB  1 
ATOM   112  C CG  . LEU A 1 16  ? 9.792   2.684   -10.039 1.00 9.58  ? 41  LEU A CG  1 
ATOM   113  C CD1 . LEU A 1 16  ? 9.150   3.640   -11.009 1.00 8.23  ? 41  LEU A CD1 1 
ATOM   114  C CD2 . LEU A 1 16  ? 10.792  3.429   -9.161  1.00 9.72  ? 41  LEU A CD2 1 
ATOM   115  N N   . CYS A 1 17  ? 7.767   1.144   -6.195  1.00 4.45  ? 42  CYS A N   1 
ATOM   116  C CA  . CYS A 1 17  ? 6.526   0.819   -5.470  1.00 5.45  ? 42  CYS A CA  1 
ATOM   117  C C   . CYS A 1 17  ? 5.922   2.148   -4.932  1.00 6.05  ? 42  CYS A C   1 
ATOM   118  O O   . CYS A 1 17  ? 6.542   3.233   -5.093  1.00 8.07  ? 42  CYS A O   1 
ATOM   119  C CB  . CYS A 1 17  ? 6.763   -0.210  -4.388  1.00 3.76  ? 42  CYS A CB  1 
ATOM   120  S SG  . CYS A 1 17  ? 6.734   -1.897  -5.081  1.00 8.99  ? 42  CYS A SG  1 
ATOM   121  N N   . SER A 1 18  ? 4.805   2.030   -4.238  1.00 3.05  ? 43  SER A N   1 
ATOM   122  C CA  . SER A 1 18  ? 4.214   3.243   -3.635  1.00 4.55  ? 43  SER A CA  1 
ATOM   123  C C   . SER A 1 18  ? 4.222   3.119   -2.092  1.00 5.74  ? 43  SER A C   1 
ATOM   124  O O   . SER A 1 18  ? 4.050   1.977   -1.602  1.00 5.20  ? 43  SER A O   1 
ATOM   125  C CB  . SER A 1 18  ? 2.771   3.416   -4.057  1.00 3.77  ? 43  SER A CB  1 
ATOM   126  O OG  . SER A 1 18  ? 2.793   3.449   -5.473  1.00 6.59  ? 43  SER A OG  1 
ATOM   127  N N   . VAL A 1 19  ? 4.284   4.277   -1.413  1.00 6.19  ? 44  VAL A N   1 
ATOM   128  C CA  . VAL A 1 19  ? 4.247   4.196   0.072   1.00 5.76  ? 44  VAL A CA  1 
ATOM   129  C C   . VAL A 1 19  ? 2.805   3.886   0.494   1.00 5.26  ? 44  VAL A C   1 
ATOM   130  O O   . VAL A 1 19  ? 1.852   4.447   -0.087  1.00 4.58  ? 44  VAL A O   1 
ATOM   131  C CB  . VAL A 1 19  ? 4.702   5.581   0.593   1.00 8.19  ? 44  VAL A CB  1 
ATOM   132  C CG1 . VAL A 1 19  ? 4.434   5.764   2.097   1.00 6.87  ? 44  VAL A CG1 1 
ATOM   133  C CG2 . VAL A 1 19  ? 6.138   5.954   0.259   1.00 8.10  ? 44  VAL A CG2 1 
ATOM   134  N N   . GLY A 1 20  ? 2.655   3.079   1.537   1.00 3.56  ? 45  GLY A N   1 
ATOM   135  C CA  . GLY A 1 20  ? 1.330   2.774   2.060   1.00 3.42  ? 45  GLY A CA  1 
ATOM   136  C C   . GLY A 1 20  ? 0.964   3.842   3.118   1.00 4.42  ? 45  GLY A C   1 
ATOM   137  O O   . GLY A 1 20  ? 0.134   4.693   2.836   1.00 2.58  ? 45  GLY A O   1 
ATOM   138  N N   . PHE A 1 21  ? 1.480   3.688   4.350   1.00 4.19  ? 46  PHE A N   1 
ATOM   139  C CA  . PHE A 1 21  ? 1.199   4.620   5.433   1.00 4.19  ? 46  PHE A CA  1 
ATOM   140  C C   . PHE A 1 21  ? 2.380   4.879   6.366   1.00 5.62  ? 46  PHE A C   1 
ATOM   141  O O   . PHE A 1 21  ? 3.131   3.901   6.628   1.00 6.37  ? 46  PHE A O   1 
ATOM   142  C CB  . PHE A 1 21  ? 0.141   4.071   6.434   1.00 5.68  ? 46  PHE A CB  1 
ATOM   143  C CG  . PHE A 1 21  ? -1.152  3.824   5.694   1.00 7.55  ? 46  PHE A CG  1 
ATOM   144  C CD1 . PHE A 1 21  ? -2.005  4.907   5.420   1.00 7.02  ? 46  PHE A CD1 1 
ATOM   145  C CD2 . PHE A 1 21  ? -1.433  2.518   5.261   1.00 6.73  ? 46  PHE A CD2 1 
ATOM   146  C CE1 . PHE A 1 21  ? -3.199  4.670   4.718   1.00 6.36  ? 46  PHE A CE1 1 
ATOM   147  C CE2 . PHE A 1 21  ? -2.611  2.282   4.520   1.00 6.32  ? 46  PHE A CE2 1 
ATOM   148  C CZ  . PHE A 1 21  ? -3.470  3.361   4.269   1.00 6.04  ? 46  PHE A CZ  1 
ATOM   149  N N   . SER A 1 22  ? 2.508   6.095   6.857   1.00 5.48  ? 47  SER A N   1 
ATOM   150  C CA  . SER A 1 22  ? 3.529   6.432   7.836   1.00 5.04  ? 47  SER A CA  1 
ATOM   151  C C   . SER A 1 22  ? 3.126   5.723   9.159   1.00 6.40  ? 47  SER A C   1 
ATOM   152  O O   . SER A 1 22  ? 1.951   5.797   9.614   1.00 6.24  ? 47  SER A O   1 
ATOM   153  C CB  . SER A 1 22  ? 3.276   7.908   8.162   1.00 6.61  ? 47  SER A CB  1 
ATOM   154  O OG  . SER A 1 22  ? 3.797   8.663   7.011   1.00 8.35  ? 47  SER A OG  1 
ATOM   155  N N   . VAL A 1 23  ? 4.143   5.178   9.829   1.00 6.42  ? 48  VAL A N   1 
ATOM   156  C CA  . VAL A 1 23  ? 3.909   4.503   11.128  1.00 6.88  ? 48  VAL A CA  1 
ATOM   157  C C   . VAL A 1 23  ? 5.134   4.694   12.062  1.00 8.87  ? 48  VAL A C   1 
ATOM   158  O O   . VAL A 1 23  ? 6.163   5.115   11.490  1.00 7.74  ? 48  VAL A O   1 
ATOM   159  C CB  . VAL A 1 23  ? 3.854   2.969   10.931  1.00 5.78  ? 48  VAL A CB  1 
ATOM   160  C CG1 . VAL A 1 23  ? 2.575   2.552   10.254  1.00 5.52  ? 48  VAL A CG1 1 
ATOM   161  C CG2 . VAL A 1 23  ? 5.109   2.366   10.225  1.00 4.45  ? 48  VAL A CG2 1 
ATOM   162  N N   . THR A 1 24  A 4.946   4.347   13.349  1.00 8.14  ? 48  THR A N   1 
ATOM   163  C CA  . THR A 1 24  A 6.187   4.412   14.171  1.00 8.29  ? 48  THR A CA  1 
ATOM   164  C C   . THR A 1 24  A 6.235   3.039   14.912  1.00 10.68 ? 48  THR A C   1 
ATOM   165  O O   . THR A 1 24  A 5.174   2.369   15.084  1.00 8.80  ? 48  THR A O   1 
ATOM   166  C CB  . THR A 1 24  A 6.174   5.529   15.254  1.00 9.92  ? 48  THR A CB  1 
ATOM   167  O OG1 . THR A 1 24  A 4.989   5.321   16.079  1.00 8.69  ? 48  THR A OG1 1 
ATOM   168  C CG2 . THR A 1 24  A 6.173   6.954   14.677  1.00 10.12 ? 48  THR A CG2 1 
ATOM   169  N N   . ARG A 1 25  B 7.470   2.761   15.358  1.00 11.21 ? 48  ARG A N   1 
ATOM   170  C CA  . ARG A 1 25  B 7.690   1.551   16.214  1.00 11.90 ? 48  ARG A CA  1 
ATOM   171  C C   . ARG A 1 25  B 8.605   2.084   17.324  1.00 10.00 ? 48  ARG A C   1 
ATOM   172  O O   . ARG A 1 25  B 9.829   2.115   17.171  1.00 11.03 ? 48  ARG A O   1 
ATOM   173  C CB  . ARG A 1 25  B 8.366   0.552   15.287  1.00 15.55 ? 48  ARG A CB  1 
ATOM   174  C CG  . ARG A 1 25  B 8.002   -0.864  15.803  1.00 22.74 ? 48  ARG A CG  1 
ATOM   175  C CD  . ARG A 1 25  B 9.270   -1.235  16.483  1.00 27.17 ? 48  ARG A CD  1 
ATOM   176  N NE  . ARG A 1 25  B 9.630   -2.480  15.875  1.00 30.97 ? 48  ARG A NE  1 
ATOM   177  C CZ  . ARG A 1 25  B 10.859  -2.924  15.623  1.00 33.81 ? 48  ARG A CZ  1 
ATOM   178  N NH1 . ARG A 1 25  B 10.693  -4.218  15.300  1.00 36.14 ? 48  ARG A NH1 1 
ATOM   179  N NH2 . ARG A 1 25  B 11.993  -2.236  15.595  1.00 34.25 ? 48  ARG A NH2 1 
ATOM   180  N N   . GLY A 1 26  C 8.029   2.590   18.361  1.00 9.68  ? 48  GLY A N   1 
ATOM   181  C CA  . GLY A 1 26  C 8.714   3.231   19.507  1.00 10.30 ? 48  GLY A CA  1 
ATOM   182  C C   . GLY A 1 26  C 9.300   4.473   18.844  1.00 12.81 ? 48  GLY A C   1 
ATOM   183  O O   . GLY A 1 26  C 8.570   5.113   18.022  1.00 13.44 ? 48  GLY A O   1 
ATOM   184  N N   . ALA A 1 27  D 10.573  4.797   19.070  1.00 11.51 ? 48  ALA A N   1 
ATOM   185  C CA  . ALA A 1 27  D 11.161  5.976   18.434  1.00 11.34 ? 48  ALA A CA  1 
ATOM   186  C C   . ALA A 1 27  D 11.504  5.797   16.951  1.00 13.37 ? 48  ALA A C   1 
ATOM   187  O O   . ALA A 1 27  D 12.025  6.774   16.353  1.00 13.23 ? 48  ALA A O   1 
ATOM   188  C CB  . ALA A 1 27  D 12.402  6.240   19.289  1.00 11.87 ? 48  ALA A CB  1 
ATOM   189  N N   . THR A 1 28  ? 11.292  4.591   16.358  1.00 11.15 ? 49  THR A N   1 
ATOM   190  C CA  . THR A 1 28  ? 11.681  4.429   14.939  1.00 11.23 ? 49  THR A CA  1 
ATOM   191  C C   . THR A 1 28  ? 10.562  4.897   13.997  1.00 10.26 ? 49  THR A C   1 
ATOM   192  O O   . THR A 1 28  ? 9.402   4.553   14.251  1.00 10.70 ? 49  THR A O   1 
ATOM   193  C CB  . THR A 1 28  ? 11.947  2.891   14.616  1.00 12.05 ? 49  THR A CB  1 
ATOM   194  O OG1 . THR A 1 28  ? 12.924  2.502   15.653  1.00 12.87 ? 49  THR A OG1 1 
ATOM   195  C CG2 . THR A 1 28  ? 12.484  2.640   13.214  1.00 11.43 ? 49  THR A CG2 1 
ATOM   196  N N   . LYS A 1 29  ? 10.936  5.620   12.973  1.00 8.66  ? 50  LYS A N   1 
ATOM   197  C CA  . LYS A 1 29  ? 9.931   6.081   11.971  1.00 8.50  ? 50  LYS A CA  1 
ATOM   198  C C   . LYS A 1 29  ? 9.936   4.997   10.875  1.00 8.35  ? 50  LYS A C   1 
ATOM   199  O O   . LYS A 1 29  ? 10.995  4.349   10.622  1.00 7.52  ? 50  LYS A O   1 
ATOM   200  C CB  . LYS A 1 29  ? 10.505  7.390   11.365  1.00 7.63  ? 50  LYS A CB  1 
ATOM   201  C CG  . LYS A 1 29  ? 10.632  8.467   12.478  1.00 9.64  ? 50  LYS A CG  1 
ATOM   202  C CD  . LYS A 1 29  ? 10.972  9.754   11.669  1.00 10.73 ? 50  LYS A CD  1 
ATOM   203  C CE  . LYS A 1 29  ? 11.354  10.856  12.624  1.00 13.54 ? 50  LYS A CE  1 
ATOM   204  N NZ  . LYS A 1 29  ? 11.670  12.194  11.988  1.00 11.82 ? 50  LYS A NZ  1 
ATOM   205  N N   . GLY A 1 30  ? 8.809   4.823   10.198  1.00 8.85  ? 51  GLY A N   1 
ATOM   206  C CA  . GLY A 1 30  ? 8.760   3.834   9.092   1.00 8.21  ? 51  GLY A CA  1 
ATOM   207  C C   . GLY A 1 30  ? 7.506   4.039   8.220   1.00 9.09  ? 51  GLY A C   1 
ATOM   208  O O   . GLY A 1 30  ? 6.722   4.980   8.480   1.00 8.15  ? 51  GLY A O   1 
ATOM   209  N N   . PHE A 1 31  ? 7.386   3.190   7.196   1.00 6.48  ? 52  PHE A N   1 
ATOM   210  C CA  . PHE A 1 31  ? 6.134   3.209   6.419   1.00 7.17  ? 52  PHE A CA  1 
ATOM   211  C C   . PHE A 1 31  ? 5.812   1.748   6.119   1.00 5.65  ? 52  PHE A C   1 
ATOM   212  O O   . PHE A 1 31  ? 6.786   0.969   5.924   1.00 7.05  ? 52  PHE A O   1 
ATOM   213  C CB  . PHE A 1 31  ? 6.160   4.157   5.266   1.00 6.72  ? 52  PHE A CB  1 
ATOM   214  C CG  . PHE A 1 31  ? 7.085   3.776   4.135   1.00 8.16  ? 52  PHE A CG  1 
ATOM   215  C CD1 . PHE A 1 31  ? 6.695   2.738   3.254   1.00 7.79  ? 52  PHE A CD1 1 
ATOM   216  C CD2 . PHE A 1 31  ? 8.262   4.499   3.898   1.00 7.86  ? 52  PHE A CD2 1 
ATOM   217  C CE1 . PHE A 1 31  ? 7.455   2.402   2.138   1.00 5.80  ? 52  PHE A CE1 1 
ATOM   218  C CE2 . PHE A 1 31  ? 9.058   4.161   2.781   1.00 8.36  ? 52  PHE A CE2 1 
ATOM   219  C CZ  . PHE A 1 31  ? 8.643   3.104   1.926   1.00 7.62  ? 52  PHE A CZ  1 
ATOM   220  N N   . VAL A 1 32  ? 4.562   1.407   6.004   1.00 5.38  ? 53  VAL A N   1 
ATOM   221  C CA  . VAL A 1 32  ? 4.145   0.038   5.634   1.00 4.10  ? 53  VAL A CA  1 
ATOM   222  C C   . VAL A 1 32  ? 3.990   0.054   4.114   1.00 5.06  ? 53  VAL A C   1 
ATOM   223  O O   . VAL A 1 32  ? 3.649   1.139   3.579   1.00 4.70  ? 53  VAL A O   1 
ATOM   224  C CB  . VAL A 1 32  ? 2.899   -0.487  6.322   1.00 5.16  ? 53  VAL A CB  1 
ATOM   225  C CG1 . VAL A 1 32  ? 3.145   -0.510  7.853   1.00 6.77  ? 53  VAL A CG1 1 
ATOM   226  C CG2 . VAL A 1 32  ? 1.727   0.416   6.202   1.00 9.01  ? 53  VAL A CG2 1 
ATOM   227  N N   . THR A 1 33  ? 4.261   -1.071  3.487   1.00 4.99  ? 54  THR A N   1 
ATOM   228  C CA  . THR A 1 33  ? 4.179   -1.206  2.030   1.00 6.28  ? 54  THR A CA  1 
ATOM   229  C C   . THR A 1 33  ? 3.958   -2.670  1.690   1.00 7.79  ? 54  THR A C   1 
ATOM   230  O O   . THR A 1 33  ? 3.724   -3.423  2.661   1.00 7.97  ? 54  THR A O   1 
ATOM   231  C CB  . THR A 1 33  ? 5.524   -0.650  1.452   1.00 7.08  ? 54  THR A CB  1 
ATOM   232  O OG1 . THR A 1 33  ? 5.254   -0.440  0.002   1.00 6.99  ? 54  THR A OG1 1 
ATOM   233  C CG2 . THR A 1 33  ? 6.770   -1.534  1.686   1.00 7.27  ? 54  THR A CG2 1 
ATOM   234  N N   . ALA A 1 34  ? 4.052   -3.077  0.445   1.00 7.38  ? 55  ALA A N   1 
ATOM   235  C CA  . ALA A 1 34  ? 3.860   -4.483  0.051   1.00 6.78  ? 55  ALA A CA  1 
ATOM   236  C C   . ALA A 1 34  ? 5.107   -5.337  0.243   1.00 6.75  ? 55  ALA A C   1 
ATOM   237  O O   . ALA A 1 34  ? 6.157   -4.773  -0.021  1.00 5.57  ? 55  ALA A O   1 
ATOM   238  C CB  . ALA A 1 34  ? 3.371   -4.551  -1.406  1.00 7.34  ? 55  ALA A CB  1 
ATOM   239  N N   . GLY A 1 35  ? 4.961   -6.607  0.675   1.00 6.99  ? 56  GLY A N   1 
ATOM   240  C CA  . GLY A 1 35  ? 6.174   -7.402  0.891   1.00 5.83  ? 56  GLY A CA  1 
ATOM   241  C C   . GLY A 1 35  ? 6.846   -7.700  -0.446  1.00 5.88  ? 56  GLY A C   1 
ATOM   242  O O   . GLY A 1 35  ? 8.066   -7.778  -0.466  1.00 6.73  ? 56  GLY A O   1 
ATOM   243  N N   . HIS A 1 36  ? 6.039   -7.830  -1.489  1.00 7.79  ? 57  HIS A N   1 
ATOM   244  C CA  . HIS A 1 36  ? 6.729   -8.179  -2.766  1.00 9.41  ? 57  HIS A CA  1 
ATOM   245  C C   . HIS A 1 36  ? 7.546   -6.978  -3.193  1.00 10.02 ? 57  HIS A C   1 
ATOM   246  O O   . HIS A 1 36  ? 8.303   -7.321  -4.139  1.00 11.47 ? 57  HIS A O   1 
ATOM   247  C CB  . HIS A 1 36  ? 5.785   -8.727  -3.836  1.00 8.89  ? 57  HIS A CB  1 
ATOM   248  C CG  . HIS A 1 36  ? 4.944   -7.623  -4.453  1.00 10.78 ? 57  HIS A CG  1 
ATOM   249  N ND1 . HIS A 1 36  ? 3.625   -7.329  -4.085  1.00 12.24 ? 57  HIS A ND1 1 
ATOM   250  C CD2 . HIS A 1 36  ? 5.291   -6.782  -5.463  1.00 10.94 ? 57  HIS A CD2 1 
ATOM   251  C CE1 . HIS A 1 36  ? 3.158   -6.347  -4.884  1.00 11.34 ? 57  HIS A CE1 1 
ATOM   252  N NE2 . HIS A 1 36  ? 4.175   -6.010  -5.686  1.00 11.22 ? 57  HIS A NE2 1 
ATOM   253  N N   . CYS A 1 37  ? 7.444   -5.765  -2.681  1.00 7.31  ? 58  CYS A N   1 
ATOM   254  C CA  . CYS A 1 37  ? 8.330   -4.729  -3.237  1.00 7.50  ? 58  CYS A CA  1 
ATOM   255  C C   . CYS A 1 37  ? 9.820   -4.894  -2.928  1.00 9.52  ? 58  CYS A C   1 
ATOM   256  O O   . CYS A 1 37  ? 10.638  -4.297  -3.686  1.00 10.99 ? 58  CYS A O   1 
ATOM   257  C CB  . CYS A 1 37  ? 7.900   -3.341  -2.655  1.00 8.26  ? 58  CYS A CB  1 
ATOM   258  S SG  . CYS A 1 37  ? 6.229   -2.977  -3.398  1.00 10.19 ? 58  CYS A SG  1 
ATOM   259  N N   . GLY A 1 38  ? 10.226  -5.533  -1.842  1.00 9.99  ? 59  GLY A N   1 
ATOM   260  C CA  . GLY A 1 38  ? 11.657  -5.645  -1.512  1.00 11.32 ? 59  GLY A CA  1 
ATOM   261  C C   . GLY A 1 38  ? 12.043  -6.772  -0.565  1.00 12.21 ? 59  GLY A C   1 
ATOM   262  O O   . GLY A 1 38  ? 11.120  -7.298  0.053   1.00 14.35 ? 59  GLY A O   1 
ATOM   263  N N   . THR A 1 39  ? 13.300  -7.099  -0.406  1.00 11.06 ? 62  THR A N   1 
ATOM   264  C CA  . THR A 1 39  ? 13.663  -8.131  0.590   1.00 12.03 ? 62  THR A CA  1 
ATOM   265  C C   . THR A 1 39  ? 14.254  -7.370  1.754   1.00 12.30 ? 62  THR A C   1 
ATOM   266  O O   . THR A 1 39  ? 14.567  -6.162  1.580   1.00 12.33 ? 62  THR A O   1 
ATOM   267  C CB  . THR A 1 39  ? 14.777  -9.050  -0.049  1.00 14.04 ? 62  THR A CB  1 
ATOM   268  O OG1 . THR A 1 39  ? 15.622  -8.067  -0.750  1.00 15.25 ? 62  THR A OG1 1 
ATOM   269  C CG2 . THR A 1 39  ? 13.979  -9.861  -1.085  1.00 16.52 ? 62  THR A CG2 1 
ATOM   270  N N   . VAL A 1 40  ? 14.396  -8.060  2.869   1.00 13.33 ? 63  VAL A N   1 
ATOM   271  C CA  . VAL A 1 40  ? 14.930  -7.432  4.085   1.00 13.97 ? 63  VAL A CA  1 
ATOM   272  C C   . VAL A 1 40  ? 16.235  -6.751  3.723   1.00 15.60 ? 63  VAL A C   1 
ATOM   273  O O   . VAL A 1 40  ? 16.938  -7.337  2.894   1.00 16.10 ? 63  VAL A O   1 
ATOM   274  C CB  . VAL A 1 40  ? 15.065  -8.516  5.159   1.00 15.88 ? 63  VAL A CB  1 
ATOM   275  C CG1 . VAL A 1 40  ? 15.783  -7.836  6.322   1.00 17.06 ? 63  VAL A CG1 1 
ATOM   276  C CG2 . VAL A 1 40  ? 13.637  -8.891  5.577   1.00 18.18 ? 63  VAL A CG2 1 
ATOM   277  N N   . ASN A 1 41  ? 16.543  -5.602  4.243   1.00 14.51 ? 64  ASN A N   1 
ATOM   278  C CA  . ASN A 1 41  ? 17.707  -4.819  3.989   1.00 16.01 ? 64  ASN A CA  1 
ATOM   279  C C   . ASN A 1 41  ? 17.723  -4.186  2.608   1.00 14.56 ? 64  ASN A C   1 
ATOM   280  O O   . ASN A 1 41  ? 18.758  -3.494  2.488   1.00 16.25 ? 64  ASN A O   1 
ATOM   281  C CB  . ASN A 1 41  ? 19.067  -5.393  4.359   1.00 21.44 ? 64  ASN A CB  1 
ATOM   282  C CG  . ASN A 1 41  ? 19.090  -5.881  5.790   1.00 25.57 ? 64  ASN A CG  1 
ATOM   283  O OD1 . ASN A 1 41  ? 19.529  -7.036  5.945   1.00 29.91 ? 64  ASN A OD1 1 
ATOM   284  N ND2 . ASN A 1 41  ? 18.670  -5.200  6.845   1.00 27.74 ? 64  ASN A ND2 1 
ATOM   285  N N   . ALA A 1 42  ? 16.766  -4.335  1.733   1.00 12.80 ? 65  ALA A N   1 
ATOM   286  C CA  . ALA A 1 42  ? 16.851  -3.578  0.441   1.00 11.80 ? 65  ALA A CA  1 
ATOM   287  C C   . ALA A 1 42  ? 16.782  -2.077  0.759   1.00 12.28 ? 65  ALA A C   1 
ATOM   288  O O   . ALA A 1 42  ? 16.126  -1.661  1.764   1.00 13.71 ? 65  ALA A O   1 
ATOM   289  C CB  . ALA A 1 42  ? 15.671  -3.949  -0.461  1.00 10.42 ? 65  ALA A CB  1 
ATOM   290  N N   . THR A 1 43  A 17.433  -1.238  -0.029  1.00 10.54 ? 65  THR A N   1 
ATOM   291  C CA  . THR A 1 43  A 17.465  0.201   0.181   1.00 12.16 ? 65  THR A CA  1 
ATOM   292  C C   . THR A 1 43  A 16.324  0.931   -0.507  1.00 13.16 ? 65  THR A C   1 
ATOM   293  O O   . THR A 1 43  A 16.128  0.718   -1.729  1.00 13.50 ? 65  THR A O   1 
ATOM   294  C CB  . THR A 1 43  A 18.856  0.696   -0.434  1.00 13.82 ? 65  THR A CB  1 
ATOM   295  O OG1 . THR A 1 43  A 19.831  -0.046  0.354   1.00 15.57 ? 65  THR A OG1 1 
ATOM   296  C CG2 . THR A 1 43  A 19.106  2.177   -0.113  1.00 14.00 ? 65  THR A CG2 1 
ATOM   297  N N   . ALA A 1 44  ? 15.636  1.787   0.228   1.00 10.52 ? 66  ALA A N   1 
ATOM   298  C CA  . ALA A 1 44  ? 14.491  2.537   -0.375  1.00 10.27 ? 66  ALA A CA  1 
ATOM   299  C C   . ALA A 1 44  ? 14.968  3.961   -0.663  1.00 10.32 ? 66  ALA A C   1 
ATOM   300  O O   . ALA A 1 44  ? 15.649  4.505   0.246   1.00 11.97 ? 66  ALA A O   1 
ATOM   301  C CB  . ALA A 1 44  ? 13.430  2.649   0.724   1.00 8.12  ? 66  ALA A CB  1 
ATOM   302  N N   . ARG A 1 45  ? 14.584  4.525   -1.794  1.00 9.88  ? 67  ARG A N   1 
ATOM   303  C CA  . ARG A 1 45  ? 15.027  5.899   -2.102  1.00 9.96  ? 67  ARG A CA  1 
ATOM   304  C C   . ARG A 1 45  ? 13.786  6.686   -2.489  1.00 10.72 ? 67  ARG A C   1 
ATOM   305  O O   . ARG A 1 45  ? 12.942  6.060   -3.128  1.00 9.52  ? 67  ARG A O   1 
ATOM   306  C CB  . ARG A 1 45  ? 15.940  5.919   -3.344  1.00 9.62  ? 67  ARG A CB  1 
ATOM   307  C CG  . ARG A 1 45  ? 17.376  5.493   -2.930  1.00 10.77 ? 67  ARG A CG  1 
ATOM   308  C CD  . ARG A 1 45  ? 18.166  5.422   -4.201  1.00 12.10 ? 67  ARG A CD  1 
ATOM   309  N NE  . ARG A 1 45  ? 19.568  5.182   -3.827  1.00 14.13 ? 67  ARG A NE  1 
ATOM   310  C CZ  . ARG A 1 45  ? 19.997  3.910   -3.674  1.00 16.12 ? 67  ARG A CZ  1 
ATOM   311  N NH1 . ARG A 1 45  ? 19.293  2.792   -3.820  1.00 15.19 ? 67  ARG A NH1 1 
ATOM   312  N NH2 . ARG A 1 45  ? 21.289  3.793   -3.293  1.00 18.31 ? 67  ARG A NH2 1 
ATOM   313  N N   . ILE A 1 46  ? 13.754  7.941   -2.145  1.00 11.24 ? 80  ILE A N   1 
ATOM   314  C CA  . ILE A 1 46  ? 12.641  8.806   -2.520  1.00 13.17 ? 80  ILE A CA  1 
ATOM   315  C C   . ILE A 1 46  ? 13.353  10.032  -3.136  1.00 15.98 ? 80  ILE A C   1 
ATOM   316  O O   . ILE A 1 46  ? 14.188  10.661  -2.498  1.00 14.15 ? 80  ILE A O   1 
ATOM   317  C CB  . ILE A 1 46  ? 11.664  9.188   -1.381  1.00 11.52 ? 80  ILE A CB  1 
ATOM   318  C CG1 . ILE A 1 46  ? 10.876  7.930   -0.973  1.00 10.51 ? 80  ILE A CG1 1 
ATOM   319  C CG2 . ILE A 1 46  ? 10.698  10.315  -1.858  1.00 12.05 ? 80  ILE A CG2 1 
ATOM   320  C CD1 . ILE A 1 46  ? 10.052  8.244   0.322   1.00 12.15 ? 80  ILE A CD1 1 
ATOM   321  N N   . GLY A 1 47  ? 12.984  10.257  -4.385  1.00 18.98 ? 81  GLY A N   1 
ATOM   322  C CA  . GLY A 1 47  ? 13.516  11.372  -5.177  1.00 21.27 ? 81  GLY A CA  1 
ATOM   323  C C   . GLY A 1 47  ? 15.031  11.370  -5.194  1.00 23.20 ? 81  GLY A C   1 
ATOM   324  O O   . GLY A 1 47  ? 15.717  12.385  -4.994  1.00 25.49 ? 81  GLY A O   1 
ATOM   325  N N   . GLY A 1 48  ? 15.530  10.175  -5.443  1.00 24.36 ? 82  GLY A N   1 
ATOM   326  C CA  . GLY A 1 48  ? 16.973  9.939   -5.494  1.00 24.36 ? 82  GLY A CA  1 
ATOM   327  C C   . GLY A 1 48  ? 17.725  9.857   -4.167  1.00 23.05 ? 82  GLY A C   1 
ATOM   328  O O   . GLY A 1 48  ? 18.911  9.474   -4.311  1.00 24.08 ? 82  GLY A O   1 
ATOM   329  N N   . ALA A 1 49  ? 17.115  10.141  -3.039  1.00 19.52 ? 83  ALA A N   1 
ATOM   330  C CA  . ALA A 1 49  ? 17.863  10.015  -1.787  1.00 16.75 ? 83  ALA A CA  1 
ATOM   331  C C   . ALA A 1 49  ? 17.414  8.779   -0.980  1.00 15.25 ? 83  ALA A C   1 
ATOM   332  O O   . ALA A 1 49  ? 16.218  8.379   -1.014  1.00 12.61 ? 83  ALA A O   1 
ATOM   333  C CB  . ALA A 1 49  ? 17.580  11.263  -0.971  1.00 16.47 ? 83  ALA A CB  1 
ATOM   334  N N   . VAL A 1 50  ? 18.408  8.243   -0.301  1.00 13.07 ? 84  VAL A N   1 
ATOM   335  C CA  . VAL A 1 50  ? 18.203  7.067   0.561   1.00 13.97 ? 84  VAL A CA  1 
ATOM   336  C C   . VAL A 1 50  ? 17.365  7.535   1.770   1.00 13.28 ? 84  VAL A C   1 
ATOM   337  O O   . VAL A 1 50  ? 17.731  8.536   2.362   1.00 13.39 ? 84  VAL A O   1 
ATOM   338  C CB  . VAL A 1 50  ? 19.528  6.406   0.986   1.00 13.86 ? 84  VAL A CB  1 
ATOM   339  C CG1 . VAL A 1 50  ? 19.220  5.331   2.031   1.00 13.15 ? 84  VAL A CG1 1 
ATOM   340  C CG2 . VAL A 1 50  ? 20.289  5.928   -0.216  1.00 13.64 ? 84  VAL A CG2 1 
ATOM   341  N N   . VAL A 1 51  ? 16.263  6.841   2.020   1.00 12.02 ? 85  VAL A N   1 
ATOM   342  C CA  . VAL A 1 51  ? 15.380  7.182   3.141   1.00 10.17 ? 85  VAL A CA  1 
ATOM   343  C C   . VAL A 1 51  ? 15.322  6.045   4.180   1.00 12.35 ? 85  VAL A C   1 
ATOM   344  O O   . VAL A 1 51  ? 14.969  6.393   5.325   1.00 13.58 ? 85  VAL A O   1 
ATOM   345  C CB  . VAL A 1 51  ? 13.980  7.607   2.700   1.00 9.88  ? 85  VAL A CB  1 
ATOM   346  C CG1 . VAL A 1 51  ? 14.032  8.855   1.801   1.00 8.82  ? 85  VAL A CG1 1 
ATOM   347  C CG2 . VAL A 1 51  ? 13.178  6.468   2.086   1.00 8.88  ? 85  VAL A CG2 1 
ATOM   348  N N   . GLY A 1 52  ? 15.661  4.808   3.835   1.00 11.66 ? 86  GLY A N   1 
ATOM   349  C CA  . GLY A 1 52  ? 15.609  3.754   4.882   1.00 9.81  ? 86  GLY A CA  1 
ATOM   350  C C   . GLY A 1 52  ? 15.842  2.409   4.232   1.00 11.52 ? 86  GLY A C   1 
ATOM   351  O O   . GLY A 1 52  ? 16.250  2.359   3.055   1.00 11.30 ? 86  GLY A O   1 
ATOM   352  N N   . THR A 1 53  ? 15.581  1.323   4.951   1.00 10.44 ? 87  THR A N   1 
ATOM   353  C CA  . THR A 1 53  ? 15.747  -0.002  4.391   1.00 10.35 ? 87  THR A CA  1 
ATOM   354  C C   . THR A 1 53  ? 14.557  -0.866  4.865   1.00 9.25  ? 87  THR A C   1 
ATOM   355  O O   . THR A 1 53  ? 13.888  -0.532  5.901   1.00 9.60  ? 87  THR A O   1 
ATOM   356  C CB  . THR A 1 53  ? 17.154  -0.547  4.866   1.00 14.48 ? 87  THR A CB  1 
ATOM   357  O OG1 . THR A 1 53  ? 17.081  -0.490  6.328   1.00 18.08 ? 87  THR A OG1 1 
ATOM   358  C CG2 . THR A 1 53  ? 18.364  0.251   4.386   1.00 14.58 ? 87  THR A CG2 1 
ATOM   359  N N   . PHE A 1 54  ? 14.370  -1.950  4.126   1.00 7.40  ? 88  PHE A N   1 
ATOM   360  C CA  . PHE A 1 54  ? 13.269  -2.879  4.441   1.00 8.41  ? 88  PHE A CA  1 
ATOM   361  C C   . PHE A 1 54  ? 13.605  -3.524  5.806   1.00 10.25 ? 88  PHE A C   1 
ATOM   362  O O   . PHE A 1 54  ? 14.723  -4.110  5.772   1.00 10.49 ? 88  PHE A O   1 
ATOM   363  C CB  . PHE A 1 54  ? 13.048  -3.890  3.338   1.00 7.56  ? 88  PHE A CB  1 
ATOM   364  C CG  . PHE A 1 54  ? 12.105  -3.400  2.264   1.00 6.74  ? 88  PHE A CG  1 
ATOM   365  C CD1 . PHE A 1 54  ? 12.531  -2.360  1.433   1.00 7.32  ? 88  PHE A CD1 1 
ATOM   366  C CD2 . PHE A 1 54  ? 10.839  -3.963  2.145   1.00 7.55  ? 88  PHE A CD2 1 
ATOM   367  C CE1 . PHE A 1 54  ? 11.679  -1.867  0.465   1.00 8.03  ? 88  PHE A CE1 1 
ATOM   368  C CE2 . PHE A 1 54  ? 9.949   -3.476  1.164   1.00 8.21  ? 88  PHE A CE2 1 
ATOM   369  C CZ  . PHE A 1 54  ? 10.396  -2.438  0.329   1.00 8.14  ? 88  PHE A CZ  1 
ATOM   370  N N   . ALA A 1 55  ? 12.693  -3.421  6.772   1.00 8.41  ? 89  ALA A N   1 
ATOM   371  C CA  . ALA A 1 55  ? 13.050  -4.037  8.052   1.00 9.10  ? 89  ALA A CA  1 
ATOM   372  C C   . ALA A 1 55  ? 12.505  -5.431  8.164   1.00 9.43  ? 89  ALA A C   1 
ATOM   373  O O   . ALA A 1 55  ? 13.120  -6.251  8.836   1.00 10.45 ? 89  ALA A O   1 
ATOM   374  C CB  . ALA A 1 55  ? 12.588  -3.176  9.212   1.00 8.56  ? 89  ALA A CB  1 
ATOM   375  N N   . ALA A 1 56  ? 11.420  -5.726  7.505   1.00 9.20  ? 90  ALA A N   1 
ATOM   376  C CA  . ALA A 1 56  ? 10.859  -7.104  7.555   1.00 9.41  ? 90  ALA A CA  1 
ATOM   377  C C   . ALA A 1 56  ? 9.850   -7.245  6.451   1.00 10.59 ? 90  ALA A C   1 
ATOM   378  O O   . ALA A 1 56  ? 9.335   -6.139  6.032   1.00 10.56 ? 90  ALA A O   1 
ATOM   379  C CB  . ALA A 1 56  ? 10.075  -7.243  8.879   1.00 8.00  ? 90  ALA A CB  1 
ATOM   380  N N   . ARG A 1 57  ? 9.573   -8.450  6.012   1.00 9.78  ? 91  ARG A N   1 
ATOM   381  C CA  . ARG A 1 57  ? 8.489   -8.585  4.989   1.00 10.47 ? 91  ARG A CA  1 
ATOM   382  C C   . ARG A 1 57  ? 8.050   -10.036 4.989   1.00 12.46 ? 91  ARG A C   1 
ATOM   383  O O   . ARG A 1 57  ? 8.816   -10.896 5.485   1.00 12.70 ? 91  ARG A O   1 
ATOM   384  C CB  . ARG A 1 57  ? 8.983   -8.214  3.620   1.00 11.90 ? 91  ARG A CB  1 
ATOM   385  C CG  . ARG A 1 57  ? 10.223  -8.959  3.222   1.00 16.34 ? 91  ARG A CG  1 
ATOM   386  C CD  . ARG A 1 57  ? 9.916   -10.218 2.499   1.00 18.52 ? 91  ARG A CD  1 
ATOM   387  N NE  . ARG A 1 57  ? 10.025  -9.945  1.102   1.00 18.28 ? 91  ARG A NE  1 
ATOM   388  C CZ  . ARG A 1 57  ? 10.311  -10.712 0.093   1.00 18.26 ? 91  ARG A CZ  1 
ATOM   389  N NH1 . ARG A 1 57  ? 10.054  -10.273 -1.130  1.00 15.74 ? 91  ARG A NH1 1 
ATOM   390  N NH2 . ARG A 1 57  ? 10.850  -11.899 0.042   1.00 18.70 ? 91  ARG A NH2 1 
ATOM   391  N N   . VAL A 1 58  ? 6.909   -10.323 4.445   1.00 9.88  ? 93  VAL A N   1 
ATOM   392  C CA  . VAL A 1 58  ? 6.373   -11.662 4.292   1.00 10.00 ? 93  VAL A CA  1 
ATOM   393  C C   . VAL A 1 58  ? 5.797   -11.643 2.879   1.00 10.68 ? 93  VAL A C   1 
ATOM   394  O O   . VAL A 1 58  ? 4.863   -10.823 2.680   1.00 11.51 ? 93  VAL A O   1 
ATOM   395  C CB  . VAL A 1 58  ? 5.248   -12.078 5.251   1.00 10.46 ? 93  VAL A CB  1 
ATOM   396  C CG1 . VAL A 1 58  ? 4.871   -13.558 4.972   1.00 9.44  ? 93  VAL A CG1 1 
ATOM   397  C CG2 . VAL A 1 58  ? 5.616   -11.807 6.705   1.00 9.53  ? 93  VAL A CG2 1 
ATOM   398  N N   . PHE A 1 59  ? 6.296   -12.525 2.043   1.00 10.38 ? 94  PHE A N   1 
ATOM   399  C CA  . PHE A 1 59  ? 5.704   -12.647 0.687   1.00 9.83  ? 94  PHE A CA  1 
ATOM   400  C C   . PHE A 1 59  ? 6.351   -13.918 0.081   1.00 9.95  ? 94  PHE A C   1 
ATOM   401  O O   . PHE A 1 59  ? 7.572   -13.932 0.191   1.00 9.72  ? 94  PHE A O   1 
ATOM   402  C CB  . PHE A 1 59  ? 6.063   -11.484 -0.268  1.00 8.53  ? 94  PHE A CB  1 
ATOM   403  C CG  . PHE A 1 59  ? 5.611   -11.690 -1.698  1.00 10.35 ? 94  PHE A CG  1 
ATOM   404  C CD1 . PHE A 1 59  ? 6.535   -12.156 -2.661  1.00 9.22  ? 94  PHE A CD1 1 
ATOM   405  C CD2 . PHE A 1 59  ? 4.272   -11.500 -2.037  1.00 8.74  ? 94  PHE A CD2 1 
ATOM   406  C CE1 . PHE A 1 59  ? 6.091   -12.392 -3.958  1.00 9.41  ? 94  PHE A CE1 1 
ATOM   407  C CE2 . PHE A 1 59  ? 3.859   -11.752 -3.381  1.00 9.23  ? 94  PHE A CE2 1 
ATOM   408  C CZ  . PHE A 1 59  ? 4.762   -12.215 -4.340  1.00 9.03  ? 94  PHE A CZ  1 
ATOM   409  N N   . PRO A 1 60  A 5.605   -14.808 -0.486  1.00 10.41 ? 99  PRO A N   1 
ATOM   410  C CA  . PRO A 1 60  A 4.160   -14.845 -0.628  1.00 10.04 ? 99  PRO A CA  1 
ATOM   411  C C   . PRO A 1 60  A 3.483   -15.365 0.640   1.00 10.46 ? 99  PRO A C   1 
ATOM   412  O O   . PRO A 1 60  A 4.109   -15.172 1.692   1.00 11.54 ? 99  PRO A O   1 
ATOM   413  C CB  . PRO A 1 60  A 3.985   -15.683 -1.918  1.00 9.98  ? 99  PRO A CB  1 
ATOM   414  C CG  . PRO A 1 60  A 5.047   -16.731 -1.710  1.00 9.38  ? 99  PRO A CG  1 
ATOM   415  C CD  . PRO A 1 60  A 6.263   -15.968 -1.162  1.00 10.29 ? 99  PRO A CD  1 
ATOM   416  N N   . GLY A 1 61  ? 2.301   -15.942 0.601   1.00 8.95  ? 100 GLY A N   1 
ATOM   417  C CA  . GLY A 1 61  ? 1.607   -16.334 1.860   1.00 10.98 ? 100 GLY A CA  1 
ATOM   418  C C   . GLY A 1 61  ? 0.726   -15.111 2.245   1.00 10.21 ? 100 GLY A C   1 
ATOM   419  O O   . GLY A 1 61  ? -0.494  -15.073 2.141   1.00 9.86  ? 100 GLY A O   1 
ATOM   420  N N   . ASN A 1 62  ? 1.479   -14.071 2.650   1.00 11.08 ? 101 ASN A N   1 
ATOM   421  C CA  . ASN A 1 62  ? 0.870   -12.720 2.934   1.00 10.26 ? 101 ASN A CA  1 
ATOM   422  C C   . ASN A 1 62  ? 1.609   -11.808 1.922   1.00 8.86  ? 101 ASN A C   1 
ATOM   423  O O   . ASN A 1 62  ? 2.458   -12.322 1.109   1.00 8.62  ? 101 ASN A O   1 
ATOM   424  C CB  . ASN A 1 62  ? 1.179   -12.225 4.370   1.00 8.99  ? 101 ASN A CB  1 
ATOM   425  C CG  . ASN A 1 62  ? 0.680   -13.212 5.426   1.00 10.83 ? 101 ASN A CG  1 
ATOM   426  O OD1 . ASN A 1 62  ? -0.498  -13.608 5.522   1.00 13.75 ? 101 ASN A OD1 1 
ATOM   427  N ND2 . ASN A 1 62  ? 1.644   -13.625 6.232   1.00 8.53  ? 101 ASN A ND2 1 
ATOM   428  N N   . ASP A 1 63  ? 1.368   -10.504 2.034   1.00 8.29  ? 102 ASP A N   1 
ATOM   429  C CA  . ASP A 1 63  ? 2.135   -9.581  1.108   1.00 5.28  ? 102 ASP A CA  1 
ATOM   430  C C   . ASP A 1 63  ? 2.298   -8.292  1.918   1.00 6.70  ? 102 ASP A C   1 
ATOM   431  O O   . ASP A 1 63  ? 1.486   -7.377  1.686   1.00 7.39  ? 102 ASP A O   1 
ATOM   432  C CB  . ASP A 1 63  ? 1.348   -9.396  -0.187  1.00 4.68  ? 102 ASP A CB  1 
ATOM   433  C CG  . ASP A 1 63  ? 2.217   -8.650  -1.222  1.00 7.38  ? 102 ASP A CG  1 
ATOM   434  O OD1 . ASP A 1 63  ? 1.745   -8.430  -2.360  1.00 8.00  ? 102 ASP A OD1 1 
ATOM   435  O OD2 . ASP A 1 63  ? 3.357   -8.284  -0.844  1.00 6.68  ? 102 ASP A OD2 1 
ATOM   436  N N   . ARG A 1 64  ? 3.287   -8.217  2.792   1.00 6.85  ? 103 ARG A N   1 
ATOM   437  C CA  . ARG A 1 64  ? 3.411   -7.045  3.689   1.00 6.87  ? 103 ARG A CA  1 
ATOM   438  C C   . ARG A 1 64  ? 4.859   -6.736  4.005   1.00 7.37  ? 103 ARG A C   1 
ATOM   439  O O   . ARG A 1 64  ? 5.666   -7.694  3.951   1.00 8.23  ? 103 ARG A O   1 
ATOM   440  C CB  . ARG A 1 64  ? 2.670   -7.322  5.039   1.00 6.59  ? 103 ARG A CB  1 
ATOM   441  C CG  . ARG A 1 64  ? 3.163   -8.508  5.932   1.00 8.84  ? 103 ARG A CG  1 
ATOM   442  C CD  . ARG A 1 64  ? 2.336   -9.023  7.067   1.00 6.24  ? 103 ARG A CD  1 
ATOM   443  N NE  . ARG A 1 64  ? 1.021   -9.434  6.540   1.00 6.73  ? 103 ARG A NE  1 
ATOM   444  C CZ  . ARG A 1 64  ? 0.149   -10.103 7.300   1.00 7.64  ? 103 ARG A CZ  1 
ATOM   445  N NH1 . ARG A 1 64  ? 0.456   -10.423 8.553   1.00 6.85  ? 103 ARG A NH1 1 
ATOM   446  N NH2 . ARG A 1 64  ? -1.018  -10.413 6.883   1.00 6.84  ? 103 ARG A NH2 1 
ATOM   447  N N   . ALA A 1 65  ? 5.145   -5.515  4.356   1.00 6.11  ? 104 ALA A N   1 
ATOM   448  C CA  . ALA A 1 65  ? 6.512   -5.167  4.753   1.00 5.15  ? 104 ALA A CA  1 
ATOM   449  C C   . ALA A 1 65  ? 6.452   -3.795  5.463   1.00 5.88  ? 104 ALA A C   1 
ATOM   450  O O   . ALA A 1 65  ? 5.456   -3.059  5.334   1.00 7.96  ? 104 ALA A O   1 
ATOM   451  C CB  . ALA A 1 65  ? 7.446   -5.011  3.571   1.00 2.52  ? 104 ALA A CB  1 
ATOM   452  N N   . TRP A 1 66  ? 7.543   -3.476  6.124   1.00 5.83  ? 105 TRP A N   1 
ATOM   453  C CA  . TRP A 1 66  ? 7.680   -2.136  6.722   1.00 6.47  ? 105 TRP A CA  1 
ATOM   454  C C   . TRP A 1 66  ? 9.128   -1.750  6.444   1.00 6.44  ? 105 TRP A C   1 
ATOM   455  O O   . TRP A 1 66  ? 10.067  -2.614  6.462   1.00 7.98  ? 105 TRP A O   1 
ATOM   456  C CB  . TRP A 1 66  ? 7.183   -1.988  8.120   1.00 7.20  ? 105 TRP A CB  1 
ATOM   457  C CG  . TRP A 1 66  ? 8.086   -2.399  9.245   1.00 9.84  ? 105 TRP A CG  1 
ATOM   458  C CD1 . TRP A 1 66  ? 8.231   -3.687  9.735   1.00 9.60  ? 105 TRP A CD1 1 
ATOM   459  C CD2 . TRP A 1 66  ? 8.872   -1.583  10.098  1.00 9.27  ? 105 TRP A CD2 1 
ATOM   460  N NE1 . TRP A 1 66  ? 9.119   -3.688  10.773  1.00 9.92  ? 105 TRP A NE1 1 
ATOM   461  C CE2 . TRP A 1 66  ? 9.506   -2.427  11.027  1.00 9.38  ? 105 TRP A CE2 1 
ATOM   462  C CE3 . TRP A 1 66  ? 9.098   -0.214  10.138  1.00 10.25 ? 105 TRP A CE3 1 
ATOM   463  C CZ2 . TRP A 1 66  ? 10.378  -1.959  11.994  1.00 10.93 ? 105 TRP A CZ2 1 
ATOM   464  C CZ3 . TRP A 1 66  ? 9.984   0.261   11.084  1.00 10.79 ? 105 TRP A CZ3 1 
ATOM   465  C CH2 . TRP A 1 66  ? 10.582  -0.579  12.002  1.00 10.70 ? 105 TRP A CH2 1 
ATOM   466  N N   . VAL A 1 67  ? 9.362   -0.475  6.193   1.00 7.76  ? 106 VAL A N   1 
ATOM   467  C CA  . VAL A 1 67  ? 10.730  0.054   5.898   1.00 7.52  ? 106 VAL A CA  1 
ATOM   468  C C   . VAL A 1 67  ? 11.124  0.946   7.045   1.00 9.22  ? 106 VAL A C   1 
ATOM   469  O O   . VAL A 1 67  ? 10.198  1.798   7.343   1.00 8.53  ? 106 VAL A O   1 
ATOM   470  C CB  . VAL A 1 67  ? 10.548  0.936   4.625   1.00 7.56  ? 106 VAL A CB  1 
ATOM   471  C CG1 . VAL A 1 67  ? 11.798  1.675   4.209   1.00 7.52  ? 106 VAL A CG1 1 
ATOM   472  C CG2 . VAL A 1 67  ? 10.272  0.037   3.408   1.00 8.67  ? 106 VAL A CG2 1 
ATOM   473  N N   . SER A 1 68  ? 12.276  0.777   7.663   1.00 8.48  ? 107 SER A N   1 
ATOM   474  C CA  . SER A 1 68  ? 12.569  1.674   8.797   1.00 11.21 ? 107 SER A CA  1 
ATOM   475  C C   . SER A 1 68  ? 13.316  2.855   8.147   1.00 11.60 ? 107 SER A C   1 
ATOM   476  O O   . SER A 1 68  ? 14.181  2.598   7.282   1.00 11.29 ? 107 SER A O   1 
ATOM   477  C CB  . SER A 1 68  ? 13.371  1.095   10.002  1.00 12.55 ? 107 SER A CB  1 
ATOM   478  O OG  . SER A 1 68  ? 14.189  0.275   9.207   1.00 16.36 ? 107 SER A OG  1 
ATOM   479  N N   . LEU A 1 69  ? 12.891  4.057   8.571   1.00 11.88 ? 108 LEU A N   1 
ATOM   480  C CA  . LEU A 1 69  ? 13.498  5.245   7.930   1.00 12.19 ? 108 LEU A CA  1 
ATOM   481  C C   . LEU A 1 69  ? 14.550  5.932   8.780   1.00 14.30 ? 108 LEU A C   1 
ATOM   482  O O   . LEU A 1 69  ? 14.533  5.712   10.034  1.00 15.07 ? 108 LEU A O   1 
ATOM   483  C CB  . LEU A 1 69  ? 12.310  6.245   7.765   1.00 11.41 ? 108 LEU A CB  1 
ATOM   484  C CG  . LEU A 1 69  ? 11.225  5.732   6.788   1.00 11.98 ? 108 LEU A CG  1 
ATOM   485  C CD1 . LEU A 1 69  ? 9.947   6.515   7.050   1.00 11.10 ? 108 LEU A CD1 1 
ATOM   486  C CD2 . LEU A 1 69  ? 11.656  5.795   5.319   1.00 10.82 ? 108 LEU A CD2 1 
ATOM   487  N N   . THR A 1 70  ? 15.355  6.742   8.118   1.00 15.12 ? 109 THR A N   1 
ATOM   488  C CA  . THR A 1 70  ? 16.309  7.545   8.993   1.00 18.19 ? 109 THR A CA  1 
ATOM   489  C C   . THR A 1 70  ? 15.510  8.626   9.738   1.00 18.04 ? 109 THR A C   1 
ATOM   490  O O   . THR A 1 70  ? 14.358  9.014   9.426   1.00 16.25 ? 109 THR A O   1 
ATOM   491  C CB  . THR A 1 70  ? 17.516  8.048   8.139   1.00 18.15 ? 109 THR A CB  1 
ATOM   492  O OG1 . THR A 1 70  ? 16.903  9.022   7.263   1.00 19.30 ? 109 THR A OG1 1 
ATOM   493  C CG2 . THR A 1 70  ? 18.079  6.806   7.396   1.00 20.41 ? 109 THR A CG2 1 
ATOM   494  N N   . SER A 1 71  ? 16.102  9.170   10.775  1.00 19.40 ? 110 SER A N   1 
ATOM   495  C CA  . SER A 1 71  ? 15.508  10.174  11.640  1.00 21.59 ? 110 SER A CA  1 
ATOM   496  C C   . SER A 1 71  ? 15.215  11.425  10.812  1.00 20.82 ? 110 SER A C   1 
ATOM   497  O O   . SER A 1 71  ? 14.416  12.128  11.421  1.00 22.86 ? 110 SER A O   1 
ATOM   498  C CB  . SER A 1 71  ? 16.654  10.911  12.414  1.00 25.97 ? 110 SER A CB  1 
ATOM   499  O OG  . SER A 1 71  ? 17.130  9.860   13.203  1.00 33.24 ? 110 SER A OG  1 
ATOM   500  N N   . ALA A 1 72  ? 15.909  11.586  9.727   1.00 18.84 ? 111 ALA A N   1 
ATOM   501  C CA  . ALA A 1 72  ? 15.616  12.861  9.025   1.00 19.45 ? 111 ALA A CA  1 
ATOM   502  C C   . ALA A 1 72  ? 14.309  12.864  8.232   1.00 19.26 ? 111 ALA A C   1 
ATOM   503  O O   . ALA A 1 72  ? 14.005  13.954  7.711   1.00 20.94 ? 111 ALA A O   1 
ATOM   504  C CB  . ALA A 1 72  ? 16.737  13.156  8.074   1.00 18.70 ? 111 ALA A CB  1 
ATOM   505  N N   . GLN A 1 73  ? 13.617  11.748  8.147   1.00 16.13 ? 112 GLN A N   1 
ATOM   506  C CA  . GLN A 1 73  ? 12.356  11.707  7.358   1.00 12.18 ? 112 GLN A CA  1 
ATOM   507  C C   . GLN A 1 73  ? 11.263  12.334  8.196   1.00 11.60 ? 112 GLN A C   1 
ATOM   508  O O   . GLN A 1 73  ? 11.303  12.310  9.443   1.00 12.52 ? 112 GLN A O   1 
ATOM   509  C CB  . GLN A 1 73  ? 12.081  10.259  6.929   1.00 11.29 ? 112 GLN A CB  1 
ATOM   510  C CG  . GLN A 1 73  ? 13.325  9.563   6.307   1.00 9.69  ? 112 GLN A CG  1 
ATOM   511  C CD  . GLN A 1 73  ? 13.852  10.375  5.167   1.00 11.90 ? 112 GLN A CD  1 
ATOM   512  O OE1 . GLN A 1 73  ? 13.323  11.066  4.303   1.00 12.55 ? 112 GLN A OE1 1 
ATOM   513  N NE2 . GLN A 1 73  ? 15.167  10.441  5.114   1.00 10.92 ? 112 GLN A NE2 1 
ATOM   514  N N   . THR A 1 74  ? 10.306  12.922  7.543   1.00 10.44 ? 113 THR A N   1 
ATOM   515  C CA  . THR A 1 74  ? 9.148   13.567  8.166   1.00 10.18 ? 113 THR A CA  1 
ATOM   516  C C   . THR A 1 74  ? 7.913   12.713  7.889   1.00 9.46  ? 113 THR A C   1 
ATOM   517  O O   . THR A 1 74  ? 7.512   12.672  6.691   1.00 7.26  ? 113 THR A O   1 
ATOM   518  C CB  . THR A 1 74  ? 8.804   14.989  7.538   1.00 11.23 ? 113 THR A CB  1 
ATOM   519  O OG1 . THR A 1 74  ? 10.067  15.637  7.806   1.00 14.65 ? 113 THR A OG1 1 
ATOM   520  C CG2 . THR A 1 74  ? 7.683   15.697  8.264   1.00 11.17 ? 113 THR A CG2 1 
ATOM   521  N N   . LEU A 1 75  ? 7.383   12.125  8.960   1.00 7.61  ? 114 LEU A N   1 
ATOM   522  C CA  . LEU A 1 75  ? 6.197   11.290  8.763   1.00 6.66  ? 114 LEU A CA  1 
ATOM   523  C C   . LEU A 1 75  ? 4.946   12.132  8.743   1.00 8.65  ? 114 LEU A C   1 
ATOM   524  O O   . LEU A 1 75  ? 4.871   12.993  9.672   1.00 10.26 ? 114 LEU A O   1 
ATOM   525  C CB  . LEU A 1 75  ? 6.140   10.336  9.989   1.00 6.65  ? 114 LEU A CB  1 
ATOM   526  C CG  . LEU A 1 75  ? 7.294   9.362   10.083  1.00 7.98  ? 114 LEU A CG  1 
ATOM   527  C CD1 . LEU A 1 75  ? 6.885   8.362   11.190  1.00 9.59  ? 114 LEU A CD1 1 
ATOM   528  C CD2 . LEU A 1 75  ? 7.481   8.549   8.844   1.00 7.06  ? 114 LEU A CD2 1 
ATOM   529  N N   . LEU A 1 76  ? 3.983   11.887  7.884   1.00 6.83  ? 115 LEU A N   1 
ATOM   530  C CA  . LEU A 1 76  ? 2.744   12.684  7.919   1.00 6.09  ? 115 LEU A CA  1 
ATOM   531  C C   . LEU A 1 76  ? 1.566   11.749  7.853   1.00 5.06  ? 115 LEU A C   1 
ATOM   532  O O   . LEU A 1 76  ? 1.621   10.691  7.193   1.00 5.72  ? 115 LEU A O   1 
ATOM   533  C CB  . LEU A 1 76  ? 2.844   13.608  6.705   1.00 6.88  ? 115 LEU A CB  1 
ATOM   534  C CG  . LEU A 1 76  ? 4.066   14.530  6.686   1.00 8.35  ? 115 LEU A CG  1 
ATOM   535  C CD1 . LEU A 1 76  ? 4.159   15.260  5.341   1.00 8.18  ? 115 LEU A CD1 1 
ATOM   536  C CD2 . LEU A 1 76  ? 3.826   15.646  7.711   1.00 8.51  ? 115 LEU A CD2 1 
ATOM   537  N N   . PRO A 1 77  ? 0.502   12.150  8.503   1.00 6.41  ? 116 PRO A N   1 
ATOM   538  C CA  . PRO A 1 77  ? -0.743  11.381  8.560   1.00 6.01  ? 116 PRO A CA  1 
ATOM   539  C C   . PRO A 1 77  ? -1.535  11.647  7.283   1.00 6.65  ? 116 PRO A C   1 
ATOM   540  O O   . PRO A 1 77  ? -2.742  12.037  7.444   1.00 7.91  ? 116 PRO A O   1 
ATOM   541  C CB  . PRO A 1 77  ? -1.470  11.942  9.804   1.00 4.89  ? 116 PRO A CB  1 
ATOM   542  C CG  . PRO A 1 77  ? -1.021  13.416  9.808   1.00 6.82  ? 116 PRO A CG  1 
ATOM   543  C CD  . PRO A 1 77  ? 0.427   13.433  9.292   1.00 6.36  ? 116 PRO A CD  1 
ATOM   544  N N   . ARG A 1 78  ? -0.945  11.488  6.126   1.00 5.45  ? 117 ARG A N   1 
ATOM   545  C CA  . ARG A 1 78  ? -1.742  11.862  4.906   1.00 6.15  ? 117 ARG A CA  1 
ATOM   546  C C   . ARG A 1 78  ? -1.474  10.927  3.743   1.00 6.75  ? 117 ARG A C   1 
ATOM   547  O O   . ARG A 1 78  ? -0.402  10.291  3.688   1.00 6.71  ? 117 ARG A O   1 
ATOM   548  C CB  . ARG A 1 78  ? -1.249  13.249  4.394   1.00 8.77  ? 117 ARG A CB  1 
ATOM   549  C CG  . ARG A 1 78  ? -1.406  14.293  5.500   1.00 10.78 ? 117 ARG A CG  1 
ATOM   550  C CD  . ARG A 1 78  ? -1.249  15.707  4.964   1.00 11.12 ? 117 ARG A CD  1 
ATOM   551  N NE  . ARG A 1 78  ? -0.528  16.528  6.006   1.00 14.54 ? 117 ARG A NE  1 
ATOM   552  C CZ  . ARG A 1 78  ? -1.204  16.913  7.097   1.00 13.85 ? 117 ARG A CZ  1 
ATOM   553  N NH1 . ARG A 1 78  ? -2.483  16.639  7.328   1.00 13.82 ? 117 ARG A NH1 1 
ATOM   554  N NH2 . ARG A 1 78  ? -0.609  17.602  8.039   1.00 14.75 ? 117 ARG A NH2 1 
ATOM   555  N N   . VAL A 1 79  ? -2.482  10.881  2.882   1.00 4.97  ? 118 VAL A N   1 
ATOM   556  C CA  . VAL A 1 79  ? -2.390  10.055  1.639   1.00 5.50  ? 118 VAL A CA  1 
ATOM   557  C C   . VAL A 1 79  ? -2.606  11.057  0.458   1.00 6.89  ? 118 VAL A C   1 
ATOM   558  O O   . VAL A 1 79  ? -3.553  11.855  0.579   1.00 6.31  ? 118 VAL A O   1 
ATOM   559  C CB  . VAL A 1 79  ? -3.481  8.981   1.652   1.00 5.20  ? 118 VAL A CB  1 
ATOM   560  C CG1 . VAL A 1 79  ? -3.692  8.318   0.300   1.00 6.00  ? 118 VAL A CG1 1 
ATOM   561  C CG2 . VAL A 1 79  ? -3.085  7.900   2.685   1.00 3.89  ? 118 VAL A CG2 1 
ATOM   562  N N   . ALA A 1 80  ? -1.849  10.917  -0.598  1.00 5.17  ? 119 ALA A N   1 
ATOM   563  C CA  . ALA A 1 80  ? -1.996  11.842  -1.741  1.00 5.81  ? 119 ALA A CA  1 
ATOM   564  C C   . ALA A 1 80  ? -3.250  11.649  -2.519  1.00 6.37  ? 119 ALA A C   1 
ATOM   565  O O   . ALA A 1 80  ? -3.637  10.482  -2.789  1.00 6.07  ? 119 ALA A O   1 
ATOM   566  C CB  . ALA A 1 80  ? -0.692  11.674  -2.589  1.00 5.17  ? 119 ALA A CB  1 
ATOM   567  N N   . ASN A 1 81  ? -3.877  12.744  -2.985  1.00 7.14  ? 120 ASN A N   1 
ATOM   568  C CA  . ASN A 1 81  ? -5.093  12.665  -3.829  1.00 8.13  ? 120 ASN A CA  1 
ATOM   569  C C   . ASN A 1 81  ? -4.797  13.870  -4.774  1.00 9.19  ? 120 ASN A C   1 
ATOM   570  O O   . ASN A 1 81  ? -5.166  15.018  -4.470  1.00 7.04  ? 120 ASN A O   1 
ATOM   571  C CB  . ASN A 1 81  ? -6.360  12.849  -3.023  1.00 9.18  ? 120 ASN A CB  1 
ATOM   572  C CG  . ASN A 1 81  ? -7.490  13.201  -3.987  1.00 12.42 ? 120 ASN A CG  1 
ATOM   573  O OD1 . ASN A 1 81  ? -7.420  13.012  -5.209  1.00 13.08 ? 120 ASN A OD1 1 
ATOM   574  N ND2 . ASN A 1 81  ? -8.597  13.731  -3.467  1.00 14.21 ? 120 ASN A ND2 1 
ATOM   575  N N   . GLY A 1 82  B -4.106  13.531  -5.826  1.00 7.45  ? 120 GLY A N   1 
ATOM   576  C CA  . GLY A 1 82  B -3.679  14.591  -6.782  1.00 10.91 ? 120 GLY A CA  1 
ATOM   577  C C   . GLY A 1 82  B -2.745  15.516  -5.946  1.00 13.93 ? 120 GLY A C   1 
ATOM   578  O O   . GLY A 1 82  B -1.790  15.105  -5.223  1.00 14.92 ? 120 GLY A O   1 
ATOM   579  N N   . SER A 1 83  C -3.052  16.798  -6.014  1.00 13.86 ? 120 SER A N   1 
ATOM   580  C CA  . SER A 1 83  C -2.348  17.859  -5.303  1.00 16.66 ? 120 SER A CA  1 
ATOM   581  C C   . SER A 1 83  C -2.939  18.008  -3.918  1.00 18.48 ? 120 SER A C   1 
ATOM   582  O O   . SER A 1 83  C -2.478  18.943  -3.221  1.00 22.13 ? 120 SER A O   1 
ATOM   583  C CB  . SER A 1 83  C -2.773  19.259  -5.929  1.00 20.08 ? 120 SER A CB  1 
ATOM   584  O OG  . SER A 1 83  C -2.053  19.208  -7.179  1.00 25.77 ? 120 SER A OG  1 
ATOM   585  N N   . SER A 1 84  D -3.969  17.250  -3.594  1.00 16.39 ? 120 SER A N   1 
ATOM   586  C CA  . SER A 1 84  D -4.604  17.446  -2.269  1.00 15.53 ? 120 SER A CA  1 
ATOM   587  C C   . SER A 1 84  D -4.223  16.302  -1.344  1.00 14.20 ? 120 SER A C   1 
ATOM   588  O O   . SER A 1 84  D -3.314  15.546  -1.808  1.00 12.36 ? 120 SER A O   1 
ATOM   589  C CB  . SER A 1 84  D -6.066  17.574  -2.708  1.00 18.32 ? 120 SER A CB  1 
ATOM   590  O OG  . SER A 1 84  D -6.650  18.198  -1.603  1.00 26.49 ? 120 SER A OG  1 
ATOM   591  N N   . PHE A 1 85  ? -4.864  16.239  -0.190  1.00 10.91 ? 121 PHE A N   1 
ATOM   592  C CA  . PHE A 1 85  ? -4.490  15.132  0.750   1.00 13.69 ? 121 PHE A CA  1 
ATOM   593  C C   . PHE A 1 85  ? -5.683  14.551  1.504   1.00 12.91 ? 121 PHE A C   1 
ATOM   594  O O   . PHE A 1 85  ? -6.633  15.319  1.634   1.00 15.53 ? 121 PHE A O   1 
ATOM   595  C CB  . PHE A 1 85  ? -3.483  15.583  1.804   1.00 10.50 ? 121 PHE A CB  1 
ATOM   596  C CG  . PHE A 1 85  ? -2.274  16.215  1.222   1.00 10.48 ? 121 PHE A CG  1 
ATOM   597  C CD1 . PHE A 1 85  ? -1.155  15.463  0.854   1.00 7.85  ? 121 PHE A CD1 1 
ATOM   598  C CD2 . PHE A 1 85  ? -2.260  17.609  1.089   1.00 11.35 ? 121 PHE A CD2 1 
ATOM   599  C CE1 . PHE A 1 85  ? -0.047  16.068  0.305   1.00 8.43  ? 121 PHE A CE1 1 
ATOM   600  C CE2 . PHE A 1 85  ? -1.117  18.238  0.520   1.00 9.75  ? 121 PHE A CE2 1 
ATOM   601  C CZ  . PHE A 1 85  ? -0.029  17.463  0.136   1.00 8.26  ? 121 PHE A CZ  1 
ATOM   602  N N   . VAL A 1 86  ? -5.688  13.290  1.906   1.00 11.28 ? 122 VAL A N   1 
ATOM   603  C CA  . VAL A 1 86  ? -6.745  12.658  2.682   1.00 9.25  ? 122 VAL A CA  1 
ATOM   604  C C   . VAL A 1 86  ? -5.983  12.421  4.011   1.00 9.75  ? 122 VAL A C   1 
ATOM   605  O O   . VAL A 1 86  ? -4.844  11.879  4.079   1.00 7.57  ? 122 VAL A O   1 
ATOM   606  C CB  . VAL A 1 86  ? -7.246  11.315  2.134   1.00 11.29 ? 122 VAL A CB  1 
ATOM   607  C CG1 . VAL A 1 86  ? -8.349  10.761  3.049   1.00 10.45 ? 122 VAL A CG1 1 
ATOM   608  C CG2 . VAL A 1 86  ? -7.740  11.327  0.713   1.00 11.88 ? 122 VAL A CG2 1 
ATOM   609  N N   . THR A 1 87  ? -6.597  12.866  5.082   1.00 8.73  ? 123 THR A N   1 
ATOM   610  C CA  . THR A 1 87  ? -6.019  12.740  6.419   1.00 9.58  ? 123 THR A CA  1 
ATOM   611  C C   . THR A 1 87  ? -6.243  11.348  6.999   1.00 9.30  ? 123 THR A C   1 
ATOM   612  O O   . THR A 1 87  ? -7.413  10.933  6.920   1.00 8.27  ? 123 THR A O   1 
ATOM   613  C CB  . THR A 1 87  ? -6.621  13.783  7.454   1.00 10.56 ? 123 THR A CB  1 
ATOM   614  O OG1 . THR A 1 87  ? -6.362  15.091  6.843   1.00 10.48 ? 123 THR A OG1 1 
ATOM   615  C CG2 . THR A 1 87  ? -5.862  13.701  8.805   1.00 9.35  ? 123 THR A CG2 1 
ATOM   616  N N   . VAL A 1 88  ? -5.167  10.751  7.512   1.00 8.80  ? 124 VAL A N   1 
ATOM   617  C CA  . VAL A 1 88  ? -5.366  9.403   8.133   1.00 8.45  ? 124 VAL A CA  1 
ATOM   618  C C   . VAL A 1 88  ? -5.909  9.579   9.585   1.00 9.66  ? 124 VAL A C   1 
ATOM   619  O O   . VAL A 1 88  ? -5.220  10.236  10.382  1.00 9.00  ? 124 VAL A O   1 
ATOM   620  C CB  . VAL A 1 88  ? -4.089  8.571   8.128   1.00 8.83  ? 124 VAL A CB  1 
ATOM   621  C CG1 . VAL A 1 88  ? -4.272  7.172   8.806   1.00 5.55  ? 124 VAL A CG1 1 
ATOM   622  C CG2 . VAL A 1 88  ? -3.606  8.527   6.660   1.00 7.00  ? 124 VAL A CG2 1 
ATOM   623  N N   . ARG A 1 89  ? -7.075  8.993   9.815   1.00 8.50  ? 125 ARG A N   1 
ATOM   624  C CA  . ARG A 1 89  ? -7.676  9.114   11.140  1.00 10.91 ? 125 ARG A CA  1 
ATOM   625  C C   . ARG A 1 89  ? -7.686  7.827   11.903  1.00 12.51 ? 125 ARG A C   1 
ATOM   626  O O   . ARG A 1 89  ? -7.938  8.012   13.100  1.00 15.32 ? 125 ARG A O   1 
ATOM   627  C CB  . ARG A 1 89  ? -9.134  9.534   11.026  1.00 13.17 ? 125 ARG A CB  1 
ATOM   628  C CG  . ARG A 1 89  ? -9.238  11.029  10.627  1.00 15.97 ? 125 ARG A CG  1 
ATOM   629  C CD  . ARG A 1 89  ? -9.273  11.953  11.783  1.00 17.49 ? 125 ARG A CD  1 
ATOM   630  N NE  . ARG A 1 89  ? -8.837  13.331  11.566  1.00 17.38 ? 125 ARG A NE  1 
ATOM   631  C CZ  . ARG A 1 89  ? -9.578  14.262  10.986  1.00 17.63 ? 125 ARG A CZ  1 
ATOM   632  N NH1 . ARG A 1 89  ? -10.742 13.808  10.505  1.00 17.72 ? 125 ARG A NH1 1 
ATOM   633  N NH2 . ARG A 1 89  ? -9.247  15.545  10.984  1.00 16.13 ? 125 ARG A NH2 1 
ATOM   634  N N   . GLY A 1 90  ? -7.443  6.659   11.365  1.00 10.29 ? 126 GLY A N   1 
ATOM   635  C CA  . GLY A 1 90  ? -7.465  5.415   12.174  1.00 9.85  ? 126 GLY A CA  1 
ATOM   636  C C   . GLY A 1 90  ? -7.494  4.208   11.230  1.00 10.61 ? 126 GLY A C   1 
ATOM   637  O O   . GLY A 1 90  ? -7.236  4.472   10.023  1.00 9.19  ? 126 GLY A O   1 
ATOM   638  N N   . SER A 1 91  ? -7.766  3.025   11.783  1.00 9.80  ? 127 SER A N   1 
ATOM   639  C CA  . SER A 1 91  ? -7.789  1.840   10.912  1.00 8.86  ? 127 SER A CA  1 
ATOM   640  C C   . SER A 1 91  ? -9.013  0.983   11.102  1.00 9.01  ? 127 SER A C   1 
ATOM   641  O O   . SER A 1 91  ? -8.868  -0.250  11.049  1.00 8.89  ? 127 SER A O   1 
ATOM   642  C CB  . SER A 1 91  ? -6.474  1.078   11.027  1.00 9.63  ? 127 SER A CB  1 
ATOM   643  O OG  . SER A 1 91  ? -6.300  0.825   12.424  1.00 13.55 ? 127 SER A OG  1 
ATOM   644  N N   . THR A 1 92  ? -10.196 1.587   11.255  1.00 9.29  ? 128 THR A N   1 
ATOM   645  C CA  . THR A 1 92  ? -11.392 0.773   11.354  1.00 9.01  ? 128 THR A CA  1 
ATOM   646  C C   . THR A 1 92  ? -11.555 0.058   10.015  1.00 9.77  ? 128 THR A C   1 
ATOM   647  O O   . THR A 1 92  ? -11.605 0.716   8.973   1.00 8.82  ? 128 THR A O   1 
ATOM   648  C CB  . THR A 1 92  ? -12.715 1.578   11.457  1.00 10.08 ? 128 THR A CB  1 
ATOM   649  O OG1 . THR A 1 92  ? -12.431 2.341   12.670  1.00 15.86 ? 128 THR A OG1 1 
ATOM   650  C CG2 . THR A 1 92  ? -13.916 0.686   11.697  1.00 11.25 ? 128 THR A CG2 1 
ATOM   651  N N   . GLU A 1 93  ? -11.755 -1.219  10.073  1.00 9.16  ? 129 GLU A N   1 
ATOM   652  C CA  . GLU A 1 93  ? -11.919 -1.959  8.802   1.00 10.40 ? 129 GLU A CA  1 
ATOM   653  C C   . GLU A 1 93  ? -13.290 -1.756  8.224   1.00 12.42 ? 129 GLU A C   1 
ATOM   654  O O   . GLU A 1 93  ? -14.257 -1.954  9.022   1.00 13.88 ? 129 GLU A O   1 
ATOM   655  C CB  . GLU A 1 93  ? -11.534 -3.414  9.130   1.00 10.80 ? 129 GLU A CB  1 
ATOM   656  C CG  . GLU A 1 93  ? -11.472 -4.248  7.855   1.00 16.86 ? 129 GLU A CG  1 
ATOM   657  C CD  . GLU A 1 93  ? -10.825 -5.642  8.045   1.00 19.81 ? 129 GLU A CD  1 
ATOM   658  O OE1 . GLU A 1 93  ? -9.919  -5.769  8.881   1.00 20.75 ? 129 GLU A OE1 1 
ATOM   659  O OE2 . GLU A 1 93  ? -11.432 -6.445  7.240   1.00 20.29 ? 129 GLU A OE2 1 
ATOM   660  N N   . ALA A 1 94  ? -13.435 -1.454  6.939   1.00 10.86 ? 130 ALA A N   1 
ATOM   661  C CA  . ALA A 1 94  ? -14.759 -1.274  6.337   1.00 10.91 ? 130 ALA A CA  1 
ATOM   662  C C   . ALA A 1 94  ? -15.280 -2.642  5.915   1.00 11.56 ? 130 ALA A C   1 
ATOM   663  O O   . ALA A 1 94  ? -14.497 -3.615  5.704   1.00 11.78 ? 130 ALA A O   1 
ATOM   664  C CB  . ALA A 1 94  ? -14.644 -0.387  5.113   1.00 10.32 ? 130 ALA A CB  1 
ATOM   665  N N   . ALA A 1 95  ? -16.591 -2.708  5.756   1.00 10.61 ? 131 ALA A N   1 
ATOM   666  C CA  . ALA A 1 95  ? -17.235 -3.962  5.346   1.00 11.50 ? 131 ALA A CA  1 
ATOM   667  C C   . ALA A 1 95  ? -17.422 -4.097  3.861   1.00 12.43 ? 131 ALA A C   1 
ATOM   668  O O   . ALA A 1 95  ? -17.245 -3.096  3.154   1.00 14.48 ? 131 ALA A O   1 
ATOM   669  C CB  . ALA A 1 95  ? -18.675 -3.914  5.897   1.00 11.63 ? 131 ALA A CB  1 
ATOM   670  N N   . VAL A 1 96  ? -17.857 -5.243  3.389   1.00 13.27 ? 132 VAL A N   1 
ATOM   671  C CA  . VAL A 1 96  ? -18.127 -5.451  1.949   1.00 13.23 ? 132 VAL A CA  1 
ATOM   672  C C   . VAL A 1 96  ? -19.249 -4.450  1.590   1.00 14.23 ? 132 VAL A C   1 
ATOM   673  O O   . VAL A 1 96  ? -20.220 -4.242  2.350   1.00 15.08 ? 132 VAL A O   1 
ATOM   674  C CB  . VAL A 1 96  ? -18.382 -6.922  1.590   1.00 13.70 ? 132 VAL A CB  1 
ATOM   675  C CG1 . VAL A 1 96  ? -18.950 -7.048  0.168   1.00 15.34 ? 132 VAL A CG1 1 
ATOM   676  C CG2 . VAL A 1 96  ? -17.136 -7.770  1.681   1.00 13.60 ? 132 VAL A CG2 1 
ATOM   677  N N   . GLY A 1 97  ? -19.098 -3.837  0.428   1.00 13.26 ? 133 GLY A N   1 
ATOM   678  C CA  . GLY A 1 97  ? -20.008 -2.836  -0.070  1.00 11.51 ? 133 GLY A CA  1 
ATOM   679  C C   . GLY A 1 97  ? -19.526 -1.417  0.266   1.00 13.29 ? 133 GLY A C   1 
ATOM   680  O O   . GLY A 1 97  ? -20.059 -0.493  -0.392  1.00 13.51 ? 133 GLY A O   1 
ATOM   681  N N   . ALA A 1 98  ? -18.623 -1.199  1.188   1.00 10.33 ? 134 ALA A N   1 
ATOM   682  C CA  . ALA A 1 98  ? -18.185 0.165   1.496   1.00 10.39 ? 134 ALA A CA  1 
ATOM   683  C C   . ALA A 1 98  ? -17.411 0.745   0.318   1.00 9.57  ? 134 ALA A C   1 
ATOM   684  O O   . ALA A 1 98  ? -16.820 -0.015  -0.440  1.00 10.17 ? 134 ALA A O   1 
ATOM   685  C CB  . ALA A 1 98  ? -17.248 0.138   2.707   1.00 10.69 ? 134 ALA A CB  1 
ATOM   686  N N   . ALA A 1 99  ? -17.415 2.048   0.194   1.00 8.27  ? 135 ALA A N   1 
ATOM   687  C CA  . ALA A 1 99  ? -16.673 2.702   -0.896  1.00 8.23  ? 135 ALA A CA  1 
ATOM   688  C C   . ALA A 1 99  ? -15.262 2.862   -0.372  1.00 8.73  ? 135 ALA A C   1 
ATOM   689  O O   . ALA A 1 99  ? -15.158 3.030   0.847   1.00 10.26 ? 135 ALA A O   1 
ATOM   690  C CB  . ALA A 1 99  ? -17.156 4.145   -0.987  1.00 10.20 ? 135 ALA A CB  1 
ATOM   691  N N   . VAL A 1 100 ? -14.256 2.799   -1.196  1.00 7.99  ? 136 VAL A N   1 
ATOM   692  C CA  . VAL A 1 100 ? -12.872 2.983   -0.718  1.00 7.41  ? 136 VAL A CA  1 
ATOM   693  C C   . VAL A 1 100 ? -12.071 3.545   -1.890  1.00 8.65  ? 136 VAL A C   1 
ATOM   694  O O   . VAL A 1 100 ? -12.527 3.363   -3.047  1.00 8.95  ? 136 VAL A O   1 
ATOM   695  C CB  . VAL A 1 100 ? -12.492 1.571   -0.216  1.00 8.89  ? 136 VAL A CB  1 
ATOM   696  C CG1 . VAL A 1 100 ? -12.351 0.632   -1.429  1.00 9.56  ? 136 VAL A CG1 1 
ATOM   697  C CG2 . VAL A 1 100 ? -11.181 1.735   0.498   1.00 10.52 ? 136 VAL A CG2 1 
ATOM   698  N N   . CYS A 1 101 ? -10.965 4.191   -1.599  1.00 7.96  ? 137 CYS A N   1 
ATOM   699  C CA  . CYS A 1 101 ? -10.110 4.752   -2.644  1.00 8.91  ? 137 CYS A CA  1 
ATOM   700  C C   . CYS A 1 101 ? -8.699  4.200   -2.385  1.00 9.61  ? 137 CYS A C   1 
ATOM   701  O O   . CYS A 1 101 ? -8.394  3.744   -1.256  1.00 9.72  ? 137 CYS A O   1 
ATOM   702  C CB  . CYS A 1 101 ? -10.052 6.289   -2.530  1.00 8.77  ? 137 CYS A CB  1 
ATOM   703  S SG  . CYS A 1 101 ? -11.726 7.013   -2.763  1.00 10.37 ? 137 CYS A SG  1 
ATOM   704  N N   . ARG A 1 102 ? -7.867  4.356   -3.388  1.00 8.00  ? 138 ARG A N   1 
ATOM   705  C CA  . ARG A 1 102 ? -6.459  3.842   -3.216  1.00 7.07  ? 138 ARG A CA  1 
ATOM   706  C C   . ARG A 1 102 ? -5.573  4.907   -3.876  1.00 7.91  ? 138 ARG A C   1 
ATOM   707  O O   . ARG A 1 102 ? -6.107  5.579   -4.822  1.00 6.38  ? 138 ARG A O   1 
ATOM   708  C CB  . ARG A 1 102 ? -6.339  2.430   -3.848  1.00 6.98  ? 138 ARG A CB  1 
ATOM   709  C CG  . ARG A 1 102 ? -6.876  2.306   -5.267  1.00 8.31  ? 138 ARG A CG  1 
ATOM   710  C CD  . ARG A 1 102 ? -6.030  1.327   -6.100  1.00 7.51  ? 138 ARG A CD  1 
ATOM   711  N NE  . ARG A 1 102 ? -4.698  1.835   -6.237  1.00 4.59  ? 138 ARG A NE  1 
ATOM   712  C CZ  . ARG A 1 102 ? -4.329  2.809   -7.057  1.00 5.34  ? 138 ARG A CZ  1 
ATOM   713  N NH1 . ARG A 1 102 ? -5.212  3.252   -7.968  1.00 5.44  ? 138 ARG A NH1 1 
ATOM   714  N NH2 . ARG A 1 102 ? -3.147  3.404   -6.981  1.00 4.24  ? 138 ARG A NH2 1 
ATOM   715  N N   . SER A 1 103 ? -4.320  4.976   -3.482  1.00 5.85  ? 139 SER A N   1 
ATOM   716  C CA  . SER A 1 103 ? -3.410  5.981   -4.093  1.00 6.06  ? 139 SER A CA  1 
ATOM   717  C C   . SER A 1 103 ? -2.058  5.340   -4.434  1.00 7.09  ? 139 SER A C   1 
ATOM   718  O O   . SER A 1 103 ? -1.557  4.520   -3.564  1.00 6.68  ? 139 SER A O   1 
ATOM   719  C CB  . SER A 1 103 ? -3.320  6.966   -2.905  1.00 7.33  ? 139 SER A CB  1 
ATOM   720  O OG  . SER A 1 103 ? -2.478  8.015   -3.395  1.00 8.35  ? 139 SER A OG  1 
ATOM   721  N N   . GLY A 1 104 ? -1.490  5.652   -5.575  1.00 6.05  ? 140 GLY A N   1 
ATOM   722  C CA  . GLY A 1 104 ? -0.175  4.991   -5.908  1.00 6.98  ? 140 GLY A CA  1 
ATOM   723  C C   . GLY A 1 104 ? 0.453   5.830   -7.068  1.00 7.48  ? 140 GLY A C   1 
ATOM   724  O O   . GLY A 1 104 ? -0.256  6.651   -7.687  1.00 8.43  ? 140 GLY A O   1 
ATOM   725  N N   . ARG A 1 105 ? 1.719   5.582   -7.303  1.00 7.36  ? 141 ARG A N   1 
ATOM   726  C CA  . ARG A 1 105 ? 2.446   6.391   -8.268  1.00 8.21  ? 141 ARG A CA  1 
ATOM   727  C C   . ARG A 1 105 ? 2.028   6.139   -9.694  1.00 9.61  ? 141 ARG A C   1 
ATOM   728  O O   . ARG A 1 105 ? 2.538   6.953   -10.458 1.00 9.08  ? 141 ARG A O   1 
ATOM   729  C CB  . ARG A 1 105 ? 3.955   6.247   -8.057  1.00 7.62  ? 141 ARG A CB  1 
ATOM   730  C CG  . ARG A 1 105 ? 4.526   4.824   -8.077  1.00 8.65  ? 141 ARG A CG  1 
ATOM   731  C CD  . ARG A 1 105 ? 4.743   4.349   -9.484  1.00 12.18 ? 141 ARG A CD  1 
ATOM   732  N NE  . ARG A 1 105 ? 5.595   5.305   -10.195 1.00 13.40 ? 141 ARG A NE  1 
ATOM   733  C CZ  . ARG A 1 105 ? 5.588   5.420   -11.532 1.00 15.53 ? 141 ARG A CZ  1 
ATOM   734  N NH1 . ARG A 1 105 ? 6.473   6.214   -12.179 1.00 15.30 ? 141 ARG A NH1 1 
ATOM   735  N NH2 . ARG A 1 105 ? 4.660   4.713   -12.188 1.00 15.83 ? 141 ARG A NH2 1 
ATOM   736  N N   . THR A 1 106 ? 1.248   5.143   -10.053 1.00 8.53  ? 142 THR A N   1 
ATOM   737  C CA  . THR A 1 106 ? 1.007   4.917   -11.494 1.00 9.32  ? 142 THR A CA  1 
ATOM   738  C C   . THR A 1 106 ? -0.378  5.421   -11.858 1.00 9.81  ? 142 THR A C   1 
ATOM   739  O O   . THR A 1 106 ? -0.320  6.269   -12.763 1.00 9.75  ? 142 THR A O   1 
ATOM   740  C CB  . THR A 1 106 ? 1.213   3.412   -11.896 1.00 9.31  ? 142 THR A CB  1 
ATOM   741  O OG1 . THR A 1 106 ? 2.625   3.134   -11.641 1.00 9.39  ? 142 THR A OG1 1 
ATOM   742  C CG2 . THR A 1 106 ? 0.709   3.106   -13.301 1.00 10.13 ? 142 THR A CG2 1 
ATOM   743  N N   . THR A 1 107 ? -1.417  4.934   -11.199 1.00 8.74  ? 143 THR A N   1 
ATOM   744  C CA  . THR A 1 107 ? -2.718  5.526   -11.610 1.00 8.51  ? 143 THR A CA  1 
ATOM   745  C C   . THR A 1 107 ? -3.175  6.620   -10.661 1.00 9.54  ? 143 THR A C   1 
ATOM   746  O O   . THR A 1 107 ? -4.355  6.998   -10.889 1.00 10.51 ? 143 THR A O   1 
ATOM   747  C CB  . THR A 1 107 ? -3.752  4.334   -11.713 1.00 9.29  ? 143 THR A CB  1 
ATOM   748  O OG1 . THR A 1 107 ? -3.784  3.884   -10.312 1.00 8.51  ? 143 THR A OG1 1 
ATOM   749  C CG2 . THR A 1 107 ? -3.290  3.215   -12.638 1.00 9.33  ? 143 THR A CG2 1 
ATOM   750  N N   . GLY A 1 108 ? -2.465  7.152   -9.706  1.00 7.88  ? 156 GLY A N   1 
ATOM   751  C CA  . GLY A 1 108 ? -2.944  8.221   -8.849  1.00 7.22  ? 156 GLY A CA  1 
ATOM   752  C C   . GLY A 1 108 ? -3.998  7.697   -7.896  1.00 9.28  ? 156 GLY A C   1 
ATOM   753  O O   . GLY A 1 108 ? -3.941  6.541   -7.458  1.00 10.47 ? 156 GLY A O   1 
ATOM   754  N N   . TYR A 1 109 ? -4.986  8.497   -7.607  1.00 8.26  ? 157 TYR A N   1 
ATOM   755  C CA  . TYR A 1 109 ? -6.052  8.201   -6.607  1.00 7.70  ? 157 TYR A CA  1 
ATOM   756  C C   . TYR A 1 109 ? -7.260  7.677   -7.289  1.00 8.25  ? 157 TYR A C   1 
ATOM   757  O O   . TYR A 1 109 ? -7.774  8.464   -8.127  1.00 9.47  ? 157 TYR A O   1 
ATOM   758  C CB  . TYR A 1 109 ? -6.267  9.571   -5.919  1.00 7.53  ? 157 TYR A CB  1 
ATOM   759  C CG  . TYR A 1 109 ? -7.128  9.498   -4.669  1.00 8.45  ? 157 TYR A CG  1 
ATOM   760  C CD1 . TYR A 1 109 ? -8.465  9.825   -4.733  1.00 8.43  ? 157 TYR A CD1 1 
ATOM   761  C CD2 . TYR A 1 109 ? -6.588  9.081   -3.447  1.00 9.92  ? 157 TYR A CD2 1 
ATOM   762  C CE1 . TYR A 1 109 ? -9.287  9.738   -3.593  1.00 10.53 ? 157 TYR A CE1 1 
ATOM   763  C CE2 . TYR A 1 109 ? -7.368  9.008   -2.291  1.00 10.95 ? 157 TYR A CE2 1 
ATOM   764  C CZ  . TYR A 1 109 ? -8.714  9.372   -2.378  1.00 10.72 ? 157 TYR A CZ  1 
ATOM   765  O OH  . TYR A 1 109 ? -9.475  9.349   -1.266  1.00 13.15 ? 157 TYR A OH  1 
ATOM   766  N N   . GLN A 1 110 ? -7.696  6.479   -7.051  1.00 7.43  ? 158 GLN A N   1 
ATOM   767  C CA  . GLN A 1 110 ? -8.867  5.868   -7.745  1.00 7.74  ? 158 GLN A CA  1 
ATOM   768  C C   . GLN A 1 110 ? -9.848  5.348   -6.677  1.00 8.43  ? 158 GLN A C   1 
ATOM   769  O O   . GLN A 1 110 ? -9.267  4.862   -5.656  1.00 7.39  ? 158 GLN A O   1 
ATOM   770  C CB  . GLN A 1 110 ? -8.473  4.678   -8.638  1.00 7.95  ? 158 GLN A CB  1 
ATOM   771  C CG  . GLN A 1 110 ? -7.442  5.051   -9.699  1.00 9.55  ? 158 GLN A CG  1 
ATOM   772  C CD  . GLN A 1 110 ? -8.044  5.976   -10.712 1.00 13.38 ? 158 GLN A CD  1 
ATOM   773  O OE1 . GLN A 1 110 ? -9.261  6.009   -10.957 1.00 13.90 ? 158 GLN A OE1 1 
ATOM   774  N NE2 . GLN A 1 110 ? -7.274  6.783   -11.449 1.00 12.74 ? 158 GLN A NE2 1 
ATOM   775  N N   . CYS A 1 111 ? -11.135 5.406   -6.937  1.00 6.46  ? 159 CYS A N   1 
ATOM   776  C CA  . CYS A 1 111 ? -12.042 4.933   -5.866  1.00 7.44  ? 159 CYS A CA  1 
ATOM   777  C C   . CYS A 1 111 ? -12.974 3.887   -6.425  1.00 9.44  ? 159 CYS A C   1 
ATOM   778  O O   . CYS A 1 111 ? -13.094 3.781   -7.662  1.00 10.52 ? 159 CYS A O   1 
ATOM   779  C CB  . CYS A 1 111 ? -12.905 6.109   -5.407  1.00 8.20  ? 159 CYS A CB  1 
ATOM   780  S SG  . CYS A 1 111 ? -11.907 7.473   -4.732  1.00 11.84 ? 159 CYS A SG  1 
ATOM   781  N N   . GLY A 1 112 ? -13.609 3.118   -5.571  1.00 8.10  ? 160 GLY A N   1 
ATOM   782  C CA  . GLY A 1 112 ? -14.532 2.051   -6.047  1.00 8.20  ? 160 GLY A CA  1 
ATOM   783  C C   . GLY A 1 112 ? -15.116 1.506   -4.703  1.00 9.58  ? 160 GLY A C   1 
ATOM   784  O O   . GLY A 1 112 ? -15.310 2.285   -3.717  1.00 9.11  ? 160 GLY A O   1 
ATOM   785  N N   . THR A 1 113 ? -15.403 0.213   -4.768  1.00 10.82 ? 161 THR A N   1 
ATOM   786  C CA  . THR A 1 113 ? -16.001 -0.365  -3.515  1.00 13.06 ? 161 THR A CA  1 
ATOM   787  C C   . THR A 1 113 ? -15.323 -1.700  -3.285  1.00 11.34 ? 161 THR A C   1 
ATOM   788  O O   . THR A 1 113 ? -14.716 -2.257  -4.198  1.00 10.23 ? 161 THR A O   1 
ATOM   789  C CB  . THR A 1 113 ? -17.591 -0.400  -3.616  1.00 16.65 ? 161 THR A CB  1 
ATOM   790  O OG1 . THR A 1 113 ? -17.878 -1.553  -4.434  1.00 21.12 ? 161 THR A OG1 1 
ATOM   791  C CG2 . THR A 1 113 ? -18.381 0.676   -4.350  1.00 14.53 ? 161 THR A CG2 1 
ATOM   792  N N   . ILE A 1 114 ? -15.472 -2.144  -2.074  1.00 10.28 ? 162 ILE A N   1 
ATOM   793  C CA  . ILE A 1 114 ? -14.927 -3.456  -1.645  1.00 10.42 ? 162 ILE A CA  1 
ATOM   794  C C   . ILE A 1 114 ? -15.971 -4.504  -2.063  1.00 11.72 ? 162 ILE A C   1 
ATOM   795  O O   . ILE A 1 114 ? -17.175 -4.316  -1.725  1.00 11.30 ? 162 ILE A O   1 
ATOM   796  C CB  . ILE A 1 114 ? -14.773 -3.420  -0.083  1.00 10.76 ? 162 ILE A CB  1 
ATOM   797  C CG1 . ILE A 1 114 ? -13.674 -2.369  0.313   1.00 11.11 ? 162 ILE A CG1 1 
ATOM   798  C CG2 . ILE A 1 114 ? -14.456 -4.854  0.415   1.00 10.53 ? 162 ILE A CG2 1 
ATOM   799  C CD1 . ILE A 1 114 ? -13.590 -2.151  1.857   1.00 13.38 ? 162 ILE A CD1 1 
ATOM   800  N N   . THR A 1 115 ? -15.487 -5.510  -2.751  1.00 11.75 ? 163 THR A N   1 
ATOM   801  C CA  . THR A 1 115 ? -16.444 -6.524  -3.240  1.00 14.88 ? 163 THR A CA  1 
ATOM   802  C C   . THR A 1 115 ? -16.342 -7.893  -2.589  1.00 15.40 ? 163 THR A C   1 
ATOM   803  O O   . THR A 1 115 ? -17.307 -8.672  -2.808  1.00 16.16 ? 163 THR A O   1 
ATOM   804  C CB  . THR A 1 115 ? -16.217 -6.644  -4.823  1.00 15.87 ? 163 THR A CB  1 
ATOM   805  O OG1 . THR A 1 115 ? -14.780 -6.819  -5.029  1.00 15.94 ? 163 THR A OG1 1 
ATOM   806  C CG2 . THR A 1 115 ? -16.566 -5.296  -5.513  1.00 16.87 ? 163 THR A CG2 1 
ATOM   807  N N   . ALA A 1 116 ? -15.234 -8.142  -1.921  1.00 12.66 ? 164 ALA A N   1 
ATOM   808  C CA  . ALA A 1 116 ? -15.057 -9.483  -1.312  1.00 12.26 ? 164 ALA A CA  1 
ATOM   809  C C   . ALA A 1 116 ? -13.855 -9.455  -0.392  1.00 12.27 ? 164 ALA A C   1 
ATOM   810  O O   . ALA A 1 116 ? -12.976 -8.593  -0.587  1.00 12.02 ? 164 ALA A O   1 
ATOM   811  C CB  . ALA A 1 116 ? -14.857 -10.499 -2.442  1.00 11.90 ? 164 ALA A CB  1 
ATOM   812  N N   . LYS A 1 117 ? -13.866 -10.347 0.597   1.00 10.17 ? 165 LYS A N   1 
ATOM   813  C CA  . LYS A 1 117 ? -12.773 -10.434 1.547   1.00 11.63 ? 165 LYS A CA  1 
ATOM   814  C C   . LYS A 1 117 ? -12.268 -11.887 1.524   1.00 14.58 ? 165 LYS A C   1 
ATOM   815  O O   . LYS A 1 117 ? -12.998 -12.789 1.025   1.00 13.03 ? 165 LYS A O   1 
ATOM   816  C CB  . LYS A 1 117 ? -13.282 -10.079 2.939   1.00 11.41 ? 165 LYS A CB  1 
ATOM   817  C CG  . LYS A 1 117 ? -13.426 -8.574  3.096   1.00 13.57 ? 165 LYS A CG  1 
ATOM   818  C CD  . LYS A 1 117 ? -13.733 -8.122  4.515   1.00 14.39 ? 165 LYS A CD  1 
ATOM   819  C CE  . LYS A 1 117 ? -13.940 -6.583  4.611   1.00 13.82 ? 165 LYS A CE  1 
ATOM   820  N NZ  . LYS A 1 117 ? -14.178 -6.311  6.066   1.00 14.41 ? 165 LYS A NZ  1 
ATOM   821  N N   . ASN A 1 118 ? -11.073 -12.039 2.095   1.00 15.66 ? 166 ASN A N   1 
ATOM   822  C CA  . ASN A 1 118 ? -10.470 -13.361 2.169   1.00 17.79 ? 166 ASN A CA  1 
ATOM   823  C C   . ASN A 1 118 ? -10.252 -14.020 0.820   1.00 17.30 ? 166 ASN A C   1 
ATOM   824  O O   . ASN A 1 118 ? -10.523 -15.239 0.697   1.00 15.46 ? 166 ASN A O   1 
ATOM   825  C CB  . ASN A 1 118 ? -11.401 -14.187 3.053   1.00 23.02 ? 166 ASN A CB  1 
ATOM   826  C CG  . ASN A 1 118 ? -10.494 -15.204 3.736   1.00 30.05 ? 166 ASN A CG  1 
ATOM   827  O OD1 . ASN A 1 118 ? -10.990 -16.342 4.014   1.00 34.73 ? 166 ASN A OD1 1 
ATOM   828  N ND2 . ASN A 1 118 ? -9.224  -14.956 4.064   1.00 31.23 ? 166 ASN A ND2 1 
ATOM   829  N N   . VAL A 1 119 ? -9.789  -13.259 -0.159  1.00 14.09 ? 167 VAL A N   1 
ATOM   830  C CA  . VAL A 1 119 ? -9.523  -13.808 -1.469  1.00 14.34 ? 167 VAL A CA  1 
ATOM   831  C C   . VAL A 1 119 ? -8.069  -14.295 -1.515  1.00 15.49 ? 167 VAL A C   1 
ATOM   832  O O   . VAL A 1 119 ? -7.159  -13.639 -0.919  1.00 15.94 ? 167 VAL A O   1 
ATOM   833  C CB  . VAL A 1 119 ? -9.792  -12.645 -2.459  1.00 15.22 ? 167 VAL A CB  1 
ATOM   834  C CG1 . VAL A 1 119 ? -9.459  -13.075 -3.878  1.00 13.46 ? 167 VAL A CG1 1 
ATOM   835  C CG2 . VAL A 1 119 ? -11.250 -12.213 -2.268  1.00 14.59 ? 167 VAL A CG2 1 
ATOM   836  N N   . THR A 1 120 ? -7.861  -15.398 -2.232  1.00 14.62 ? 168 THR A N   1 
ATOM   837  C CA  . THR A 1 120 ? -6.518  -15.932 -2.506  1.00 16.37 ? 168 THR A CA  1 
ATOM   838  C C   . THR A 1 120 ? -6.020  -15.467 -3.889  1.00 16.25 ? 168 THR A C   1 
ATOM   839  O O   . THR A 1 120 ? -6.770  -15.642 -4.879  1.00 15.65 ? 168 THR A O   1 
ATOM   840  C CB  . THR A 1 120 ? -6.367  -17.530 -2.574  1.00 17.12 ? 168 THR A CB  1 
ATOM   841  O OG1 . THR A 1 120 ? -6.657  -17.882 -1.191  1.00 18.51 ? 168 THR A OG1 1 
ATOM   842  C CG2 . THR A 1 120 ? -4.900  -17.987 -2.813  1.00 16.56 ? 168 THR A CG2 1 
ATOM   843  N N   . ALA A 1 121 ? -4.799  -14.935 -3.992  1.00 16.12 ? 169 ALA A N   1 
ATOM   844  C CA  . ALA A 1 121 ? -4.304  -14.536 -5.343  1.00 15.48 ? 169 ALA A CA  1 
ATOM   845  C C   . ALA A 1 121 ? -3.273  -15.634 -5.625  1.00 16.64 ? 169 ALA A C   1 
ATOM   846  O O   . ALA A 1 121 ? -2.427  -15.926 -4.724  1.00 17.23 ? 169 ALA A O   1 
ATOM   847  C CB  . ALA A 1 121 ? -3.624  -13.160 -5.260  1.00 15.80 ? 169 ALA A CB  1 
ATOM   848  N N   . ASN A 1 122 ? -3.319  -16.235 -6.777  1.00 17.10 ? 170 ASN A N   1 
ATOM   849  C CA  . ASN A 1 122 ? -2.318  -17.274 -7.126  1.00 18.83 ? 170 ASN A CA  1 
ATOM   850  C C   . ASN A 1 122 ? -1.209  -16.615 -7.933  1.00 17.82 ? 170 ASN A C   1 
ATOM   851  O O   . ASN A 1 122 ? -1.307  -16.686 -9.175  1.00 19.07 ? 170 ASN A O   1 
ATOM   852  C CB  . ASN A 1 122 ? -3.024  -18.422 -7.880  1.00 22.44 ? 170 ASN A CB  1 
ATOM   853  C CG  . ASN A 1 122 ? -3.714  -19.244 -6.777  1.00 26.54 ? 170 ASN A CG  1 
ATOM   854  O OD1 . ASN A 1 122 ? -3.151  -19.691 -5.738  1.00 28.23 ? 170 ASN A OD1 1 
ATOM   855  N ND2 . ASN A 1 122 ? -5.016  -19.454 -6.984  1.00 27.45 ? 170 ASN A ND2 1 
ATOM   856  N N   . TYR A 1 123 ? -0.242  -16.007 -7.290  1.00 15.50 ? 171 TYR A N   1 
ATOM   857  C CA  . TYR A 1 123 ? 0.859   -15.331 -8.018  1.00 15.21 ? 171 TYR A CA  1 
ATOM   858  C C   . TYR A 1 123 ? 1.908   -16.380 -8.443  1.00 17.46 ? 171 TYR A C   1 
ATOM   859  O O   . TYR A 1 123 ? 1.948   -17.497 -7.871  1.00 16.15 ? 171 TYR A O   1 
ATOM   860  C CB  . TYR A 1 123 ? 1.449   -14.211 -7.178  1.00 13.63 ? 171 TYR A CB  1 
ATOM   861  C CG  . TYR A 1 123 ? 0.572   -13.042 -6.742  1.00 12.47 ? 171 TYR A CG  1 
ATOM   862  C CD1 . TYR A 1 123 ? 0.750   -12.546 -5.442  1.00 13.61 ? 171 TYR A CD1 1 
ATOM   863  C CD2 . TYR A 1 123 ? -0.350  -12.419 -7.552  1.00 10.40 ? 171 TYR A CD2 1 
ATOM   864  C CE1 . TYR A 1 123 ? -0.019  -11.454 -4.976  1.00 13.77 ? 171 TYR A CE1 1 
ATOM   865  C CE2 . TYR A 1 123 ? -1.091  -11.335 -7.121  1.00 12.72 ? 171 TYR A CE2 1 
ATOM   866  C CZ  . TYR A 1 123 ? -0.908  -10.836 -5.832  1.00 13.37 ? 171 TYR A CZ  1 
ATOM   867  O OH  . TYR A 1 123 ? -1.630  -9.733  -5.394  1.00 14.63 ? 171 TYR A OH  1 
ATOM   868  N N   . ALA A 1 124 ? 2.724   -15.981 -9.427  1.00 16.60 ? 172 ALA A N   1 
ATOM   869  C CA  . ALA A 1 124 ? 3.783   -16.881 -9.909  1.00 16.84 ? 172 ALA A CA  1 
ATOM   870  C C   . ALA A 1 124 ? 4.621   -17.393 -8.730  1.00 15.15 ? 172 ALA A C   1 
ATOM   871  O O   . ALA A 1 124 ? 5.032   -18.594 -8.672  1.00 17.45 ? 172 ALA A O   1 
ATOM   872  C CB  . ALA A 1 124 ? 4.658   -16.143 -10.936 1.00 16.78 ? 172 ALA A CB  1 
ATOM   873  N N   . GLU A 1 125 ? 4.896   -16.520 -7.771  1.00 12.47 ? 174 GLU A N   1 
ATOM   874  C CA  . GLU A 1 125 ? 5.714   -16.912 -6.633  1.00 11.81 ? 174 GLU A CA  1 
ATOM   875  C C   . GLU A 1 125 ? 5.056   -17.856 -5.630  1.00 10.67 ? 174 GLU A C   1 
ATOM   876  O O   . GLU A 1 125 ? 5.819   -18.474 -4.874  1.00 10.65 ? 174 GLU A O   1 
ATOM   877  C CB  . GLU A 1 125 ? 6.063   -15.622 -5.834  1.00 14.87 ? 174 GLU A CB  1 
ATOM   878  C CG  . GLU A 1 125 ? 6.981   -14.746 -6.681  1.00 15.68 ? 174 GLU A CG  1 
ATOM   879  C CD  . GLU A 1 125 ? 6.187   -13.753 -7.498  1.00 17.46 ? 174 GLU A CD  1 
ATOM   880  O OE1 . GLU A 1 125 ? 5.013   -13.848 -7.815  1.00 16.90 ? 174 GLU A OE1 1 
ATOM   881  O OE2 . GLU A 1 125 ? 6.966   -12.822 -7.835  1.00 19.39 ? 174 GLU A OE2 1 
ATOM   882  N N   . GLY A 1 126 ? 3.759   -17.914 -5.584  1.00 9.36  ? 175 GLY A N   1 
ATOM   883  C CA  . GLY A 1 126 ? 3.047   -18.703 -4.568  1.00 11.14 ? 175 GLY A CA  1 
ATOM   884  C C   . GLY A 1 126 ? 1.745   -17.981 -4.224  1.00 12.22 ? 175 GLY A C   1 
ATOM   885  O O   . GLY A 1 126 ? 1.625   -16.794 -4.562  1.00 13.58 ? 175 GLY A O   1 
ATOM   886  N N   . ALA A 1 127 ? 0.810   -18.629 -3.579  1.00 11.32 ? 176 ALA A N   1 
ATOM   887  C CA  . ALA A 1 127 ? -0.473  -18.021 -3.225  1.00 12.93 ? 176 ALA A CA  1 
ATOM   888  C C   . ALA A 1 127 ? -0.262  -16.966 -2.125  1.00 10.30 ? 176 ALA A C   1 
ATOM   889  O O   . ALA A 1 127 ? 0.664   -17.114 -1.311  1.00 8.41  ? 176 ALA A O   1 
ATOM   890  C CB  . ALA A 1 127 ? -1.391  -19.108 -2.611  1.00 13.53 ? 176 ALA A CB  1 
ATOM   891  N N   . VAL A 1 128 ? -1.117  -15.984 -2.139  1.00 9.54  ? 177 VAL A N   1 
ATOM   892  C CA  . VAL A 1 128 ? -1.170  -14.948 -1.107  1.00 9.97  ? 177 VAL A CA  1 
ATOM   893  C C   . VAL A 1 128 ? -2.650  -15.086 -0.692  1.00 10.64 ? 177 VAL A C   1 
ATOM   894  O O   . VAL A 1 128 ? -3.568  -14.951 -1.556  1.00 12.71 ? 177 VAL A O   1 
ATOM   895  C CB  . VAL A 1 128 ? -0.793  -13.516 -1.464  1.00 10.54 ? 177 VAL A CB  1 
ATOM   896  C CG1 . VAL A 1 128 ? -1.070  -12.473 -0.370  1.00 8.08  ? 177 VAL A CG1 1 
ATOM   897  C CG2 . VAL A 1 128 ? 0.693   -13.544 -1.790  1.00 8.81  ? 177 VAL A CG2 1 
ATOM   898  N N   . ARG A 1 129 ? -2.870  -15.348 0.566   1.00 10.43 ? 178 ARG A N   1 
ATOM   899  C CA  . ARG A 1 129 ? -4.257  -15.547 1.001   1.00 12.33 ? 178 ARG A CA  1 
ATOM   900  C C   . ARG A 1 129 ? -4.777  -14.397 1.825   1.00 11.39 ? 178 ARG A C   1 
ATOM   901  O O   . ARG A 1 129 ? -3.939  -13.585 2.258   1.00 11.75 ? 178 ARG A O   1 
ATOM   902  C CB  . ARG A 1 129 ? -4.165  -16.739 2.027   1.00 19.18 ? 178 ARG A CB  1 
ATOM   903  C CG  . ARG A 1 129 ? -3.734  -17.991 1.262   1.00 27.88 ? 178 ARG A CG  1 
ATOM   904  C CD  . ARG A 1 129 ? -4.345  -19.221 1.914   1.00 35.13 ? 178 ARG A CD  1 
ATOM   905  N NE  . ARG A 1 129 ? -4.636  -20.163 0.793   1.00 42.27 ? 178 ARG A NE  1 
ATOM   906  C CZ  . ARG A 1 129 ? -3.566  -20.828 0.222   1.00 45.87 ? 178 ARG A CZ  1 
ATOM   907  N NH1 . ARG A 1 129 ? -2.316  -20.726 0.773   1.00 47.17 ? 178 ARG A NH1 1 
ATOM   908  N NH2 . ARG A 1 129 ? -3.743  -21.539 -0.927  1.00 46.16 ? 178 ARG A NH2 1 
ATOM   909  N N   . GLY A 1 130 ? -6.109  -14.413 2.043   1.00 10.60 ? 179 GLY A N   1 
ATOM   910  C CA  . GLY A 1 130 ? -6.674  -13.393 2.925   1.00 10.16 ? 179 GLY A CA  1 
ATOM   911  C C   . GLY A 1 130 ? -6.710  -11.965 2.404   1.00 11.05 ? 179 GLY A C   1 
ATOM   912  O O   . GLY A 1 130 ? -6.936  -11.057 3.268   1.00 9.93  ? 179 GLY A O   1 
ATOM   913  N N   . LEU A 1 131 ? -6.632  -11.821 1.100   1.00 8.83  ? 180 LEU A N   1 
ATOM   914  C CA  . LEU A 1 131 ? -6.727  -10.407 0.567   1.00 9.68  ? 180 LEU A CA  1 
ATOM   915  C C   . LEU A 1 131 ? -8.173  -9.923  0.454   1.00 9.92  ? 180 LEU A C   1 
ATOM   916  O O   . LEU A 1 131 ? -9.086  -10.776 0.315   1.00 9.79  ? 180 LEU A O   1 
ATOM   917  C CB  . LEU A 1 131 ? -6.067  -10.439 -0.832  1.00 9.10  ? 180 LEU A CB  1 
ATOM   918  C CG  . LEU A 1 131 ? -4.609  -10.898 -0.834  1.00 9.64  ? 180 LEU A CG  1 
ATOM   919  C CD1 . LEU A 1 131 ? -4.100  -11.028 -2.259  1.00 9.87  ? 180 LEU A CD1 1 
ATOM   920  C CD2 . LEU A 1 131 ? -3.742  -9.821  -0.151  1.00 11.15 ? 180 LEU A CD2 1 
ATOM   921  N N   . THR A 1 132 ? -8.372  -8.605  0.470   1.00 9.04  ? 181 THR A N   1 
ATOM   922  C CA  . THR A 1 132 ? -9.697  -8.004  0.302   1.00 8.41  ? 181 THR A CA  1 
ATOM   923  C C   . THR A 1 132 ? -9.697  -7.498  -1.167  1.00 10.28 ? 181 THR A C   1 
ATOM   924  O O   . THR A 1 132 ? -8.619  -7.050  -1.717  1.00 8.74  ? 181 THR A O   1 
ATOM   925  C CB  . THR A 1 132 ? -9.922  -6.761  1.256   1.00 10.16 ? 181 THR A CB  1 
ATOM   926  O OG1 . THR A 1 132 ? -9.837  -7.399  2.564   1.00 12.03 ? 181 THR A OG1 1 
ATOM   927  C CG2 . THR A 1 132 ? -11.288 -6.111  0.997   1.00 8.54  ? 181 THR A CG2 1 
ATOM   928  N N   . GLN A 1 133 ? -10.851 -7.658  -1.796  1.00 10.00 ? 182 GLN A N   1 
ATOM   929  C CA  . GLN A 1 133 ? -10.953 -7.236  -3.195  1.00 10.96 ? 182 GLN A CA  1 
ATOM   930  C C   . GLN A 1 133 ? -11.812 -5.973  -3.334  1.00 11.89 ? 182 GLN A C   1 
ATOM   931  O O   . GLN A 1 133 ? -12.893 -5.940  -2.713  1.00 12.28 ? 182 GLN A O   1 
ATOM   932  C CB  . GLN A 1 133 ? -11.505 -8.389  -4.048  1.00 13.35 ? 182 GLN A CB  1 
ATOM   933  C CG  . GLN A 1 133 ? -11.765 -7.991  -5.504  1.00 15.96 ? 182 GLN A CG  1 
ATOM   934  C CD  . GLN A 1 133 ? -12.534 -9.179  -6.099  1.00 20.19 ? 182 GLN A CD  1 
ATOM   935  O OE1 . GLN A 1 133 ? -11.914 -10.095 -6.610  1.00 22.49 ? 182 GLN A OE1 1 
ATOM   936  N NE2 . GLN A 1 133 ? -13.852 -9.283  -5.977  1.00 20.10 ? 182 GLN A NE2 1 
ATOM   937  N N   . GLY A 1 134 ? -11.351 -5.029  -4.152  1.00 9.87  ? 183 GLY A N   1 
ATOM   938  C CA  . GLY A 1 134 ? -12.096 -3.813  -4.438  1.00 9.58  ? 183 GLY A CA  1 
ATOM   939  C C   . GLY A 1 134 ? -12.120 -3.705  -5.976  1.00 9.76  ? 183 GLY A C   1 
ATOM   940  O O   . GLY A 1 134 ? -11.398 -4.452  -6.669  1.00 9.91  ? 183 GLY A O   1 
ATOM   941  N N   . ASN A 1 135 ? -12.848 -2.747  -6.453  1.00 9.54  ? 184 ASN A N   1 
ATOM   942  C CA  . ASN A 1 135 ? -12.949 -2.557  -7.917  1.00 10.92 ? 184 ASN A CA  1 
ATOM   943  C C   . ASN A 1 135 ? -12.427 -1.193  -8.335  1.00 10.18 ? 184 ASN A C   1 
ATOM   944  O O   . ASN A 1 135 ? -12.753 -0.867  -9.490  1.00 11.27 ? 184 ASN A O   1 
ATOM   945  C CB  . ASN A 1 135 ? -14.331 -2.990  -8.443  1.00 10.67 ? 184 ASN A CB  1 
ATOM   946  C CG  . ASN A 1 135 ? -15.384 -2.033  -7.891  1.00 12.49 ? 184 ASN A CG  1 
ATOM   947  O OD1 . ASN A 1 135 ? -15.154 -0.977  -7.301  1.00 10.18 ? 184 ASN A OD1 1 
ATOM   948  N ND2 . ASN A 1 135 ? -16.645 -2.437  -8.076  1.00 12.96 ? 184 ASN A ND2 1 
ATOM   949  N N   . ALA A 1 136 ? -11.676 -0.544  -7.466  1.00 7.43  ? 190 ALA A N   1 
ATOM   950  C CA  . ALA A 1 136 ? -11.030 0.723   -7.901  1.00 7.56  ? 190 ALA A CA  1 
ATOM   951  C C   . ALA A 1 136 ? -9.945  0.222   -8.889  1.00 9.12  ? 190 ALA A C   1 
ATOM   952  O O   . ALA A 1 136 ? -9.465  -0.927  -8.680  1.00 10.91 ? 190 ALA A O   1 
ATOM   953  C CB  . ALA A 1 136 ? -10.421 1.264   -6.632  1.00 5.54  ? 190 ALA A CB  1 
ATOM   954  N N   . CYS A 1 137 ? -9.543  0.922   -9.940  1.00 6.74  ? 191 CYS A N   1 
ATOM   955  C CA  . CYS A 1 137 ? -8.548  0.419   -10.875 1.00 7.06  ? 191 CYS A CA  1 
ATOM   956  C C   . CYS A 1 137 ? -7.177  0.743   -10.310 1.00 9.15  ? 191 CYS A C   1 
ATOM   957  O O   . CYS A 1 137 ? -7.022  1.500   -9.326  1.00 10.22 ? 191 CYS A O   1 
ATOM   958  C CB  . CYS A 1 137 ? -8.773  0.860   -12.303 1.00 6.07  ? 191 CYS A CB  1 
ATOM   959  S SG  . CYS A 1 137 ? -8.342  2.624   -12.586 1.00 8.73  ? 191 CYS A SG  1 
ATOM   960  N N   . MET A 1 138 ? -6.183  0.124   -10.921 1.00 9.41  ? 192 MET A N   1 
ATOM   961  C CA  . MET A 1 138 ? -4.772  0.179   -10.446 1.00 8.29  ? 192 MET A CA  1 
ATOM   962  C C   . MET A 1 138 ? -3.840  -0.273  -11.572 1.00 8.23  ? 192 MET A C   1 
ATOM   963  O O   . MET A 1 138 ? -4.333  -0.884  -12.544 1.00 7.21  ? 192 MET A O   1 
ATOM   964  C CB  . MET A 1 138 ? -4.630  -0.787  -9.239  1.00 8.53  ? 192 MET A CB  1 
ATOM   965  C CG  . MET A 1 138 ? -5.105  -2.215  -9.502  1.00 11.32 ? 192 MET A CG  1 
ATOM   966  S SD  . MET A 1 138 ? -3.658  -3.243  -9.985  1.00 17.45 ? 192 MET A SD  1 
ATOM   967  C CE  . MET A 1 138 ? -4.397  -4.640  -10.815 1.00 16.39 ? 192 MET A CE  1 
ATOM   968  N N   . GLY A 1 139 A -2.564  -0.027  -11.446 1.00 7.75  ? 192 GLY A N   1 
ATOM   969  C CA  . GLY A 1 139 A -1.610  -0.439  -12.490 1.00 8.19  ? 192 GLY A CA  1 
ATOM   970  C C   . GLY A 1 139 A -0.261  -0.770  -11.878 1.00 8.42  ? 192 GLY A C   1 
ATOM   971  O O   . GLY A 1 139 A 0.036   -0.524  -10.697 1.00 8.63  ? 192 GLY A O   1 
ATOM   972  N N   . ARG A 1 140 B 0.632   -1.314  -12.690 1.00 7.59  ? 192 ARG A N   1 
ATOM   973  C CA  . ARG A 1 140 B 1.972   -1.705  -12.307 1.00 8.92  ? 192 ARG A CA  1 
ATOM   974  C C   . ARG A 1 140 B 2.657   -0.472  -11.702 1.00 9.05  ? 192 ARG A C   1 
ATOM   975  O O   . ARG A 1 140 B 2.710   0.540   -12.409 1.00 9.59  ? 192 ARG A O   1 
ATOM   976  C CB  . ARG A 1 140 B 2.725   -2.125  -13.564 1.00 10.97 ? 192 ARG A CB  1 
ATOM   977  C CG  . ARG A 1 140 B 2.330   -3.476  -14.186 1.00 16.24 ? 192 ARG A CG  1 
ATOM   978  C CD  . ARG A 1 140 B 3.247   -3.598  -15.411 1.00 18.94 ? 192 ARG A CD  1 
ATOM   979  N NE  . ARG A 1 140 B 2.674   -4.728  -16.120 1.00 23.99 ? 192 ARG A NE  1 
ATOM   980  C CZ  . ARG A 1 140 B 2.542   -4.575  -17.466 1.00 25.82 ? 192 ARG A CZ  1 
ATOM   981  N NH1 . ARG A 1 140 B 1.711   -5.530  -17.907 1.00 27.94 ? 192 ARG A NH1 1 
ATOM   982  N NH2 . ARG A 1 140 B 3.119   -3.632  -18.202 1.00 23.20 ? 192 ARG A NH2 1 
ATOM   983  N N   . GLY A 1 141 ? 3.158   -0.610  -10.482 1.00 7.54  ? 193 GLY A N   1 
ATOM   984  C CA  . GLY A 1 141 ? 3.816   0.545   -9.834  1.00 7.52  ? 193 GLY A CA  1 
ATOM   985  C C   . GLY A 1 141 ? 2.947   0.946   -8.606  1.00 8.50  ? 193 GLY A C   1 
ATOM   986  O O   . GLY A 1 141 ? 3.505   1.591   -7.679  1.00 8.52  ? 193 GLY A O   1 
ATOM   987  N N   . ASP A 1 142 ? 1.653   0.645   -8.656  1.00 5.94  ? 194 ASP A N   1 
ATOM   988  C CA  . ASP A 1 142 ? 0.800   1.044   -7.528  1.00 6.82  ? 194 ASP A CA  1 
ATOM   989  C C   . ASP A 1 142 ? 1.034   0.168   -6.273  1.00 8.61  ? 194 ASP A C   1 
ATOM   990  O O   . ASP A 1 142 ? 0.497   0.561   -5.199  1.00 8.77  ? 194 ASP A O   1 
ATOM   991  C CB  . ASP A 1 142 ? -0.653  0.917   -8.056  1.00 5.73  ? 194 ASP A CB  1 
ATOM   992  C CG  . ASP A 1 142 ? -1.064  2.115   -8.937  1.00 9.93  ? 194 ASP A CG  1 
ATOM   993  O OD1 . ASP A 1 142 ? -2.032  1.968   -9.702  1.00 9.20  ? 194 ASP A OD1 1 
ATOM   994  O OD2 . ASP A 1 142 ? -0.438  3.228   -8.887  1.00 6.67  ? 194 ASP A OD2 1 
ATOM   995  N N   . SER A 1 143 ? 1.699   -0.952  -6.440  1.00 7.13  ? 195 SER A N   1 
ATOM   996  C CA  . SER A 1 143 ? 1.877   -1.873  -5.292  1.00 8.47  ? 195 SER A CA  1 
ATOM   997  C C   . SER A 1 143 ? 2.377   -1.167  -4.027  1.00 5.79  ? 195 SER A C   1 
ATOM   998  O O   . SER A 1 143 ? 3.274   -0.324  -4.188  1.00 5.67  ? 195 SER A O   1 
ATOM   999  C CB  . SER A 1 143 ? 2.928   -2.987  -5.483  1.00 8.54  ? 195 SER A CB  1 
ATOM   1000 O OG  . SER A 1 143 ? 2.507   -3.684  -6.700  1.00 11.86 ? 195 SER A OG  1 
ATOM   1001 N N   . GLY A 1 144 ? 1.843   -1.628  -2.905  1.00 4.32  ? 196 GLY A N   1 
ATOM   1002 C CA  . GLY A 1 144 ? 2.297   -1.036  -1.642  1.00 3.35  ? 196 GLY A CA  1 
ATOM   1003 C C   . GLY A 1 144 ? 1.500   0.223   -1.300  1.00 6.67  ? 196 GLY A C   1 
ATOM   1004 O O   . GLY A 1 144 ? 1.609   0.623   -0.101  1.00 6.87  ? 196 GLY A O   1 
ATOM   1005 N N   . GLY A 1 145 ? 0.760   0.824   -2.247  1.00 5.08  ? 197 GLY A N   1 
ATOM   1006 C CA  . GLY A 1 145 ? 0.085   2.073   -1.949  1.00 5.32  ? 197 GLY A CA  1 
ATOM   1007 C C   . GLY A 1 145 ? -1.159  1.893   -1.041  1.00 7.65  ? 197 GLY A C   1 
ATOM   1008 O O   . GLY A 1 145 ? -1.689  0.799   -0.834  1.00 5.92  ? 197 GLY A O   1 
ATOM   1009 N N   . SER A 1 146 ? -1.581  3.037   -0.544  1.00 5.83  ? 198 SER A N   1 
ATOM   1010 C CA  . SER A 1 146 ? -2.659  3.085   0.452   1.00 6.83  ? 198 SER A CA  1 
ATOM   1011 C C   . SER A 1 146 ? -4.032  2.732   -0.042  1.00 7.83  ? 198 SER A C   1 
ATOM   1012 O O   . SER A 1 146 ? -4.288  3.186   -1.172  1.00 9.22  ? 198 SER A O   1 
ATOM   1013 C CB  . SER A 1 146 ? -2.780  4.588   0.909   1.00 5.32  ? 198 SER A CB  1 
ATOM   1014 O OG  . SER A 1 146 ? -1.500  5.216   0.927   1.00 5.86  ? 198 SER A OG  1 
ATOM   1015 N N   . TRP A 1 147 ? -4.864  2.152   0.815   1.00 6.06  ? 199 TRP A N   1 
ATOM   1016 C CA  . TRP A 1 147 ? -6.286  1.930   0.440   1.00 4.61  ? 199 TRP A CA  1 
ATOM   1017 C C   . TRP A 1 147 ? -6.918  2.644   1.657   1.00 6.83  ? 199 TRP A C   1 
ATOM   1018 O O   . TRP A 1 147 ? -6.551  2.278   2.814   1.00 5.96  ? 199 TRP A O   1 
ATOM   1019 C CB  . TRP A 1 147 ? -6.749  0.481   0.308   1.00 6.95  ? 199 TRP A CB  1 
ATOM   1020 C CG  . TRP A 1 147 ? -6.487  -0.125  -1.054  1.00 5.53  ? 199 TRP A CG  1 
ATOM   1021 C CD1 . TRP A 1 147 ? -5.263  -0.387  -1.565  1.00 5.54  ? 199 TRP A CD1 1 
ATOM   1022 C CD2 . TRP A 1 147 ? -7.431  -0.555  -2.020  1.00 5.13  ? 199 TRP A CD2 1 
ATOM   1023 N NE1 . TRP A 1 147 ? -5.391  -0.970  -2.837  1.00 6.65  ? 199 TRP A NE1 1 
ATOM   1024 C CE2 . TRP A 1 147 ? -6.727  -1.067  -3.111  1.00 5.30  ? 199 TRP A CE2 1 
ATOM   1025 C CE3 . TRP A 1 147 ? -8.824  -0.547  -2.056  1.00 6.87  ? 199 TRP A CE3 1 
ATOM   1026 C CZ2 . TRP A 1 147 ? -7.334  -1.560  -4.257  1.00 6.75  ? 199 TRP A CZ2 1 
ATOM   1027 C CZ3 . TRP A 1 147 ? -9.476  -1.034  -3.206  1.00 6.73  ? 199 TRP A CZ3 1 
ATOM   1028 C CH2 . TRP A 1 147 ? -8.736  -1.533  -4.276  1.00 6.52  ? 199 TRP A CH2 1 
ATOM   1029 N N   . ILE A 1 148 ? -7.767  3.617   1.458   1.00 5.03  ? 200 ILE A N   1 
ATOM   1030 C CA  . ILE A 1 148 ? -8.350  4.376   2.571   1.00 6.05  ? 200 ILE A CA  1 
ATOM   1031 C C   . ILE A 1 148 ? -9.770  4.828   2.199   1.00 8.26  ? 200 ILE A C   1 
ATOM   1032 O O   . ILE A 1 148 ? -9.982  4.897   0.965   1.00 9.35  ? 200 ILE A O   1 
ATOM   1033 C CB  . ILE A 1 148 ? -7.381  5.617   2.745   1.00 7.20  ? 200 ILE A CB  1 
ATOM   1034 C CG1 . ILE A 1 148 ? -7.743  6.388   4.024   1.00 8.56  ? 200 ILE A CG1 1 
ATOM   1035 C CG2 . ILE A 1 148 ? -7.364  6.572   1.509   1.00 6.22  ? 200 ILE A CG2 1 
ATOM   1036 C CD1 . ILE A 1 148 ? -6.562  7.229   4.573   1.00 8.65  ? 200 ILE A CD1 1 
ATOM   1037 N N   . THR A 1 149 ? -10.623 5.001   3.197   1.00 7.42  ? 201 THR A N   1 
ATOM   1038 C CA  . THR A 1 149 ? -11.982 5.487   2.964   1.00 8.95  ? 201 THR A CA  1 
ATOM   1039 C C   . THR A 1 149 ? -11.858 7.004   3.001   1.00 11.67 ? 201 THR A C   1 
ATOM   1040 O O   . THR A 1 149 ? -10.888 7.555   3.514   1.00 10.37 ? 201 THR A O   1 
ATOM   1041 C CB  . THR A 1 149 ? -13.026 4.958   4.020   1.00 9.58  ? 201 THR A CB  1 
ATOM   1042 O OG1 . THR A 1 149 ? -12.582 5.577   5.288   1.00 8.62  ? 201 THR A OG1 1 
ATOM   1043 C CG2 . THR A 1 149 ? -12.992 3.412   4.213   1.00 9.15  ? 201 THR A CG2 1 
ATOM   1044 N N   . SER A 1 150 ? -12.835 7.736   2.463   1.00 15.22 ? 202 SER A N   1 
ATOM   1045 C CA  . SER A 1 150 ? -12.834 9.211   2.417   1.00 18.26 ? 202 SER A CA  1 
ATOM   1046 C C   . SER A 1 150 ? -12.860 9.747   3.846   1.00 17.85 ? 202 SER A C   1 
ATOM   1047 O O   . SER A 1 150 ? -12.373 10.879  4.049   1.00 20.45 ? 202 SER A O   1 
ATOM   1048 C CB  . SER A 1 150 ? -13.993 9.770   1.611   1.00 21.94 ? 202 SER A CB  1 
ATOM   1049 O OG  . SER A 1 150 ? -15.172 9.240   2.294   1.00 27.59 ? 202 SER A OG  1 
ATOM   1050 N N   . ALA A 1 151 ? -13.370 8.913   4.744   1.00 14.90 ? 203 ALA A N   1 
ATOM   1051 C CA  . ALA A 1 151 ? -13.414 9.331   6.140   1.00 14.68 ? 203 ALA A CA  1 
ATOM   1052 C C   . ALA A 1 151 ? -12.039 9.171   6.744   1.00 15.28 ? 203 ALA A C   1 
ATOM   1053 O O   . ALA A 1 151 ? -11.971 9.459   7.951   1.00 17.40 ? 203 ALA A O   1 
ATOM   1054 C CB  . ALA A 1 151 ? -14.486 8.640   7.001   1.00 15.07 ? 203 ALA A CB  1 
ATOM   1055 N N   . GLY A 1 152 ? -11.033 8.680   6.033   1.00 13.89 ? 207 GLY A N   1 
ATOM   1056 C CA  . GLY A 1 152 ? -9.724  8.558   6.703   1.00 11.01 ? 207 GLY A CA  1 
ATOM   1057 C C   . GLY A 1 152 ? -9.390  7.273   7.435   1.00 8.68  ? 207 GLY A C   1 
ATOM   1058 O O   . GLY A 1 152 ? -8.373  7.305   8.186   1.00 9.32  ? 207 GLY A O   1 
ATOM   1059 N N   . GLN A 1 153 ? -10.177 6.247   7.199   1.00 7.08  ? 208 GLN A N   1 
ATOM   1060 C CA  . GLN A 1 153 ? -9.837  4.970   7.904   1.00 6.23  ? 208 GLN A CA  1 
ATOM   1061 C C   . GLN A 1 153 ? -8.976  4.178   6.903   1.00 6.47  ? 208 GLN A C   1 
ATOM   1062 O O   . GLN A 1 153 ? -9.492  3.816   5.814   1.00 5.26  ? 208 GLN A O   1 
ATOM   1063 C CB  . GLN A 1 153 ? -11.151 4.247   8.228   1.00 7.49  ? 208 GLN A CB  1 
ATOM   1064 C CG  . GLN A 1 153 ? -12.035 5.081   9.184   1.00 9.18  ? 208 GLN A CG  1 
ATOM   1065 C CD  . GLN A 1 153 ? -11.311 5.313   10.479  1.00 10.97 ? 208 GLN A CD  1 
ATOM   1066 O OE1 . GLN A 1 153 ? -10.538 4.536   11.011  1.00 11.98 ? 208 GLN A OE1 1 
ATOM   1067 N NE2 . GLN A 1 153 ? -11.528 6.557   10.964  1.00 10.96 ? 208 GLN A NE2 1 
ATOM   1068 N N   . ALA A 1 154 ? -7.742  3.954   7.301   1.00 5.55  ? 209 ALA A N   1 
ATOM   1069 C CA  . ALA A 1 154 ? -6.757  3.214   6.482   1.00 5.96  ? 209 ALA A CA  1 
ATOM   1070 C C   . ALA A 1 154 ? -7.149  1.741   6.418   1.00 6.95  ? 209 ALA A C   1 
ATOM   1071 O O   . ALA A 1 154 ? -7.385  1.122   7.502   1.00 8.79  ? 209 ALA A O   1 
ATOM   1072 C CB  . ALA A 1 154 ? -5.473  3.398   7.272   1.00 4.02  ? 209 ALA A CB  1 
ATOM   1073 N N   . GLN A 1 155 ? -7.284  1.158   5.262   1.00 5.61  ? 210 GLN A N   1 
ATOM   1074 C CA  . GLN A 1 155 ? -7.722  -0.234  5.083   1.00 7.98  ? 210 GLN A CA  1 
ATOM   1075 C C   . GLN A 1 155 ? -6.629  -1.284  4.794   1.00 8.68  ? 210 GLN A C   1 
ATOM   1076 O O   . GLN A 1 155 ? -6.724  -2.458  5.219   1.00 7.47  ? 210 GLN A O   1 
ATOM   1077 C CB  . GLN A 1 155 ? -8.689  -0.304  3.871   1.00 7.36  ? 210 GLN A CB  1 
ATOM   1078 C CG  . GLN A 1 155 ? -9.904  0.599   4.079   1.00 9.92  ? 210 GLN A CG  1 
ATOM   1079 C CD  . GLN A 1 155 ? -10.671 0.201   5.323   1.00 10.54 ? 210 GLN A CD  1 
ATOM   1080 O OE1 . GLN A 1 155 ? -11.163 -0.914  5.436   1.00 11.05 ? 210 GLN A OE1 1 
ATOM   1081 N NE2 . GLN A 1 155 ? -10.822 1.089   6.309   1.00 9.07  ? 210 GLN A NE2 1 
ATOM   1082 N N   . GLY A 1 156 ? -5.590  -0.874  4.032   1.00 7.83  ? 211 GLY A N   1 
ATOM   1083 C CA  . GLY A 1 156 ? -4.557  -1.877  3.677   1.00 6.21  ? 211 GLY A CA  1 
ATOM   1084 C C   . GLY A 1 156 ? -3.631  -1.322  2.577   1.00 7.40  ? 211 GLY A C   1 
ATOM   1085 O O   . GLY A 1 156 ? -3.687  -0.063  2.326   1.00 7.08  ? 211 GLY A O   1 
ATOM   1086 N N   . VAL A 1 157 ? -2.805  -2.224  2.057   1.00 4.67  ? 212 VAL A N   1 
ATOM   1087 C CA  . VAL A 1 157 ? -1.826  -1.763  1.029   1.00 5.17  ? 212 VAL A CA  1 
ATOM   1088 C C   . VAL A 1 157 ? -2.020  -2.663  -0.188  1.00 6.24  ? 212 VAL A C   1 
ATOM   1089 O O   . VAL A 1 157 ? -2.249  -3.877  -0.086  1.00 5.81  ? 212 VAL A O   1 
ATOM   1090 C CB  . VAL A 1 157 ? -0.403  -1.872  1.585   1.00 6.72  ? 212 VAL A CB  1 
ATOM   1091 C CG1 . VAL A 1 157 ? -0.093  -1.005  2.791   1.00 7.35  ? 212 VAL A CG1 1 
ATOM   1092 C CG2 . VAL A 1 157 ? -0.115  -3.332  2.034   1.00 6.16  ? 212 VAL A CG2 1 
ATOM   1093 N N   . MET A 1 158 ? -1.894  -2.014  -1.338  1.00 7.70  ? 213 MET A N   1 
ATOM   1094 C CA  . MET A 1 158 ? -2.034  -2.651  -2.678  1.00 6.49  ? 213 MET A CA  1 
ATOM   1095 C C   . MET A 1 158 ? -1.090  -3.865  -2.843  1.00 5.77  ? 213 MET A C   1 
ATOM   1096 O O   . MET A 1 158 ? 0.144   -3.738  -2.699  1.00 5.74  ? 213 MET A O   1 
ATOM   1097 C CB  . MET A 1 158 ? -1.742  -1.574  -3.783  1.00 6.28  ? 213 MET A CB  1 
ATOM   1098 C CG  . MET A 1 158 ? -1.876  -2.112  -5.214  1.00 6.70  ? 213 MET A CG  1 
ATOM   1099 S SD  . MET A 1 158 ? -3.640  -1.838  -5.763  1.00 10.33 ? 213 MET A SD  1 
ATOM   1100 C CE  . MET A 1 158 ? -4.092  -3.533  -5.926  1.00 7.55  ? 213 MET A CE  1 
ATOM   1101 N N   . SER A 1 159 ? -1.679  -4.998  -3.232  1.00 4.82  ? 214 SER A N   1 
ATOM   1102 C CA  . SER A 1 159 ? -0.914  -6.207  -3.489  1.00 5.55  ? 214 SER A CA  1 
ATOM   1103 C C   . SER A 1 159 ? -0.920  -6.487  -5.013  1.00 5.95  ? 214 SER A C   1 
ATOM   1104 O O   . SER A 1 159 ? 0.209   -6.492  -5.543  1.00 8.58  ? 214 SER A O   1 
ATOM   1105 C CB  . SER A 1 159 ? -1.521  -7.459  -2.845  1.00 5.43  ? 214 SER A CB  1 
ATOM   1106 O OG  . SER A 1 159 ? -0.693  -8.614  -3.174  1.00 6.27  ? 214 SER A OG  1 
ATOM   1107 N N   . GLY A 1 160 ? -2.077  -6.713  -5.615  1.00 5.90  ? 215 GLY A N   1 
ATOM   1108 C CA  . GLY A 1 160 ? -1.978  -7.066  -7.087  1.00 4.94  ? 215 GLY A CA  1 
ATOM   1109 C C   . GLY A 1 160 ? -3.384  -7.159  -7.658  1.00 6.66  ? 215 GLY A C   1 
ATOM   1110 O O   . GLY A 1 160 ? -4.358  -6.681  -7.014  1.00 7.19  ? 215 GLY A O   1 
ATOM   1111 N N   . GLY A 1 161 ? -3.509  -7.659  -8.879  1.00 6.75  ? 216 GLY A N   1 
ATOM   1112 C CA  . GLY A 1 161 ? -4.796  -7.722  -9.548  1.00 9.17  ? 216 GLY A CA  1 
ATOM   1113 C C   . GLY A 1 161 ? -4.695  -8.008  -11.041 1.00 8.52  ? 216 GLY A C   1 
ATOM   1114 O O   . GLY A 1 161 ? -3.568  -8.314  -11.459 1.00 8.95  ? 216 GLY A O   1 
ATOM   1115 N N   . ASN A 1 162 ? -5.851  -7.940  -11.673 1.00 8.31  ? 217 ASN A N   1 
ATOM   1116 C CA  . ASN A 1 162 ? -5.818  -8.317  -13.126 1.00 9.03  ? 217 ASN A CA  1 
ATOM   1117 C C   . ASN A 1 162 ? -5.428  -7.195  -14.078 1.00 10.29 ? 217 ASN A C   1 
ATOM   1118 O O   . ASN A 1 162 ? -6.297  -6.644  -14.754 1.00 11.78 ? 217 ASN A O   1 
ATOM   1119 C CB  . ASN A 1 162 ? -7.176  -8.939  -13.347 1.00 9.86  ? 217 ASN A CB  1 
ATOM   1120 C CG  . ASN A 1 162 ? -8.315  -7.946  -13.205 1.00 12.67 ? 217 ASN A CG  1 
ATOM   1121 O OD1 . ASN A 1 162 ? -8.377  -6.944  -12.482 1.00 11.65 ? 217 ASN A OD1 1 
ATOM   1122 N ND2 . ASN A 1 162 ? -9.323  -8.297  -14.039 1.00 11.54 ? 217 ASN A ND2 1 
ATOM   1123 N N   . VAL A 1 163 A -4.149  -6.919  -14.133 1.00 11.67 ? 217 VAL A N   1 
ATOM   1124 C CA  . VAL A 1 163 A -3.622  -5.887  -15.028 1.00 15.18 ? 217 VAL A CA  1 
ATOM   1125 C C   . VAL A 1 163 A -3.837  -6.397  -16.456 1.00 14.49 ? 217 VAL A C   1 
ATOM   1126 O O   . VAL A 1 163 A -3.635  -7.610  -16.589 1.00 14.02 ? 217 VAL A O   1 
ATOM   1127 C CB  . VAL A 1 163 A -2.127  -5.627  -14.779 1.00 17.17 ? 217 VAL A CB  1 
ATOM   1128 C CG1 . VAL A 1 163 A -1.899  -5.206  -13.330 1.00 18.32 ? 217 VAL A CG1 1 
ATOM   1129 C CG2 . VAL A 1 163 A -1.197  -6.732  -15.141 1.00 18.30 ? 217 VAL A CG2 1 
ATOM   1130 N N   . GLN A 1 164 B -4.149  -5.520  -17.367 1.00 13.59 ? 217 GLN A N   1 
ATOM   1131 C CA  . GLN A 1 164 B -4.361  -5.919  -18.786 1.00 12.73 ? 217 GLN A CA  1 
ATOM   1132 C C   . GLN A 1 164 B -3.050  -5.622  -19.510 1.00 12.87 ? 217 GLN A C   1 
ATOM   1133 O O   . GLN A 1 164 B -2.019  -5.226  -18.922 1.00 10.84 ? 217 GLN A O   1 
ATOM   1134 C CB  . GLN A 1 164 B -5.546  -5.151  -19.340 1.00 12.30 ? 217 GLN A CB  1 
ATOM   1135 C CG  . GLN A 1 164 B -6.740  -5.281  -18.410 1.00 15.57 ? 217 GLN A CG  1 
ATOM   1136 C CD  . GLN A 1 164 B -7.198  -6.733  -18.429 1.00 20.16 ? 217 GLN A CD  1 
ATOM   1137 O OE1 . GLN A 1 164 B -7.515  -7.178  -19.554 1.00 22.31 ? 217 GLN A OE1 1 
ATOM   1138 N NE2 . GLN A 1 164 B -7.197  -7.518  -17.326 1.00 18.85 ? 217 GLN A NE2 1 
ATOM   1139 N N   . SER A 1 165 C -3.096  -5.779  -20.826 1.00 13.89 ? 217 SER A N   1 
ATOM   1140 C CA  . SER A 1 165 C -1.867  -5.542  -21.636 1.00 16.36 ? 217 SER A CA  1 
ATOM   1141 C C   . SER A 1 165 C -1.389  -4.099  -21.512 1.00 14.72 ? 217 SER A C   1 
ATOM   1142 O O   . SER A 1 165 C -0.146  -3.932  -21.688 1.00 16.32 ? 217 SER A O   1 
ATOM   1143 C CB  . SER A 1 165 C -2.071  -6.136  -23.049 1.00 19.19 ? 217 SER A CB  1 
ATOM   1144 O OG  . SER A 1 165 C -2.916  -5.198  -23.749 1.00 23.72 ? 217 SER A OG  1 
ATOM   1145 N N   . ASN A 1 166 D -2.203  -3.113  -21.188 1.00 11.50 ? 217 ASN A N   1 
ATOM   1146 C CA  . ASN A 1 166 D -1.708  -1.726  -21.049 1.00 9.34  ? 217 ASN A CA  1 
ATOM   1147 C C   . ASN A 1 166 D -1.127  -1.459  -19.652 1.00 9.04  ? 217 ASN A C   1 
ATOM   1148 O O   . ASN A 1 166 D -0.788  -0.324  -19.316 1.00 8.08  ? 217 ASN A O   1 
ATOM   1149 C CB  . ASN A 1 166 D -2.883  -0.803  -21.349 1.00 10.18 ? 217 ASN A CB  1 
ATOM   1150 C CG  . ASN A 1 166 D -3.945  -0.846  -20.260 1.00 10.52 ? 217 ASN A CG  1 
ATOM   1151 O OD1 . ASN A 1 166 D -4.005  -1.748  -19.401 1.00 10.18 ? 217 ASN A OD1 1 
ATOM   1152 N ND2 . ASN A 1 166 D -4.750  0.195   -20.328 1.00 11.49 ? 217 ASN A ND2 1 
ATOM   1153 N N   . GLY A 1 167 E -0.962  -2.474  -18.835 1.00 9.00  ? 217 GLY A N   1 
ATOM   1154 C CA  . GLY A 1 167 E -0.351  -2.327  -17.499 1.00 9.17  ? 217 GLY A CA  1 
ATOM   1155 C C   . GLY A 1 167 E -1.305  -1.911  -16.374 1.00 9.87  ? 217 GLY A C   1 
ATOM   1156 O O   . GLY A 1 167 E -0.803  -1.771  -15.222 1.00 10.76 ? 217 GLY A O   1 
ATOM   1157 N N   . ASN A 1 168 ? -2.582  -1.785  -16.641 1.00 8.28  ? 218 ASN A N   1 
ATOM   1158 C CA  . ASN A 1 168 ? -3.522  -1.450  -15.554 1.00 8.18  ? 218 ASN A CA  1 
ATOM   1159 C C   . ASN A 1 168 ? -4.819  -2.186  -15.823 1.00 9.06  ? 218 ASN A C   1 
ATOM   1160 O O   . ASN A 1 168 ? -4.955  -2.870  -16.881 1.00 10.05 ? 218 ASN A O   1 
ATOM   1161 C CB  . ASN A 1 168 ? -3.618  0.069   -15.422 1.00 8.40  ? 218 ASN A CB  1 
ATOM   1162 C CG  . ASN A 1 168 ? -4.180  0.743   -16.657 1.00 9.67  ? 218 ASN A CG  1 
ATOM   1163 O OD1 . ASN A 1 168 ? -5.354  0.487   -16.995 1.00 11.10 ? 218 ASN A OD1 1 
ATOM   1164 N ND2 . ASN A 1 168 ? -3.400  1.584   -17.331 1.00 8.43  ? 218 ASN A ND2 1 
ATOM   1165 N N   . ASN A 1 169 ? -5.813  -1.992  -14.970 1.00 8.10  ? 219 ASN A N   1 
ATOM   1166 C CA  . ASN A 1 169 ? -7.152  -2.548  -15.192 1.00 9.39  ? 219 ASN A CA  1 
ATOM   1167 C C   . ASN A 1 169 ? -8.102  -1.325  -15.294 1.00 10.28 ? 219 ASN A C   1 
ATOM   1168 O O   . ASN A 1 169 ? -9.311  -1.520  -15.052 1.00 10.49 ? 219 ASN A O   1 
ATOM   1169 C CB  . ASN A 1 169 ? -7.643  -3.622  -14.214 1.00 8.11  ? 219 ASN A CB  1 
ATOM   1170 C CG  . ASN A 1 169 ? -7.667  -3.179  -12.755 1.00 8.22  ? 219 ASN A CG  1 
ATOM   1171 O OD1 . ASN A 1 169 ? -7.514  -1.985  -12.392 1.00 7.51  ? 219 ASN A OD1 1 
ATOM   1172 N ND2 . ASN A 1 169 ? -7.822  -4.168  -11.848 1.00 8.23  ? 219 ASN A ND2 1 
ATOM   1173 N N   . CYS A 1 170 ? -7.592  -0.158  -15.646 1.00 10.60 ? 220 CYS A N   1 
ATOM   1174 C CA  . CYS A 1 170 ? -8.492  1.006   -15.767 1.00 11.55 ? 220 CYS A CA  1 
ATOM   1175 C C   . CYS A 1 170 ? -9.259  0.968   -17.090 1.00 13.22 ? 220 CYS A C   1 
ATOM   1176 O O   . CYS A 1 170 ? -10.269 1.679   -17.058 1.00 15.33 ? 220 CYS A O   1 
ATOM   1177 C CB  . CYS A 1 170 ? -7.753  2.330   -15.640 1.00 10.53 ? 220 CYS A CB  1 
ATOM   1178 S SG  . CYS A 1 170 ? -6.915  2.467   -13.976 1.00 12.27 ? 220 CYS A SG  1 
ATOM   1179 N N   . GLY A 1 171 ? -8.919  0.294   -18.137 1.00 13.81 ? 221 GLY A N   1 
ATOM   1180 C CA  . GLY A 1 171 ? -9.674  0.335   -19.381 1.00 13.98 ? 221 GLY A CA  1 
ATOM   1181 C C   . GLY A 1 171 ? -10.761 -0.724  -19.366 1.00 20.00 ? 221 GLY A C   1 
ATOM   1182 O O   . GLY A 1 171 ? -11.319 -0.900  -20.482 1.00 23.81 ? 221 GLY A O   1 
ATOM   1183 N N   . ILE A 1 172 A -11.077 -1.480  -18.313 1.00 19.10 ? 221 ILE A N   1 
ATOM   1184 C CA  . ILE A 1 172 A -12.130 -2.490  -18.309 1.00 18.51 ? 221 ILE A CA  1 
ATOM   1185 C C   . ILE A 1 172 A -13.125 -2.009  -17.242 1.00 20.16 ? 221 ILE A C   1 
ATOM   1186 O O   . ILE A 1 172 A -12.725 -1.223  -16.374 1.00 20.95 ? 221 ILE A O   1 
ATOM   1187 C CB  . ILE A 1 172 A -11.679 -3.925  -18.048 1.00 17.03 ? 221 ILE A CB  1 
ATOM   1188 C CG1 . ILE A 1 172 A -11.017 -3.912  -16.649 1.00 15.95 ? 221 ILE A CG1 1 
ATOM   1189 C CG2 . ILE A 1 172 A -10.768 -4.441  -19.163 1.00 16.59 ? 221 ILE A CG2 1 
ATOM   1190 C CD1 . ILE A 1 172 A -10.696 -5.378  -16.240 1.00 14.80 ? 221 ILE A CD1 1 
ATOM   1191 N N   . PRO A 1 173 B -14.354 -2.491  -17.329 1.00 20.58 ? 221 PRO A N   1 
ATOM   1192 C CA  . PRO A 1 173 B -15.393 -2.000  -16.413 1.00 19.35 ? 221 PRO A CA  1 
ATOM   1193 C C   . PRO A 1 173 B -15.112 -2.449  -14.992 1.00 16.96 ? 221 PRO A C   1 
ATOM   1194 O O   . PRO A 1 173 B -14.566 -3.520  -14.891 1.00 16.02 ? 221 PRO A O   1 
ATOM   1195 C CB  . PRO A 1 173 B -16.676 -2.544  -17.003 1.00 19.85 ? 221 PRO A CB  1 
ATOM   1196 C CG  . PRO A 1 173 B -16.314 -3.166  -18.322 1.00 20.13 ? 221 PRO A CG  1 
ATOM   1197 C CD  . PRO A 1 173 B -14.846 -3.459  -18.328 1.00 20.07 ? 221 PRO A CD  1 
ATOM   1198 N N   . ALA A 1 174 C -15.529 -1.662  -14.044 1.00 16.59 ? 221 ALA A N   1 
ATOM   1199 C CA  . ALA A 1 174 C -15.361 -1.929  -12.626 1.00 16.99 ? 221 ALA A CA  1 
ATOM   1200 C C   . ALA A 1 174 C -15.867 -3.325  -12.343 1.00 17.33 ? 221 ALA A C   1 
ATOM   1201 O O   . ALA A 1 174 C -15.239 -4.000  -11.558 1.00 17.28 ? 221 ALA A O   1 
ATOM   1202 C CB  . ALA A 1 174 C -16.222 -0.950  -11.824 1.00 18.12 ? 221 ALA A CB  1 
ATOM   1203 N N   . SER A 1 175 ? -16.941 -3.729  -12.971 1.00 17.96 ? 222 SER A N   1 
ATOM   1204 C CA  . SER A 1 175 ? -17.526 -5.040  -12.735 1.00 19.63 ? 222 SER A CA  1 
ATOM   1205 C C   . SER A 1 175 ? -16.489 -6.106  -13.075 1.00 19.57 ? 222 SER A C   1 
ATOM   1206 O O   . SER A 1 175 ? -16.715 -7.195  -12.523 1.00 21.77 ? 222 SER A O   1 
ATOM   1207 C CB  . SER A 1 175 ? -18.808 -5.322  -13.515 1.00 21.72 ? 222 SER A CB  1 
ATOM   1208 O OG  . SER A 1 175 ? -18.539 -5.313  -14.931 1.00 25.33 ? 222 SER A OG  1 
ATOM   1209 N N   . GLN A 1 176 ? -15.497 -5.810  -13.864 1.00 18.48 ? 223 GLN A N   1 
ATOM   1210 C CA  . GLN A 1 176 ? -14.553 -6.848  -14.233 1.00 17.36 ? 223 GLN A CA  1 
ATOM   1211 C C   . GLN A 1 176 ? -13.248 -6.638  -13.529 1.00 16.95 ? 223 GLN A C   1 
ATOM   1212 O O   . GLN A 1 176 ? -12.392 -7.448  -13.935 1.00 15.33 ? 223 GLN A O   1 
ATOM   1213 C CB  . GLN A 1 176 ? -14.332 -6.764  -15.724 1.00 22.58 ? 223 GLN A CB  1 
ATOM   1214 C CG  . GLN A 1 176 ? -15.525 -7.279  -16.525 1.00 29.66 ? 223 GLN A CG  1 
ATOM   1215 C CD  . GLN A 1 176 ? -15.209 -7.040  -18.001 1.00 36.11 ? 223 GLN A CD  1 
ATOM   1216 O OE1 . GLN A 1 176 ? -14.032 -7.074  -18.464 1.00 38.81 ? 223 GLN A OE1 1 
ATOM   1217 N NE2 . GLN A 1 176 ? -16.313 -6.791  -18.743 1.00 38.59 ? 223 GLN A NE2 1 
ATOM   1218 N N   . ARG A 1 177 ? -13.105 -5.695  -12.620 1.00 13.82 ? 224 ARG A N   1 
ATOM   1219 C CA  . ARG A 1 177 ? -11.739 -5.576  -12.020 1.00 11.77 ? 224 ARG A CA  1 
ATOM   1220 C C   . ARG A 1 177 ? -11.514 -6.380  -10.770 1.00 13.74 ? 224 ARG A C   1 
ATOM   1221 O O   . ARG A 1 177 ? -12.519 -6.502  -10.015 1.00 16.31 ? 224 ARG A O   1 
ATOM   1222 C CB  . ARG A 1 177 ? -11.689 -4.101  -11.587 1.00 10.79 ? 224 ARG A CB  1 
ATOM   1223 C CG  . ARG A 1 177 ? -11.753 -3.243  -12.836 1.00 9.89  ? 224 ARG A CG  1 
ATOM   1224 C CD  . ARG A 1 177 ? -11.608 -1.845  -12.322 1.00 11.72 ? 224 ARG A CD  1 
ATOM   1225 N NE  . ARG A 1 177 ? -11.937 -1.026  -13.470 1.00 10.81 ? 224 ARG A NE  1 
ATOM   1226 C CZ  . ARG A 1 177 ? -12.454 0.156   -13.260 1.00 13.44 ? 224 ARG A CZ  1 
ATOM   1227 N NH1 . ARG A 1 177 ? -12.757 0.649   -12.075 1.00 13.19 ? 224 ARG A NH1 1 
ATOM   1228 N NH2 . ARG A 1 177 ? -12.697 0.974   -14.311 1.00 15.81 ? 224 ARG A NH2 1 
ATOM   1229 N N   . SER A 1 178 ? -10.331 -6.844  -10.517 1.00 13.24 ? 225 SER A N   1 
ATOM   1230 C CA  . SER A 1 178 ? -10.064 -7.531  -9.228  1.00 13.21 ? 225 SER A CA  1 
ATOM   1231 C C   . SER A 1 178 ? -8.786  -6.812  -8.795  1.00 12.10 ? 225 SER A C   1 
ATOM   1232 O O   . SER A 1 178 ? -7.752  -7.066  -9.468  1.00 13.65 ? 225 SER A O   1 
ATOM   1233 C CB  . SER A 1 178 ? -9.829  -8.996  -9.409  1.00 15.69 ? 225 SER A CB  1 
ATOM   1234 O OG  . SER A 1 178 ? -9.335  -9.476  -8.165  1.00 18.52 ? 225 SER A OG  1 
ATOM   1235 N N   . SER A 1 179 ? -8.872  -5.932  -7.832  1.00 8.80  ? 226 SER A N   1 
ATOM   1236 C CA  . SER A 1 179 ? -7.737  -5.161  -7.326  1.00 8.33  ? 226 SER A CA  1 
ATOM   1237 C C   . SER A 1 179 ? -7.624  -5.636  -5.874  1.00 9.15  ? 226 SER A C   1 
ATOM   1238 O O   . SER A 1 179 ? -8.609  -5.339  -5.148  1.00 10.47 ? 226 SER A O   1 
ATOM   1239 C CB  . SER A 1 179 ? -8.097  -3.662  -7.385  1.00 8.40  ? 226 SER A CB  1 
ATOM   1240 O OG  . SER A 1 179 ? -8.164  -3.333  -8.808  1.00 9.50  ? 226 SER A OG  1 
ATOM   1241 N N   . LEU A 1 180 ? -6.537  -6.270  -5.473  1.00 9.15  ? 227 LEU A N   1 
ATOM   1242 C CA  . LEU A 1 180 ? -6.448  -6.861  -4.111  1.00 8.20  ? 227 LEU A CA  1 
ATOM   1243 C C   . LEU A 1 180 ? -5.470  -6.132  -3.182  1.00 9.10  ? 227 LEU A C   1 
ATOM   1244 O O   . LEU A 1 180 ? -4.405  -5.730  -3.678  1.00 6.42  ? 227 LEU A O   1 
ATOM   1245 C CB  . LEU A 1 180 ? -5.939  -8.269  -4.382  1.00 8.03  ? 227 LEU A CB  1 
ATOM   1246 C CG  . LEU A 1 180 ? -6.769  -9.078  -5.399  1.00 10.55 ? 227 LEU A CG  1 
ATOM   1247 C CD1 . LEU A 1 180 ? -6.066  -10.391 -5.742  1.00 11.76 ? 227 LEU A CD1 1 
ATOM   1248 C CD2 . LEU A 1 180 ? -8.172  -9.333  -4.883  1.00 10.46 ? 227 LEU A CD2 1 
ATOM   1249 N N   . PHE A 1 181 ? -5.886  -6.002  -1.936  1.00 6.83  ? 228 PHE A N   1 
ATOM   1250 C CA  . PHE A 1 181 ? -5.063  -5.333  -0.944  1.00 6.47  ? 228 PHE A CA  1 
ATOM   1251 C C   . PHE A 1 181 ? -4.894  -6.244  0.293   1.00 6.95  ? 228 PHE A C   1 
ATOM   1252 O O   . PHE A 1 181 ? -5.833  -7.006  0.546   1.00 7.28  ? 228 PHE A O   1 
ATOM   1253 C CB  . PHE A 1 181 ? -5.578  -3.969  -0.531  1.00 6.74  ? 228 PHE A CB  1 
ATOM   1254 C CG  . PHE A 1 181 ? -6.921  -3.799  0.139   1.00 7.55  ? 228 PHE A CG  1 
ATOM   1255 C CD1 . PHE A 1 181 ? -7.005  -3.868  1.520   1.00 7.17  ? 228 PHE A CD1 1 
ATOM   1256 C CD2 . PHE A 1 181 ? -8.041  -3.492  -0.620  1.00 6.12  ? 228 PHE A CD2 1 
ATOM   1257 C CE1 . PHE A 1 181 ? -8.245  -3.680  2.138   1.00 7.52  ? 228 PHE A CE1 1 
ATOM   1258 C CE2 . PHE A 1 181 ? -9.284  -3.272  -0.004  1.00 6.25  ? 228 PHE A CE2 1 
ATOM   1259 C CZ  . PHE A 1 181 ? -9.396  -3.358  1.377   1.00 6.70  ? 228 PHE A CZ  1 
ATOM   1260 N N   . GLU A 1 182 ? -3.750  -6.030  0.929   1.00 7.93  ? 229 GLU A N   1 
ATOM   1261 C CA  . GLU A 1 182 ? -3.441  -6.776  2.180   1.00 8.11  ? 229 GLU A CA  1 
ATOM   1262 C C   . GLU A 1 182 ? -4.035  -5.902  3.299   1.00 7.57  ? 229 GLU A C   1 
ATOM   1263 O O   . GLU A 1 182 ? -3.747  -4.696  3.265   1.00 6.06  ? 229 GLU A O   1 
ATOM   1264 C CB  . GLU A 1 182 ? -1.927  -6.826  2.344   1.00 7.69  ? 229 GLU A CB  1 
ATOM   1265 C CG  . GLU A 1 182 ? -1.221  -7.318  3.599   1.00 8.00  ? 229 GLU A CG  1 
ATOM   1266 C CD  . GLU A 1 182 ? -1.351  -8.837  3.708   1.00 10.74 ? 229 GLU A CD  1 
ATOM   1267 O OE1 . GLU A 1 182 ? -2.394  -9.463  3.387   1.00 11.27 ? 229 GLU A OE1 1 
ATOM   1268 O OE2 . GLU A 1 182 ? -0.321  -9.438  4.125   1.00 8.96  ? 229 GLU A OE2 1 
ATOM   1269 N N   . ARG A 1 183 ? -4.784  -6.478  4.196   1.00 6.58  ? 230 ARG A N   1 
ATOM   1270 C CA  . ARG A 1 183 ? -5.410  -5.761  5.329   1.00 8.42  ? 230 ARG A CA  1 
ATOM   1271 C C   . ARG A 1 183 ? -4.392  -5.074  6.199   1.00 8.78  ? 230 ARG A C   1 
ATOM   1272 O O   . ARG A 1 183 ? -3.334  -5.726  6.376   1.00 7.72  ? 230 ARG A O   1 
ATOM   1273 C CB  . ARG A 1 183 ? -6.122  -6.743  6.294   1.00 6.07  ? 230 ARG A CB  1 
ATOM   1274 C CG  . ARG A 1 183 ? -7.358  -7.298  5.558   1.00 9.08  ? 230 ARG A CG  1 
ATOM   1275 C CD  . ARG A 1 183 ? -8.052  -8.514  6.145   1.00 11.32 ? 230 ARG A CD  1 
ATOM   1276 N NE  . ARG A 1 183 ? -8.370  -8.052  7.499   1.00 13.90 ? 230 ARG A NE  1 
ATOM   1277 C CZ  . ARG A 1 183 ? -7.843  -8.657  8.553   1.00 16.36 ? 230 ARG A CZ  1 
ATOM   1278 N NH1 . ARG A 1 183 ? -7.148  -9.797  8.532   1.00 14.94 ? 230 ARG A NH1 1 
ATOM   1279 N NH2 . ARG A 1 183 ? -7.999  -8.108  9.789   1.00 17.56 ? 230 ARG A NH2 1 
ATOM   1280 N N   . LEU A 1 184 ? -4.603  -3.861  6.638   1.00 8.05  ? 231 LEU A N   1 
ATOM   1281 C CA  . LEU A 1 184 ? -3.584  -3.198  7.491   1.00 6.73  ? 231 LEU A CA  1 
ATOM   1282 C C   . LEU A 1 184 ? -3.538  -3.748  8.908   1.00 6.98  ? 231 LEU A C   1 
ATOM   1283 O O   . LEU A 1 184 ? -2.410  -3.786  9.450   1.00 6.97  ? 231 LEU A O   1 
ATOM   1284 C CB  . LEU A 1 184 ? -3.953  -1.678  7.505   1.00 5.82  ? 231 LEU A CB  1 
ATOM   1285 C CG  . LEU A 1 184 ? -3.011  -0.740  8.251   1.00 8.16  ? 231 LEU A CG  1 
ATOM   1286 C CD1 . LEU A 1 184 ? -1.580  -0.725  7.716   1.00 7.53  ? 231 LEU A CD1 1 
ATOM   1287 C CD2 . LEU A 1 184 ? -3.597  0.671   8.238   1.00 5.81  ? 231 LEU A CD2 1 
ATOM   1288 N N   . GLN A 1 185 ? -4.659  -4.097  9.515   1.00 7.66  ? 232 GLN A N   1 
ATOM   1289 C CA  . GLN A 1 185 ? -4.642  -4.536  10.933  1.00 9.01  ? 232 GLN A CA  1 
ATOM   1290 C C   . GLN A 1 185 ? -3.602  -5.563  11.284  1.00 8.58  ? 232 GLN A C   1 
ATOM   1291 O O   . GLN A 1 185 ? -2.812  -5.306  12.213  1.00 8.27  ? 232 GLN A O   1 
ATOM   1292 C CB  . GLN A 1 185 ? -6.015  -4.871  11.481  1.00 11.70 ? 232 GLN A CB  1 
ATOM   1293 C CG  . GLN A 1 185 ? -6.739  -3.542  11.826  1.00 20.29 ? 232 GLN A CG  1 
ATOM   1294 C CD  . GLN A 1 185 ? -8.211  -3.817  11.986  1.00 25.19 ? 232 GLN A CD  1 
ATOM   1295 O OE1 . GLN A 1 185 ? -8.663  -4.988  12.104  1.00 30.27 ? 232 GLN A OE1 1 
ATOM   1296 N NE2 . GLN A 1 185 ? -9.152  -2.870  12.007  1.00 26.13 ? 232 GLN A NE2 1 
ATOM   1297 N N   . PRO A 1 186 ? -3.549  -6.675  10.598  1.00 8.75  ? 233 PRO A N   1 
ATOM   1298 C CA  . PRO A 1 186 ? -2.550  -7.705  10.897  1.00 8.88  ? 233 PRO A CA  1 
ATOM   1299 C C   . PRO A 1 186 ? -1.122  -7.229  10.727  1.00 9.91  ? 233 PRO A C   1 
ATOM   1300 O O   . PRO A 1 186 ? -0.174  -7.730  11.416  1.00 9.79  ? 233 PRO A O   1 
ATOM   1301 C CB  . PRO A 1 186 ? -3.008  -8.829  9.965   1.00 9.01  ? 233 PRO A CB  1 
ATOM   1302 C CG  . PRO A 1 186 ? -3.666  -8.176  8.821   1.00 10.18 ? 233 PRO A CG  1 
ATOM   1303 C CD  . PRO A 1 186 ? -4.470  -7.037  9.495   1.00 8.75  ? 233 PRO A CD  1 
ATOM   1304 N N   . ILE A 1 187 ? -0.844  -6.311  9.797   1.00 7.30  ? 234 ILE A N   1 
ATOM   1305 C CA  . ILE A 1 187 ? 0.526   -5.801  9.611   1.00 6.58  ? 234 ILE A CA  1 
ATOM   1306 C C   . ILE A 1 187 ? 0.864   -4.982  10.907  1.00 7.45  ? 234 ILE A C   1 
ATOM   1307 O O   . ILE A 1 187 ? 1.992   -5.164  11.387  1.00 8.51  ? 234 ILE A O   1 
ATOM   1308 C CB  . ILE A 1 187 ? 0.704   -4.809  8.363   1.00 7.29  ? 234 ILE A CB  1 
ATOM   1309 C CG1 . ILE A 1 187 ? 0.127   -5.460  7.099   1.00 7.70  ? 234 ILE A CG1 1 
ATOM   1310 C CG2 . ILE A 1 187 ? 2.187   -4.346  8.234   1.00 4.67  ? 234 ILE A CG2 1 
ATOM   1311 C CD1 . ILE A 1 187 ? 0.157   -4.560  5.814   1.00 7.89  ? 234 ILE A CD1 1 
ATOM   1312 N N   . LEU A 1 188 ? -0.024  -4.095  11.396  1.00 3.96  ? 235 LEU A N   1 
ATOM   1313 C CA  . LEU A 1 188 ? 0.335   -3.309  12.577  1.00 5.28  ? 235 LEU A CA  1 
ATOM   1314 C C   . LEU A 1 188 ? 0.584   -4.242  13.787  1.00 5.36  ? 235 LEU A C   1 
ATOM   1315 O O   . LEU A 1 188 ? 1.539   -3.909  14.495  1.00 8.15  ? 235 LEU A O   1 
ATOM   1316 C CB  . LEU A 1 188 ? -0.850  -2.365  12.869  1.00 5.98  ? 235 LEU A CB  1 
ATOM   1317 C CG  . LEU A 1 188 ? -1.266  -1.400  11.733  1.00 7.00  ? 235 LEU A CG  1 
ATOM   1318 C CD1 . LEU A 1 188 ? -2.471  -0.666  12.267  1.00 7.00  ? 235 LEU A CD1 1 
ATOM   1319 C CD2 . LEU A 1 188 ? -0.106  -0.457  11.483  1.00 6.80  ? 235 LEU A CD2 1 
ATOM   1320 N N   . SER A 1 189 A -0.228  -5.279  13.942  1.00 4.60  ? 235 SER A N   1 
ATOM   1321 C CA  . SER A 1 189 A 0.027   -6.116  15.128  1.00 6.29  ? 235 SER A CA  1 
ATOM   1322 C C   . SER A 1 189 A 1.239   -7.003  14.918  1.00 8.06  ? 235 SER A C   1 
ATOM   1323 O O   . SER A 1 189 A 2.015   -7.139  15.905  1.00 8.60  ? 235 SER A O   1 
ATOM   1324 C CB  . SER A 1 189 A -1.255  -6.745  15.592  1.00 6.13  ? 235 SER A CB  1 
ATOM   1325 O OG  . SER A 1 189 A -1.615  -7.611  14.528  1.00 8.80  ? 235 SER A OG  1 
ATOM   1326 N N   . GLN A 1 190 ? 1.406   -7.545  13.735  1.00 7.21  ? 236 GLN A N   1 
ATOM   1327 C CA  . GLN A 1 190 ? 2.572   -8.416  13.503  1.00 7.29  ? 236 GLN A CA  1 
ATOM   1328 C C   . GLN A 1 190 ? 3.828   -7.614  13.792  1.00 9.58  ? 236 GLN A C   1 
ATOM   1329 O O   . GLN A 1 190 ? 4.718   -8.219  14.465  1.00 9.89  ? 236 GLN A O   1 
ATOM   1330 C CB  . GLN A 1 190 ? 2.604   -8.958  12.073  1.00 9.08  ? 236 GLN A CB  1 
ATOM   1331 C CG  . GLN A 1 190 ? 3.895   -9.817  12.021  1.00 12.25 ? 236 GLN A CG  1 
ATOM   1332 C CD  . GLN A 1 190 ? 3.850   -10.612 10.741  1.00 14.35 ? 236 GLN A CD  1 
ATOM   1333 O OE1 . GLN A 1 190 ? 2.948   -10.673 9.919   1.00 15.45 ? 236 GLN A OE1 1 
ATOM   1334 N NE2 . GLN A 1 190 ? 4.986   -11.265 10.504  1.00 17.56 ? 236 GLN A NE2 1 
ATOM   1335 N N   . TYR A 1 191 ? 3.971   -6.361  13.392  1.00 6.32  ? 237 TYR A N   1 
ATOM   1336 C CA  . TYR A 1 191 ? 5.258   -5.680  13.687  1.00 5.79  ? 237 TYR A CA  1 
ATOM   1337 C C   . TYR A 1 191 ? 5.264   -4.690  14.832  1.00 6.87  ? 237 TYR A C   1 
ATOM   1338 O O   . TYR A 1 191 ? 6.336   -4.082  15.009  1.00 7.31  ? 237 TYR A O   1 
ATOM   1339 C CB  . TYR A 1 191 ? 5.761   -5.040  12.387  1.00 6.81  ? 237 TYR A CB  1 
ATOM   1340 C CG  . TYR A 1 191 ? 5.926   -6.012  11.238  1.00 6.73  ? 237 TYR A CG  1 
ATOM   1341 C CD1 . TYR A 1 191 ? 5.217   -5.854  10.027  1.00 9.22  ? 237 TYR A CD1 1 
ATOM   1342 C CD2 . TYR A 1 191 ? 6.836   -7.056  11.341  1.00 7.77  ? 237 TYR A CD2 1 
ATOM   1343 C CE1 . TYR A 1 191 ? 5.384   -6.749  8.958   1.00 8.93  ? 237 TYR A CE1 1 
ATOM   1344 C CE2 . TYR A 1 191 ? 7.003   -7.943  10.272  1.00 10.15 ? 237 TYR A CE2 1 
ATOM   1345 C CZ  . TYR A 1 191 ? 6.287   -7.788  9.099   1.00 9.88  ? 237 TYR A CZ  1 
ATOM   1346 O OH  . TYR A 1 191 ? 6.551   -8.729  8.135   1.00 12.12 ? 237 TYR A OH  1 
ATOM   1347 N N   . GLY A 1 192 ? 4.158   -4.601  15.560  1.00 7.51  ? 238 GLY A N   1 
ATOM   1348 C CA  . GLY A 1 192 ? 4.104   -3.698  16.754  1.00 8.26  ? 238 GLY A CA  1 
ATOM   1349 C C   . GLY A 1 192 ? 4.104   -2.245  16.283  1.00 8.54  ? 238 GLY A C   1 
ATOM   1350 O O   . GLY A 1 192 ? 4.774   -1.430  17.006  1.00 9.80  ? 238 GLY A O   1 
ATOM   1351 N N   . LEU A 1 193 ? 3.464   -1.914  15.138  1.00 6.71  ? 239 LEU A N   1 
ATOM   1352 C CA  . LEU A 1 193 ? 3.546   -0.490  14.678  1.00 7.06  ? 239 LEU A CA  1 
ATOM   1353 C C   . LEU A 1 193 ? 2.357   0.364   15.082  1.00 8.53  ? 239 LEU A C   1 
ATOM   1354 O O   . LEU A 1 193 ? 1.274   -0.255  15.238  1.00 7.58  ? 239 LEU A O   1 
ATOM   1355 C CB  . LEU A 1 193 ? 3.506   -0.611  13.112  1.00 5.54  ? 239 LEU A CB  1 
ATOM   1356 C CG  . LEU A 1 193 ? 4.585   -1.524  12.553  1.00 5.82  ? 239 LEU A CG  1 
ATOM   1357 C CD1 . LEU A 1 193 ? 4.419   -1.740  11.049  1.00 4.25  ? 239 LEU A CD1 1 
ATOM   1358 C CD2 . LEU A 1 193 ? 5.974   -0.973  12.873  1.00 7.50  ? 239 LEU A CD2 1 
ATOM   1359 N N   . SER A 1 194 ? 2.510   1.658   15.175  1.00 7.65  ? 240 SER A N   1 
ATOM   1360 C CA  . SER A 1 194 ? 1.294   2.470   15.440  1.00 10.60 ? 240 SER A CA  1 
ATOM   1361 C C   . SER A 1 194 ? 1.145   3.408   14.226  1.00 8.98  ? 240 SER A C   1 
ATOM   1362 O O   . SER A 1 194 ? 2.172   3.932   13.747  1.00 8.80  ? 240 SER A O   1 
ATOM   1363 C CB  . SER A 1 194 ? 1.572   3.377   16.639  1.00 15.42 ? 240 SER A CB  1 
ATOM   1364 O OG  . SER A 1 194 ? 1.712   2.464   17.779  1.00 21.16 ? 240 SER A OG  1 
ATOM   1365 N N   . LEU A 1 195 ? -0.064  3.579   13.775  1.00 9.36  ? 241 LEU A N   1 
ATOM   1366 C CA  . LEU A 1 195 ? -0.259  4.440   12.577  1.00 8.77  ? 241 LEU A CA  1 
ATOM   1367 C C   . LEU A 1 195 ? -0.086  5.889   12.972  1.00 9.79  ? 241 LEU A C   1 
ATOM   1368 O O   . LEU A 1 195 ? -0.569  6.195   14.091  1.00 9.01  ? 241 LEU A O   1 
ATOM   1369 C CB  . LEU A 1 195 ? -1.749  4.204   12.257  1.00 10.25 ? 241 LEU A CB  1 
ATOM   1370 C CG  . LEU A 1 195 ? -2.201  4.555   10.870  1.00 11.43 ? 241 LEU A CG  1 
ATOM   1371 C CD1 . LEU A 1 195 ? -1.419  3.808   9.767   1.00 10.30 ? 241 LEU A CD1 1 
ATOM   1372 C CD2 . LEU A 1 195 ? -3.645  4.029   10.812  1.00 11.57 ? 241 LEU A CD2 1 
ATOM   1373 N N   . VAL A 1 196 ? 0.482   6.746   12.136  1.00 8.62  ? 242 VAL A N   1 
ATOM   1374 C CA  . VAL A 1 196 ? 0.558   8.176   12.451  1.00 8.87  ? 242 VAL A CA  1 
ATOM   1375 C C   . VAL A 1 196 ? -0.787  8.765   12.055  1.00 10.12 ? 242 VAL A C   1 
ATOM   1376 O O   . VAL A 1 196 ? -1.115  8.514   10.864  1.00 9.41  ? 242 VAL A O   1 
ATOM   1377 C CB  . VAL A 1 196 ? 1.674   8.688   11.539  1.00 9.49  ? 242 VAL A CB  1 
ATOM   1378 C CG1 . VAL A 1 196 ? 1.704   10.200  11.584  1.00 9.72  ? 242 VAL A CG1 1 
ATOM   1379 C CG2 . VAL A 1 196 ? 2.987   8.125   12.145  1.00 8.45  ? 242 VAL A CG2 1 
ATOM   1380 N N   . THR A 1 197 ? -1.516  9.475   12.894  1.00 9.95  ? 243 THR A N   1 
ATOM   1381 C CA  . THR A 1 197 ? -2.847  10.030  12.496  1.00 9.65  ? 243 THR A CA  1 
ATOM   1382 C C   . THR A 1 197 ? -2.957  11.529  12.690  1.00 9.79  ? 243 THR A C   1 
ATOM   1383 O O   . THR A 1 197 ? -2.054  12.083  13.341  1.00 9.79  ? 243 THR A O   1 
ATOM   1384 C CB  . THR A 1 197 ? -4.039  9.296   13.224  1.00 11.40 ? 243 THR A CB  1 
ATOM   1385 O OG1 . THR A 1 197 ? -3.768  9.575   14.658  1.00 11.44 ? 243 THR A OG1 1 
ATOM   1386 C CG2 . THR A 1 197 ? -4.040  7.766   13.010  1.00 11.49 ? 243 THR A CG2 1 
ATOM   1387 N N   . GLY A 1 198 ? -3.966  12.172  12.121  1.00 9.61  ? 244 GLY A N   1 
ATOM   1388 C CA  . GLY A 1 198 ? -4.067  13.632  12.248  1.00 11.96 ? 244 GLY A CA  1 
ATOM   1389 C C   . GLY A 1 198 ? -5.518  14.065  12.321  1.00 14.28 ? 244 GLY A C   1 
ATOM   1390 O O   . GLY A 1 198 ? -5.702  15.229  11.930  1.00 16.89 ? 244 GLY A O   1 
ATOM   1391 O OXT . GLY A 1 198 ? -6.361  13.247  12.711  1.00 16.80 ? 244 GLY A OXT 1 
HETATM 1392 O O1  . 0EG B 2 .   ? -1.835  -12.542 -10.543 1.00 22.76 ? 4   0EG A O1  1 
HETATM 1393 C C   . 0EG B 2 .   ? -2.330  -11.466 -10.824 1.00 20.23 ? 4   0EG A C   1 
HETATM 1394 O O2  . 0EG B 2 .   ? -3.800  -11.251 -10.945 1.00 24.96 ? 4   0EG A O2  1 
HETATM 1395 C CT  . 0EG B 2 .   ? -4.698  -12.372 -10.518 1.00 26.33 ? 4   0EG A CT  1 
HETATM 1396 C C1  . 0EG B 2 .   ? -4.393  -12.636 -9.048  1.00 27.65 ? 4   0EG A C1  1 
HETATM 1397 C C2  . 0EG B 2 .   ? -6.136  -11.872 -10.708 1.00 27.05 ? 4   0EG A C2  1 
HETATM 1398 C C3  . 0EG B 2 .   ? -4.420  -13.538 -11.443 1.00 26.77 ? 4   0EG A C3  1 
HETATM 1399 N N   . 0EG B 2 .   ? -1.615  -10.337 -10.875 1.00 17.58 ? 4   0EG A N   1 
HETATM 1400 C CA  . 0EG B 2 .   ? -0.187  -10.449 -10.646 1.00 14.87 ? 4   0EG A CA  1 
HETATM 1401 C C4  . 0EG B 2 .   ? 0.164   -9.297  -9.759  1.00 13.57 ? 4   0EG A C4  1 
HETATM 1402 O O   . 0EG B 2 .   ? -0.702  -8.428  -9.645  1.00 11.30 ? 4   0EG A O   1 
HETATM 1403 C CB  . 0EG B 2 .   ? 0.498   -9.834  -11.792 1.00 15.06 ? 4   0EG A CB  1 
HETATM 1404 N N1  . 0EG B 2 .   ? 1.272   -9.365  -9.035  1.00 12.12 ? 4   0EG A N1  1 
HETATM 1405 C CA1 . 0EG B 2 .   ? 1.690   -8.304  -8.115  1.00 11.99 ? 4   0EG A CA1 1 
HETATM 1406 C C5  . 0EG B 2 .   ? 2.013   -7.030  -8.888  1.00 12.30 ? 4   0EG A C5  1 
HETATM 1407 O O3  . 0EG B 2 .   ? 2.491   -7.161  -10.034 1.00 11.75 ? 4   0EG A O3  1 
HETATM 1408 C CB1 . 0EG B 2 .   ? 2.917   -8.867  -7.415  1.00 11.44 ? 4   0EG A CB1 1 
HETATM 1409 C CG  . 0EG B 2 .   ? 3.070   -10.276 -7.876  1.00 14.01 ? 4   0EG A CG  1 
HETATM 1410 C CD  . 0EG B 2 .   ? 2.284   -10.430 -9.175  1.00 12.99 ? 4   0EG A CD  1 
HETATM 1411 N N2  . 0EG B 2 .   ? 1.743   -5.853  -8.332  1.00 11.43 ? 4   0EG A N2  1 
HETATM 1412 C CA2 . 0EG B 2 .   ? 2.046   -4.565  -8.982  1.00 12.19 ? 4   0EG A CA2 1 
HETATM 1413 C CB2 . 0EG B 2 .   ? 0.759   -3.754  -9.327  1.00 12.23 ? 4   0EG A CB2 1 
HETATM 1414 C CG1 . 0EG B 2 .   ? -0.084  -4.342  -10.479 1.00 10.73 ? 4   0EG A CG1 1 
HETATM 1415 C CG2 . 0EG B 2 .   ? -0.139  -3.566  -8.098  1.00 9.37  ? 4   0EG A CG2 1 
HETATM 1416 B B   . 0EG B 2 .   ? 3.080   -3.772  -8.130  1.00 13.04 ? 4   0EG A B   1 
HETATM 1417 O O11 . 0EG B 2 .   ? 3.225   -2.311  -8.545  1.00 10.25 ? 4   0EG A O11 1 
HETATM 1418 O O21 . 0EG B 2 .   ? 4.415   -4.416  -7.921  1.00 12.15 ? 4   0EG A O21 1 
HETATM 1419 S S   . SO4 C 3 .   ? -6.017  -10.400 12.281  0.95 34.51 ? 1   SO4 A S   1 
HETATM 1420 O O1  . SO4 C 3 .   ? -6.299  -11.333 13.408  0.75 37.71 ? 1   SO4 A O1  1 
HETATM 1421 O O2  . SO4 C 3 .   ? -6.247  -11.131 10.999  0.86 33.98 ? 1   SO4 A O2  1 
HETATM 1422 O O3  . SO4 C 3 .   ? -6.816  -9.121  12.323  1.00 33.91 ? 1   SO4 A O3  1 
HETATM 1423 O O4  . SO4 C 3 .   ? -4.587  -9.882  12.324  0.74 44.58 ? 1   SO4 A O4  1 
HETATM 1424 O O   . HOH D 4 .   ? 8.312   12.784  11.569  0.92 15.57 ? 245 HOH A O   1 
HETATM 1425 O O   . HOH D 4 .   ? -14.038 2.222   8.098   0.91 29.02 ? 246 HOH A O   1 
HETATM 1426 O O   . HOH D 4 .   ? -14.420 4.527   12.267  0.90 12.09 ? 247 HOH A O   1 
HETATM 1427 O O   . HOH D 4 .   ? -2.057  1.918   -4.727  0.98 8.35  ? 248 HOH A O   1 
HETATM 1428 O O   . HOH D 4 .   ? 20.932  0.186   -3.676  0.84 27.33 ? 249 HOH A O   1 
HETATM 1429 O O   . HOH D 4 .   ? 1.854   -9.436  -15.339 0.89 19.69 ? 250 HOH A O   1 
HETATM 1430 O O   . HOH D 4 .   ? 14.017  2.517   -11.217 1.00 22.97 ? 251 HOH A O   1 
HETATM 1431 O O   . HOH D 4 .   ? 11.953  -5.231  -5.717  0.73 24.53 ? 252 HOH A O   1 
HETATM 1432 O O   . HOH D 4 .   ? 13.769  6.332   12.637  0.97 20.14 ? 253 HOH A O   1 
HETATM 1433 O O   . HOH D 4 .   ? -8.786  2.597   14.993  0.74 7.92  ? 254 HOH A O   1 
HETATM 1434 O O   . HOH D 4 .   ? -4.864  2.535   14.215  0.87 16.03 ? 255 HOH A O   1 
HETATM 1435 O O   . HOH D 4 .   ? -10.669 -5.777  4.632   0.94 4.87  ? 256 HOH A O   1 
HETATM 1436 O O   . HOH D 4 .   ? -10.021 12.191  6.372   0.79 17.24 ? 257 HOH A O   1 
HETATM 1437 O O   . HOH D 4 .   ? -2.413  2.447   15.145  0.91 11.54 ? 258 HOH A O   1 
HETATM 1438 O O   . HOH D 4 .   ? 10.847  9.030   -5.480  0.60 22.18 ? 259 HOH A O   1 
HETATM 1439 O O   . HOH D 4 .   ? -16.220 4.811   -4.512  1.00 25.38 ? 260 HOH A O   1 
HETATM 1440 O O   . HOH D 4 .   ? 16.142  4.974   14.085  0.76 29.31 ? 261 HOH A O   1 
HETATM 1441 O O   . HOH D 4 .   ? 3.916   -19.075 1.722   0.68 31.52 ? 262 HOH A O   1 
HETATM 1442 O O   . HOH D 4 .   ? 14.256  12.918  -1.582  0.69 35.13 ? 263 HOH A O   1 
HETATM 1443 O O   . HOH D 4 .   ? -11.783 -2.595  12.546  0.69 14.90 ? 264 HOH A O   1 
HETATM 1444 O O   . HOH D 4 .   ? -11.150 3.204   -10.348 0.96 15.68 ? 265 HOH A O   1 
HETATM 1445 O O   . HOH D 4 .   ? 5.035   3.400   18.201  0.83 19.97 ? 266 HOH A O   1 
HETATM 1446 O O   . HOH D 4 .   ? -1.422  9.043   -5.819  0.88 17.99 ? 267 HOH A O   1 
HETATM 1447 O O   . HOH D 4 .   ? 2.210   -19.434 -0.708  0.97 27.84 ? 268 HOH A O   1 
HETATM 1448 O O   . HOH D 4 .   ? 8.562   -14.078 3.352   0.71 22.82 ? 269 HOH A O   1 
HETATM 1449 O O   . HOH D 4 .   ? 8.270   -10.606 8.776   0.88 17.48 ? 270 HOH A O   1 
HETATM 1450 O O   . HOH D 4 .   ? 10.970  17.246  3.119   1.00 26.78 ? 271 HOH A O   1 
HETATM 1451 O O   . HOH D 4 .   ? -4.304  15.975  5.146   0.58 6.19  ? 272 HOH A O   1 
HETATM 1452 O O   . HOH D 4 .   ? -4.856  -9.393  4.199   0.98 8.28  ? 273 HOH A O   1 
HETATM 1453 O O   . HOH D 4 .   ? -11.892 10.590  -1.340  1.00 27.43 ? 274 HOH A O   1 
HETATM 1454 O O   . HOH D 4 .   ? 11.169  -10.268 7.798   0.58 11.11 ? 275 HOH A O   1 
HETATM 1455 O O   . HOH D 4 .   ? -11.601 -9.346  7.555   0.50 21.87 ? 276 HOH A O   1 
HETATM 1456 O O   . HOH D 4 .   ? -11.926 6.725   -9.144  0.56 10.84 ? 277 HOH A O   1 
HETATM 1457 O O   . HOH D 4 .   ? 3.814   0.970   18.191  0.73 19.43 ? 278 HOH A O   1 
HETATM 1458 O O   . HOH D 4 .   ? 8.529   -17.952 -3.961  0.80 22.70 ? 279 HOH A O   1 
HETATM 1459 O O   . HOH D 4 .   ? -7.866  -16.476 1.254   0.92 22.36 ? 280 HOH A O   1 
HETATM 1460 O O   . HOH D 4 .   ? 14.020  -11.313 2.459   0.82 18.24 ? 281 HOH A O   1 
HETATM 1461 O O   . HOH D 4 .   ? -4.188  -7.865  14.388  0.92 21.57 ? 282 HOH A O   1 
HETATM 1462 O O   . HOH D 4 .   ? -2.588  11.266  -6.673  0.99 15.14 ? 283 HOH A O   1 
HETATM 1463 O O   . HOH D 4 .   ? -3.801  -4.313  14.608  0.75 24.47 ? 284 HOH A O   1 
HETATM 1464 O O   . HOH D 4 .   ? -6.776  12.676  -7.783  0.97 14.19 ? 285 HOH A O   1 
HETATM 1465 O O   . HOH D 4 .   ? 10.193  -5.863  12.549  0.98 16.91 ? 286 HOH A O   1 
HETATM 1466 O O   . HOH D 4 .   ? -0.843  15.371  -2.878  0.83 12.48 ? 287 HOH A O   1 
HETATM 1467 O O   . HOH D 4 .   ? -2.266  -12.125 3.733   1.00 9.51  ? 288 HOH A O   1 
HETATM 1468 O O   . HOH D 4 .   ? -8.917  14.984  -0.492  0.68 24.68 ? 289 HOH A O   1 
HETATM 1469 O O   . HOH D 4 .   ? -0.032  13.364  -6.140  0.81 26.47 ? 290 HOH A O   1 
HETATM 1470 O O   . HOH D 4 .   ? -4.714  11.264  -8.734  0.68 9.31  ? 291 HOH A O   1 
HETATM 1471 O O   . HOH D 4 .   ? -8.653  -10.607 -16.818 1.00 34.62 ? 292 HOH A O   1 
HETATM 1472 O O   . HOH D 4 .   ? -14.176 -9.203  -10.600 0.66 31.03 ? 293 HOH A O   1 
HETATM 1473 O O   . HOH D 4 .   ? -14.534 4.862   7.030   0.95 14.07 ? 294 HOH A O   1 
HETATM 1474 O O   . HOH D 4 .   ? 17.136  -6.399  -5.840  0.62 17.02 ? 295 HOH A O   1 
HETATM 1475 O O   . HOH D 4 .   ? -11.034 4.779   14.059  0.78 17.90 ? 296 HOH A O   1 
HETATM 1476 O O   . HOH D 4 .   ? 8.038   -4.817  -7.894  0.68 41.71 ? 297 HOH A O   1 
HETATM 1477 O O   . HOH D 4 .   ? -19.734 -7.853  -3.548  0.92 37.13 ? 298 HOH A O   1 
HETATM 1478 O O   . HOH D 4 .   ? 19.478  -3.707  -7.637  0.92 19.73 ? 299 HOH A O   1 
HETATM 1479 O O   . HOH D 4 .   ? -11.939 -3.388  4.386   0.53 9.06  ? 300 HOH A O   1 
HETATM 1480 O O   . HOH D 4 .   ? 2.271   -5.030  -20.972 0.96 26.19 ? 301 HOH A O   1 
HETATM 1481 O O   . HOH D 4 .   ? -9.509  8.598   -13.224 0.87 36.52 ? 302 HOH A O   1 
HETATM 1482 O O   . HOH D 4 .   ? -21.501 -5.950  4.064   0.47 11.34 ? 303 HOH A O   1 
HETATM 1483 O O   . HOH D 4 .   ? 15.086  4.484   -10.132 0.65 28.02 ? 304 HOH A O   1 
HETATM 1484 O O   . HOH D 4 .   ? 13.752  7.504   -5.441  0.93 27.71 ? 305 HOH A O   1 
HETATM 1485 O O   . HOH D 4 .   ? -9.579  12.216  -8.240  0.68 24.01 ? 306 HOH A O   1 
HETATM 1486 O O   . HOH D 4 .   ? 7.729   -18.986 -9.828  0.46 14.37 ? 307 HOH A O   1 
HETATM 1487 O O   . HOH D 4 .   ? -0.683  1.877   -16.494 0.80 25.53 ? 308 HOH A O   1 
HETATM 1488 O O   . HOH D 4 .   ? 14.907  -6.942  -3.189  0.94 35.47 ? 309 HOH A O   1 
HETATM 1489 O O   . HOH D 4 .   ? -19.260 -1.936  -14.185 0.63 36.73 ? 310 HOH A O   1 
HETATM 1490 O O   . HOH D 4 .   ? 6.204   -16.602 2.929   0.95 28.33 ? 311 HOH A O   1 
HETATM 1491 O O   . HOH D 4 .   ? 6.268   -11.015 13.500  0.45 37.65 ? 312 HOH A O   1 
HETATM 1492 O O   . HOH D 4 .   ? -1.337  -0.021  15.832  0.90 14.76 ? 313 HOH A O   1 
HETATM 1493 O O   . HOH D 4 .   ? -5.015  -2.821  -22.347 1.00 42.89 ? 314 HOH A O   1 
HETATM 1494 O O   . HOH D 4 .   ? 15.160  4.171   16.169  0.99 27.03 ? 315 HOH A O   1 
HETATM 1495 O O   . HOH D 4 .   ? 9.976   18.581  5.644   0.99 29.77 ? 316 HOH A O   1 
HETATM 1496 O O   . HOH D 4 .   ? -16.625 -11.708 0.914   0.50 18.57 ? 317 HOH A O   1 
HETATM 1497 O O   . HOH D 4 .   ? -5.690  -16.249 -8.638  1.00 33.10 ? 318 HOH A O   1 
HETATM 1498 O O   . HOH D 4 .   ? 5.036   10.030  -6.292  0.83 30.92 ? 319 HOH A O   1 
HETATM 1499 O O   . HOH D 4 .   ? 1.352   9.390   -6.066  0.55 13.69 ? 320 HOH A O   1 
HETATM 1500 O O   . HOH D 4 .   ? -9.353  14.530  5.217   0.81 31.60 ? 321 HOH A O   1 
HETATM 1501 O O   . HOH D 4 .   ? 7.574   -18.946 1.009   0.59 36.61 ? 322 HOH A O   1 
HETATM 1502 O O   . HOH D 4 .   ? -2.932  -12.033 8.286   0.69 10.94 ? 323 HOH A O   1 
HETATM 1503 O O   . HOH D 4 .   ? -8.104  20.463  -1.487  0.74 28.02 ? 324 HOH A O   1 
HETATM 1504 O O   . HOH D 4 .   ? 17.854  -7.230  0.521   0.66 32.83 ? 325 HOH A O   1 
HETATM 1505 O O   . HOH D 4 .   ? 0.303   9.401   -9.139  0.58 14.36 ? 326 HOH A O   1 
HETATM 1506 O O   . HOH D 4 .   ? -10.398 -11.006 5.765   0.90 22.98 ? 327 HOH A O   1 
HETATM 1507 O O   . HOH D 4 .   ? 1.781   14.198  -2.772  0.72 29.91 ? 328 HOH A O   1 
HETATM 1508 O O   . HOH D 4 .   ? -7.248  10.351  -9.996  1.00 40.65 ? 329 HOH A O   1 
HETATM 1509 O O   . HOH D 4 .   ? 19.196  7.526   11.854  1.00 38.91 ? 330 HOH A O   1 
HETATM 1510 O O   . HOH D 4 .   ? 15.255  13.106  1.680   0.93 38.22 ? 331 HOH A O   1 
HETATM 1511 O O   . HOH D 4 .   ? 10.513  -10.295 -3.789  0.66 32.62 ? 332 HOH A O   1 
HETATM 1512 O O   . HOH D 4 .   ? -5.404  18.617  4.753   0.48 8.19  ? 333 HOH A O   1 
HETATM 1513 O O   . HOH D 4 .   ? 8.009   10.298  -4.442  0.89 23.72 ? 334 HOH A O   1 
HETATM 1514 O O   . HOH D 4 .   ? -6.982  -1.743  -18.559 0.86 6.94  ? 335 HOH A O   1 
HETATM 1515 O O   . HOH D 4 .   ? -9.574  -10.133 3.502   0.97 11.75 ? 336 HOH A O   1 
HETATM 1516 O O   . HOH D 4 .   ? -20.623 -5.252  -3.299  0.72 40.52 ? 337 HOH A O   1 
HETATM 1517 O O   . HOH D 4 .   ? 16.341  5.189   -7.601  0.60 10.67 ? 338 HOH A O   1 
HETATM 1518 O O   . HOH D 4 .   ? -7.348  -3.978  8.446   1.00 8.79  ? 339 HOH A O   1 
HETATM 1519 O O   . HOH D 4 .   ? -12.409 0.168   15.003  0.64 40.76 ? 340 HOH A O   1 
HETATM 1520 O O   . HOH D 4 .   ? 14.361  -3.971  -6.578  0.79 32.16 ? 341 HOH A O   1 
HETATM 1521 O O   . HOH D 4 .   ? 13.006  -7.800  -4.994  0.61 31.31 ? 342 HOH A O   1 
HETATM 1522 O O   . HOH D 4 .   ? 0.374   7.836   5.924   0.87 5.05  ? 343 HOH A O   1 
HETATM 1523 O O   . HOH D 4 .   ? 6.382   -2.383  -9.071  0.79 28.38 ? 344 HOH A O   1 
HETATM 1524 O O   . HOH D 4 .   ? 2.519   6.901   16.049  1.00 45.44 ? 345 HOH A O   1 
HETATM 1525 O O   . HOH D 4 .   ? 12.381  15.400  5.797   0.46 16.09 ? 346 HOH A O   1 
HETATM 1526 O O   . HOH D 4 .   ? 1.883   11.847  -5.300  0.82 26.76 ? 347 HOH A O   1 
HETATM 1527 O O   . HOH D 4 .   ? 5.246   -1.361  -17.733 0.89 20.04 ? 348 HOH A O   1 
HETATM 1528 O O   . HOH D 4 .   ? -0.181  14.577  13.353  0.48 34.25 ? 349 HOH A O   1 
HETATM 1529 O O   . HOH D 4 .   ? -12.575 11.058  -5.625  0.65 36.83 ? 350 HOH A O   1 
HETATM 1530 O O   . HOH D 4 .   ? -14.486 6.181   0.922   0.52 31.34 ? 351 HOH A O   1 
HETATM 1531 O O   . HOH D 4 .   ? 1.892   -13.775 -11.200 0.97 18.59 ? 352 HOH A O   1 
HETATM 1532 O O   . HOH D 4 .   ? -17.815 -7.615  5.775   0.92 17.79 ? 353 HOH A O   1 
HETATM 1533 O O   . HOH D 4 .   ? 11.796  0.093   16.921  0.90 20.79 ? 354 HOH A O   1 
HETATM 1534 O O   . HOH D 4 .   ? -14.060 -6.450  -7.562  0.73 18.00 ? 355 HOH A O   1 
HETATM 1535 O O   . HOH D 4 .   ? 16.350  2.537   -4.327  0.87 7.95  ? 356 HOH A O   1 
HETATM 1536 O O   . HOH D 4 .   ? 2.443   -7.189  -14.928 0.83 20.89 ? 357 HOH A O   1 
HETATM 1537 O O   . HOH D 4 .   ? -3.926  -13.020 5.907   0.34 10.66 ? 358 HOH A O   1 
HETATM 1538 O O   . HOH D 4 .   ? 17.055  11.414  2.999   0.70 28.20 ? 359 HOH A O   1 
HETATM 1539 O O   . HOH D 4 .   ? -11.111 7.670   14.001  0.97 33.61 ? 360 HOH A O   1 
HETATM 1540 O O   . HOH D 4 .   ? -8.119  -1.484  8.558   0.96 11.08 ? 361 HOH A O   1 
HETATM 1541 O O   . HOH D 4 .   ? -16.346 6.422   4.441   0.82 34.85 ? 362 HOH A O   1 
HETATM 1542 O O   . HOH D 4 .   ? -9.549  -3.415  5.381   0.92 35.78 ? 363 HOH A O   1 
HETATM 1543 O O   . HOH D 4 .   ? 10.666  -9.045  12.420  0.50 19.54 ? 364 HOH A O   1 
HETATM 1544 O O   . HOH D 4 .   ? 12.034  7.154   -7.894  0.78 39.59 ? 365 HOH A O   1 
HETATM 1545 O O   . HOH D 4 .   ? 5.400   14.459  11.687  0.60 33.79 ? 366 HOH A O   1 
HETATM 1546 O O   . HOH D 4 .   ? -3.810  16.753  11.051  0.63 28.41 ? 367 HOH A O   1 
HETATM 1547 O O   . HOH D 4 .   ? -14.863 -2.768  11.775  0.40 26.47 ? 368 HOH A O   1 
HETATM 1548 O O   . HOH D 4 .   ? -7.528  -2.542  -21.322 0.91 31.78 ? 369 HOH A O   1 
HETATM 1549 O O   . HOH D 4 .   ? 9.387   -13.465 6.005   0.40 6.74  ? 370 HOH A O   1 
HETATM 1550 O O   . HOH D 4 .   ? 7.620   13.578  -0.670  0.75 21.71 ? 371 HOH A O   1 
HETATM 1551 O O   . HOH D 4 .   ? 9.710   -15.660 -0.530  0.56 33.51 ? 372 HOH A O   1 
HETATM 1552 O O   . HOH D 4 .   ? 8.242   12.735  -3.189  0.69 30.74 ? 373 HOH A O   1 
HETATM 1553 O O   . HOH D 4 .   ? 13.136  -8.991  9.386   0.56 14.98 ? 374 HOH A O   1 
HETATM 1554 O O   . HOH D 4 .   ? -22.304 -5.944  -0.862  0.67 43.71 ? 375 HOH A O   1 
HETATM 1555 O O   . HOH D 4 .   ? -10.587 12.777  -5.771  0.75 39.79 ? 376 HOH A O   1 
HETATM 1556 O O   . HOH D 4 .   ? 22.476  5.849   -6.165  0.64 38.02 ? 377 HOH A O   1 
HETATM 1557 O O   . HOH D 4 .   ? -9.016  -11.968 -14.092 0.53 33.52 ? 378 HOH A O   1 
HETATM 1558 O O   . HOH D 4 .   ? 8.631   -4.174  17.490  0.56 40.43 ? 379 HOH A O   1 
HETATM 1559 O O   . HOH D 4 .   ? 3.579   1.386   -14.975 0.42 20.00 ? 380 HOH A O   1 
HETATM 1560 O O   . HOH D 4 .   ? -0.233  7.263   8.563   0.90 5.03  ? 381 HOH A O   1 
HETATM 1561 O O   . HOH D 4 .   ? -22.487 -0.407  1.520   0.56 32.67 ? 382 HOH A O   1 
HETATM 1562 O O   . HOH D 4 .   ? 7.474   -8.071  -9.207  0.64 20.71 ? 383 HOH A O   1 
HETATM 1563 O O   . HOH D 4 .   ? 5.119   -6.447  -10.081 1.00 26.07 ? 384 HOH A O   1 
HETATM 1564 O O   . HOH D 4 .   ? 2.738   -6.560  -12.501 1.00 31.34 ? 385 HOH A O   1 
# 
